data_7E8N
#
_entry.id   7E8N
#
_cell.length_a   134.339
_cell.length_b   166.168
_cell.length_c   135.335
_cell.angle_alpha   90.000
_cell.angle_beta   90.000
_cell.angle_gamma   90.000
#
_symmetry.space_group_name_H-M   'C 2 2 21'
#
loop_
_entity.id
_entity.type
_entity.pdbx_description
1 polymer 'Citrate synthase'
2 non-polymer 'CITRIC ACID'
3 water water
#
_entity_poly.entity_id   1
_entity_poly.type   'polypeptide(L)'
_entity_poly.pdbx_seq_one_letter_code
;GSHMAETAELNLPGGQSISLPIFEGTEQEKAFDIGKLRDATGYVTLDSGYKNTGACKSAITFLDGEEGILRYRGYPIEQL
AENSSFLEVAYLLIYGHLPTEAELKDFSGHITKHTLVHEDIRKIFDGFPSSTHPMAILSSLTCALTGFYPESISPNQTPE
AIDLTIVRLMAKMSTIAAWTYKNSVGHPLNYPRNDLDYCANFLYMMFSFPTEKYEINPVIVSALNKLLILHADHEQNCST
STVRLVGSANASLYGSVSAGINALWGPLHGGANQEVIEMLEAIEKDGGDTSKFIAQAKDKNSGFRLMGFGHRVYKNFDPR
AKIIKVAADEVLQALGMQNSPLLKIATELEQAALTDQYFIDRKLYPNVDFYSGIIYKALGIPTEMFTVMFALGRLPGWIA
QWKEMRENKEPIGRPRQIYVGETERNYVPMTERK
;
_entity_poly.pdbx_strand_id   A,B,C
#
# COMPACT_ATOMS: atom_id res chain seq x y z
N GLU A 6 -44.95 3.97 26.54
CA GLU A 6 -46.09 4.56 25.74
C GLU A 6 -45.86 4.28 24.24
N THR A 7 -46.94 4.13 23.46
CA THR A 7 -46.89 3.57 22.08
C THR A 7 -47.73 4.38 21.09
N ALA A 8 -47.35 4.32 19.81
CA ALA A 8 -48.21 4.54 18.63
C ALA A 8 -48.66 3.17 18.15
N GLU A 9 -49.81 3.12 17.46
CA GLU A 9 -50.43 1.84 17.05
C GLU A 9 -50.57 1.91 15.53
N LEU A 10 -50.05 0.89 14.84
CA LEU A 10 -49.99 0.81 13.35
C LEU A 10 -50.85 -0.37 12.87
N ASN A 11 -51.91 -0.08 12.10
CA ASN A 11 -52.86 -1.07 11.54
C ASN A 11 -52.53 -1.31 10.07
N LEU A 12 -52.21 -2.55 9.74
CA LEU A 12 -51.79 -2.96 8.38
C LEU A 12 -52.93 -3.77 7.79
N PRO A 13 -53.00 -3.93 6.45
CA PRO A 13 -53.99 -4.78 5.82
C PRO A 13 -53.84 -6.25 6.30
N GLY A 14 -54.95 -7.00 6.29
CA GLY A 14 -55.15 -8.17 7.17
C GLY A 14 -55.43 -7.73 8.60
N GLY A 15 -55.47 -8.66 9.55
CA GLY A 15 -55.71 -8.34 10.98
C GLY A 15 -54.53 -7.60 11.60
N GLN A 16 -53.39 -7.55 10.88
CA GLN A 16 -52.06 -7.23 11.46
C GLN A 16 -52.05 -5.79 12.01
N SER A 17 -51.52 -5.66 13.22
CA SER A 17 -51.47 -4.44 14.07
C SER A 17 -50.25 -4.54 14.99
N ILE A 18 -49.46 -3.47 15.10
CA ILE A 18 -48.20 -3.46 15.89
C ILE A 18 -48.11 -2.16 16.70
N SER A 19 -47.68 -2.27 17.97
CA SER A 19 -47.42 -1.15 18.91
C SER A 19 -45.95 -0.69 18.84
N LEU A 20 -45.70 0.47 18.19
CA LEU A 20 -44.38 1.11 17.99
C LEU A 20 -44.14 2.09 19.12
N PRO A 21 -43.21 1.81 20.07
CA PRO A 21 -42.98 2.71 21.21
C PRO A 21 -42.60 4.14 20.80
N ILE A 22 -42.97 5.09 21.64
CA ILE A 22 -42.72 6.54 21.42
C ILE A 22 -41.41 6.87 22.14
N PHE A 23 -40.58 7.71 21.52
CA PHE A 23 -39.39 8.26 22.19
C PHE A 23 -39.41 9.76 21.95
N GLU A 24 -39.20 10.54 23.01
CA GLU A 24 -39.20 12.02 22.99
C GLU A 24 -37.85 12.47 23.56
N GLY A 25 -37.11 13.32 22.85
CA GLY A 25 -35.78 13.76 23.31
C GLY A 25 -35.89 14.92 24.25
N THR A 26 -34.78 15.56 24.59
CA THR A 26 -34.70 16.62 25.63
C THR A 26 -35.14 17.99 25.08
N GLU A 27 -35.39 18.08 23.77
CA GLU A 27 -35.95 19.29 23.09
C GLU A 27 -37.26 18.91 22.41
N GLN A 28 -37.95 17.89 22.96
CA GLN A 28 -39.33 17.52 22.61
C GLN A 28 -39.44 17.09 21.13
N GLU A 29 -38.31 16.68 20.51
CA GLU A 29 -38.37 15.99 19.20
C GLU A 29 -38.93 14.60 19.50
N LYS A 30 -39.84 14.13 18.66
CA LYS A 30 -40.59 12.88 18.93
C LYS A 30 -40.40 11.93 17.75
N ALA A 31 -40.25 10.65 18.06
CA ALA A 31 -40.16 9.58 17.07
C ALA A 31 -40.96 8.40 17.61
N PHE A 32 -41.37 7.48 16.75
CA PHE A 32 -41.70 6.10 17.19
C PHE A 32 -40.64 5.12 16.66
N ASP A 33 -40.34 4.14 17.52
CA ASP A 33 -39.30 3.09 17.34
C ASP A 33 -39.83 2.00 16.42
N ILE A 34 -39.30 1.92 15.20
CA ILE A 34 -39.66 0.83 14.25
C ILE A 34 -38.64 -0.30 14.39
N GLY A 35 -37.90 -0.36 15.49
CA GLY A 35 -36.84 -1.37 15.71
C GLY A 35 -37.25 -2.77 15.29
N LYS A 36 -38.44 -3.22 15.71
CA LYS A 36 -38.92 -4.63 15.57
C LYS A 36 -39.88 -4.78 14.39
N LEU A 37 -40.06 -3.74 13.57
CA LEU A 37 -41.10 -3.69 12.52
C LEU A 37 -41.01 -4.91 11.58
N ARG A 38 -39.86 -5.09 10.94
CA ARG A 38 -39.67 -6.05 9.82
C ARG A 38 -39.78 -7.50 10.30
N ASP A 39 -39.31 -7.80 11.53
CA ASP A 39 -39.34 -9.15 12.14
C ASP A 39 -40.78 -9.53 12.52
N ALA A 40 -41.58 -8.55 12.95
CA ALA A 40 -42.96 -8.79 13.43
C ALA A 40 -43.95 -8.81 12.26
N THR A 41 -43.67 -8.12 11.16
CA THR A 41 -44.69 -7.82 10.11
C THR A 41 -44.20 -8.14 8.70
N GLY A 42 -42.88 -8.18 8.46
CA GLY A 42 -42.31 -8.31 7.09
C GLY A 42 -42.36 -7.00 6.32
N TYR A 43 -42.91 -5.93 6.89
CA TYR A 43 -42.95 -4.58 6.28
C TYR A 43 -41.70 -3.82 6.69
N VAL A 44 -41.25 -2.91 5.84
CA VAL A 44 -40.25 -1.85 6.20
C VAL A 44 -40.96 -0.51 6.00
N THR A 45 -40.31 0.61 6.34
CA THR A 45 -40.70 1.94 5.82
C THR A 45 -40.09 2.07 4.42
N LEU A 46 -40.62 2.97 3.60
CA LEU A 46 -40.04 3.47 2.35
C LEU A 46 -39.86 4.99 2.52
N ASP A 47 -38.63 5.51 2.37
CA ASP A 47 -38.32 6.92 2.72
C ASP A 47 -37.10 7.42 1.95
N SER A 48 -37.35 8.00 0.77
CA SER A 48 -36.31 8.54 -0.14
C SER A 48 -35.57 9.74 0.51
N GLY A 49 -34.26 9.59 0.69
CA GLY A 49 -33.34 10.59 1.26
C GLY A 49 -33.47 10.69 2.77
N TYR A 50 -34.23 9.79 3.40
CA TYR A 50 -34.44 9.74 4.87
C TYR A 50 -35.06 11.05 5.39
N LYS A 51 -35.92 11.72 4.61
CA LYS A 51 -36.61 12.98 5.00
C LYS A 51 -37.46 12.77 6.26
N ASN A 52 -37.75 11.51 6.62
CA ASN A 52 -38.73 11.17 7.69
C ASN A 52 -38.16 10.16 8.67
N THR A 53 -36.88 9.82 8.57
CA THR A 53 -36.23 8.75 9.39
C THR A 53 -35.20 9.36 10.33
N GLY A 54 -35.31 9.01 11.60
CA GLY A 54 -34.35 9.30 12.67
C GLY A 54 -33.28 8.23 12.70
N ALA A 55 -32.08 8.58 12.22
CA ALA A 55 -30.91 7.68 12.08
C ALA A 55 -30.42 7.25 13.45
N CYS A 56 -30.55 8.11 14.47
CA CYS A 56 -29.93 7.87 15.80
C CYS A 56 -30.45 8.88 16.83
N LYS A 57 -30.17 8.59 18.10
CA LYS A 57 -30.15 9.55 19.22
C LYS A 57 -28.73 10.13 19.29
N SER A 58 -28.60 11.43 19.57
CA SER A 58 -27.29 12.10 19.72
C SER A 58 -27.42 13.21 20.74
N ALA A 59 -26.41 13.39 21.57
CA ALA A 59 -26.32 14.49 22.54
C ALA A 59 -25.37 15.57 22.03
N ILE A 60 -24.86 15.47 20.78
CA ILE A 60 -23.80 16.39 20.30
C ILE A 60 -24.39 17.77 19.98
N THR A 61 -25.36 17.83 19.07
CA THR A 61 -25.86 19.06 18.44
C THR A 61 -27.38 19.02 18.34
N PHE A 62 -28.04 20.08 18.84
CA PHE A 62 -29.49 20.32 18.64
C PHE A 62 -29.68 21.31 17.51
N LEU A 63 -30.52 20.92 16.55
CA LEU A 63 -30.85 21.68 15.33
C LEU A 63 -32.38 21.78 15.24
N ASP A 64 -32.92 22.98 15.39
CA ASP A 64 -34.37 23.22 15.14
C ASP A 64 -34.45 23.94 13.80
N GLY A 65 -34.75 23.19 12.73
CA GLY A 65 -34.88 23.68 11.34
C GLY A 65 -36.06 24.64 11.17
N GLU A 66 -37.15 24.48 11.93
CA GLU A 66 -38.37 25.32 11.80
C GLU A 66 -38.08 26.74 12.32
N GLU A 67 -37.37 26.88 13.45
CA GLU A 67 -37.08 28.18 14.08
C GLU A 67 -35.68 28.69 13.77
N GLY A 68 -34.78 27.85 13.22
CA GLY A 68 -33.42 28.29 12.90
C GLY A 68 -32.55 28.36 14.15
N ILE A 69 -32.68 27.36 15.02
CA ILE A 69 -31.90 27.23 16.28
C ILE A 69 -30.83 26.15 16.12
N LEU A 70 -29.59 26.50 16.43
CA LEU A 70 -28.40 25.61 16.47
C LEU A 70 -27.66 25.77 17.80
N ARG A 71 -27.52 24.66 18.53
CA ARG A 71 -26.68 24.58 19.74
C ARG A 71 -25.70 23.40 19.62
N TYR A 72 -24.49 23.60 20.12
CA TYR A 72 -23.48 22.54 20.34
C TYR A 72 -23.49 22.22 21.83
N ARG A 73 -23.97 21.02 22.18
CA ARG A 73 -24.02 20.52 23.57
C ARG A 73 -24.78 21.50 24.44
N GLY A 74 -25.85 22.12 23.89
CA GLY A 74 -26.73 23.10 24.57
C GLY A 74 -26.17 24.53 24.57
N TYR A 75 -24.95 24.77 24.07
CA TYR A 75 -24.39 26.14 24.00
C TYR A 75 -24.83 26.82 22.70
N PRO A 76 -25.54 27.97 22.76
CA PRO A 76 -25.97 28.64 21.55
C PRO A 76 -24.79 28.86 20.59
N ILE A 77 -25.01 28.67 19.28
CA ILE A 77 -23.94 28.88 18.25
C ILE A 77 -23.43 30.32 18.26
N GLU A 78 -24.33 31.28 18.47
CA GLU A 78 -23.98 32.74 18.40
C GLU A 78 -22.92 33.04 19.46
N GLN A 79 -23.09 32.49 20.66
CA GLN A 79 -22.18 32.72 21.82
C GLN A 79 -20.84 32.01 21.60
N LEU A 80 -20.84 30.75 21.12
CA LEU A 80 -19.57 30.05 20.82
C LEU A 80 -18.85 30.78 19.69
N ALA A 81 -19.55 31.15 18.64
CA ALA A 81 -18.92 31.79 17.47
C ALA A 81 -18.31 33.13 17.88
N GLU A 82 -19.01 33.91 18.72
CA GLU A 82 -18.52 35.24 19.21
C GLU A 82 -17.30 35.03 20.12
N ASN A 83 -17.34 34.07 21.06
CA ASN A 83 -16.47 34.11 22.27
C ASN A 83 -15.54 32.90 22.39
N SER A 84 -15.83 31.75 21.77
CA SER A 84 -15.03 30.52 21.92
C SER A 84 -13.90 30.50 20.88
N SER A 85 -13.14 29.42 20.78
CA SER A 85 -12.14 29.19 19.70
C SER A 85 -12.38 27.80 19.07
N PHE A 86 -11.76 27.54 17.92
CA PHE A 86 -11.99 26.27 17.18
C PHE A 86 -11.73 25.05 18.08
N LEU A 87 -10.54 24.93 18.66
CA LEU A 87 -10.13 23.70 19.43
C LEU A 87 -10.97 23.55 20.70
N GLU A 88 -11.45 24.64 21.29
CA GLU A 88 -12.34 24.61 22.48
C GLU A 88 -13.67 24.00 22.06
N VAL A 89 -14.20 24.46 20.94
CA VAL A 89 -15.43 23.91 20.33
C VAL A 89 -15.18 22.45 19.90
N ALA A 90 -14.00 22.14 19.33
CA ALA A 90 -13.68 20.74 18.95
C ALA A 90 -13.72 19.86 20.20
N TYR A 91 -13.11 20.31 21.27
CA TYR A 91 -13.12 19.60 22.57
C TYR A 91 -14.55 19.40 23.05
N LEU A 92 -15.34 20.48 23.08
CA LEU A 92 -16.73 20.41 23.56
C LEU A 92 -17.52 19.43 22.72
N LEU A 93 -17.41 19.52 21.39
CA LEU A 93 -18.17 18.58 20.53
C LEU A 93 -17.76 17.14 20.86
N ILE A 94 -16.46 16.85 20.86
CA ILE A 94 -15.94 15.47 20.94
C ILE A 94 -16.20 14.91 22.35
N TYR A 95 -15.80 15.64 23.39
CA TYR A 95 -15.72 15.12 24.79
C TYR A 95 -16.96 15.47 25.63
N GLY A 96 -17.72 16.49 25.27
CA GLY A 96 -19.09 16.70 25.77
C GLY A 96 -19.17 17.76 26.83
N HIS A 97 -18.09 18.50 27.12
CA HIS A 97 -18.11 19.63 28.08
C HIS A 97 -17.10 20.71 27.68
N LEU A 98 -17.30 21.93 28.16
CA LEU A 98 -16.28 22.98 27.99
C LEU A 98 -15.04 22.51 28.73
N PRO A 99 -13.85 22.54 28.10
CA PRO A 99 -12.64 22.07 28.78
C PRO A 99 -12.29 23.03 29.91
N THR A 100 -11.75 22.51 31.02
CA THR A 100 -10.97 23.31 32.01
C THR A 100 -9.70 23.85 31.33
N GLU A 101 -9.02 24.76 32.00
CA GLU A 101 -7.83 25.47 31.47
C GLU A 101 -6.77 24.40 31.13
N ALA A 102 -6.77 23.34 31.93
CA ALA A 102 -5.77 22.27 31.88
C ALA A 102 -6.10 21.31 30.73
N GLU A 103 -7.37 20.95 30.60
CA GLU A 103 -7.83 20.04 29.52
C GLU A 103 -7.52 20.70 28.17
N LEU A 104 -7.77 22.00 28.00
CA LEU A 104 -7.64 22.66 26.68
C LEU A 104 -6.15 22.79 26.36
N LYS A 105 -5.31 23.06 27.36
CA LYS A 105 -3.84 23.16 27.17
C LYS A 105 -3.30 21.77 26.77
N ASP A 106 -3.76 20.74 27.47
CA ASP A 106 -3.41 19.33 27.16
C ASP A 106 -3.80 19.03 25.71
N PHE A 107 -5.03 19.35 25.31
CA PHE A 107 -5.61 18.93 24.00
C PHE A 107 -4.87 19.65 22.88
N SER A 108 -4.69 20.96 23.02
CA SER A 108 -4.01 21.77 21.97
C SER A 108 -2.53 21.41 21.93
N GLY A 109 -1.92 21.07 23.08
CA GLY A 109 -0.51 20.62 23.19
C GLY A 109 -0.28 19.29 22.48
N HIS A 110 -1.14 18.29 22.67
CA HIS A 110 -1.05 16.99 21.94
C HIS A 110 -1.22 17.27 20.45
N ILE A 111 -2.19 18.10 20.10
CA ILE A 111 -2.47 18.42 18.67
C ILE A 111 -1.23 19.05 18.05
N THR A 112 -0.62 20.04 18.69
CA THR A 112 0.63 20.67 18.21
C THR A 112 1.73 19.62 17.92
N LYS A 113 1.94 18.63 18.78
CA LYS A 113 3.05 17.65 18.57
C LYS A 113 2.84 16.88 17.24
N HIS A 114 1.60 16.41 17.03
CA HIS A 114 1.22 15.44 15.96
C HIS A 114 1.01 16.14 14.61
N THR A 115 1.30 17.43 14.48
CA THR A 115 1.05 18.19 13.24
C THR A 115 2.06 17.78 12.16
N LEU A 116 3.21 17.22 12.56
CA LEU A 116 4.26 16.74 11.64
C LEU A 116 3.73 15.49 10.93
N VAL A 117 3.75 15.50 9.60
CA VAL A 117 3.26 14.38 8.76
C VAL A 117 4.49 13.57 8.30
N HIS A 118 4.40 12.24 8.47
CA HIS A 118 5.45 11.26 8.04
C HIS A 118 6.03 11.64 6.66
N GLU A 119 7.34 11.51 6.49
CA GLU A 119 8.05 11.77 5.19
C GLU A 119 7.49 10.88 4.06
N ASP A 120 7.00 9.66 4.30
CA ASP A 120 6.44 8.82 3.20
C ASP A 120 5.09 9.33 2.71
N ILE A 121 4.31 9.98 3.56
CA ILE A 121 3.06 10.65 3.13
C ILE A 121 3.43 11.88 2.29
N ARG A 122 4.47 12.61 2.68
CA ARG A 122 4.97 13.76 1.85
C ARG A 122 5.36 13.26 0.46
N LYS A 123 6.01 12.10 0.35
CA LYS A 123 6.46 11.54 -0.95
C LYS A 123 5.25 11.04 -1.77
N ILE A 124 4.24 10.47 -1.12
CA ILE A 124 2.96 10.16 -1.83
C ILE A 124 2.37 11.48 -2.36
N PHE A 125 2.36 12.52 -1.54
CA PHE A 125 1.88 13.86 -1.99
C PHE A 125 2.68 14.37 -3.18
N ASP A 126 3.99 14.08 -3.20
CA ASP A 126 4.89 14.49 -4.31
C ASP A 126 4.32 14.07 -5.65
N GLY A 127 3.55 12.98 -5.70
CA GLY A 127 3.09 12.43 -6.98
C GLY A 127 1.94 13.21 -7.62
N PHE A 128 1.16 13.95 -6.84
CA PHE A 128 -0.01 14.73 -7.35
C PHE A 128 0.45 15.93 -8.15
N PRO A 129 0.02 16.10 -9.42
CA PRO A 129 0.31 17.33 -10.13
C PRO A 129 -0.34 18.57 -9.48
N SER A 130 0.26 19.74 -9.75
CA SER A 130 -0.12 21.06 -9.21
C SER A 130 -1.53 21.39 -9.67
N SER A 131 -1.94 20.81 -10.79
CA SER A 131 -3.28 21.01 -11.39
C SER A 131 -4.36 20.27 -10.59
N THR A 132 -4.01 19.37 -9.66
CA THR A 132 -5.03 18.53 -8.97
C THR A 132 -5.90 19.37 -8.01
N HIS A 133 -7.23 19.24 -8.10
CA HIS A 133 -8.16 19.83 -7.12
C HIS A 133 -7.75 19.45 -5.70
N PRO A 134 -7.58 20.43 -4.79
CA PRO A 134 -7.18 20.15 -3.42
C PRO A 134 -7.96 19.04 -2.74
N MET A 135 -9.25 18.87 -3.06
CA MET A 135 -10.07 17.87 -2.31
C MET A 135 -9.67 16.43 -2.70
N ALA A 136 -9.27 16.18 -3.94
CA ALA A 136 -8.68 14.88 -4.38
C ALA A 136 -7.48 14.57 -3.47
N ILE A 137 -6.57 15.55 -3.30
CA ILE A 137 -5.37 15.37 -2.44
C ILE A 137 -5.84 15.15 -1.01
N LEU A 138 -6.72 15.98 -0.48
CA LEU A 138 -7.12 15.85 0.94
C LEU A 138 -7.73 14.47 1.22
N SER A 139 -8.68 14.06 0.39
CA SER A 139 -9.38 12.75 0.55
C SER A 139 -8.38 11.59 0.39
N SER A 140 -7.53 11.64 -0.62
CA SER A 140 -6.57 10.54 -0.93
C SER A 140 -5.54 10.38 0.20
N LEU A 141 -4.93 11.46 0.73
CA LEU A 141 -3.96 11.36 1.85
C LEU A 141 -4.63 10.98 3.17
N THR A 142 -5.82 11.49 3.49
CA THR A 142 -6.56 11.10 4.74
C THR A 142 -6.76 9.59 4.69
N CYS A 143 -7.16 9.11 3.53
CA CYS A 143 -7.29 7.67 3.21
C CYS A 143 -5.99 6.91 3.51
N ALA A 144 -4.84 7.46 3.10
CA ALA A 144 -3.53 6.79 3.28
C ALA A 144 -3.25 6.56 4.76
N LEU A 145 -3.83 7.39 5.64
CA LEU A 145 -3.40 7.41 7.07
C LEU A 145 -3.67 6.05 7.71
N THR A 146 -4.76 5.37 7.34
CA THR A 146 -5.01 4.01 7.91
C THR A 146 -3.83 3.10 7.59
N GLY A 147 -3.20 3.27 6.41
CA GLY A 147 -2.00 2.52 6.01
C GLY A 147 -0.80 2.78 6.93
N PHE A 148 -0.63 4.00 7.41
CA PHE A 148 0.50 4.41 8.30
C PHE A 148 0.17 4.17 9.78
N TYR A 149 -1.10 4.01 10.14
CA TYR A 149 -1.50 3.79 11.56
C TYR A 149 -2.42 2.58 11.59
N PRO A 150 -1.90 1.38 11.23
CA PRO A 150 -2.72 0.17 11.14
C PRO A 150 -3.43 -0.17 12.46
N GLU A 151 -2.89 0.26 13.61
CA GLU A 151 -3.58 0.10 14.94
C GLU A 151 -5.00 0.70 14.92
N SER A 152 -5.25 1.68 14.06
CA SER A 152 -6.53 2.42 14.04
C SER A 152 -7.65 1.54 13.48
N ILE A 153 -7.35 0.41 12.84
CA ILE A 153 -8.39 -0.49 12.29
C ILE A 153 -8.43 -1.80 13.10
N SER A 154 -7.54 -1.95 14.09
CA SER A 154 -7.45 -3.17 14.93
C SER A 154 -8.64 -3.19 15.91
N PRO A 155 -9.23 -4.35 16.22
CA PRO A 155 -10.43 -4.42 17.05
C PRO A 155 -10.03 -4.16 18.52
N ASN A 156 -10.97 -3.69 19.34
CA ASN A 156 -10.72 -3.37 20.77
C ASN A 156 -9.77 -2.17 20.84
N GLN A 157 -10.15 -1.06 20.20
CA GLN A 157 -9.49 0.25 20.41
C GLN A 157 -9.67 0.65 21.88
N THR A 158 -8.57 0.88 22.62
CA THR A 158 -8.62 1.46 23.99
C THR A 158 -9.00 2.94 23.89
N PRO A 159 -9.70 3.51 24.91
CA PRO A 159 -10.02 4.94 24.88
C PRO A 159 -8.76 5.81 24.65
N GLU A 160 -7.62 5.43 25.23
CA GLU A 160 -6.31 6.09 25.01
C GLU A 160 -5.95 6.05 23.53
N ALA A 161 -6.13 4.88 22.89
CA ALA A 161 -5.78 4.63 21.47
C ALA A 161 -6.61 5.57 20.59
N ILE A 162 -7.93 5.52 20.79
CA ILE A 162 -8.95 6.38 20.12
C ILE A 162 -8.55 7.86 20.28
N ASP A 163 -8.23 8.30 21.52
CA ASP A 163 -7.83 9.71 21.83
C ASP A 163 -6.60 10.11 21.03
N LEU A 164 -5.62 9.21 20.88
CA LEU A 164 -4.40 9.49 20.06
C LEU A 164 -4.80 9.55 18.58
N THR A 165 -5.71 8.70 18.10
CA THR A 165 -6.21 8.81 16.71
C THR A 165 -6.80 10.22 16.47
N ILE A 166 -7.59 10.69 17.43
CA ILE A 166 -8.39 11.94 17.30
C ILE A 166 -7.42 13.13 17.22
N VAL A 167 -6.43 13.20 18.11
CA VAL A 167 -5.43 14.30 18.12
C VAL A 167 -4.58 14.17 16.85
N ARG A 168 -4.28 12.95 16.39
CA ARG A 168 -3.45 12.78 15.18
C ARG A 168 -4.18 13.39 13.99
N LEU A 169 -5.47 13.10 13.89
CA LEU A 169 -6.26 13.49 12.70
C LEU A 169 -6.48 15.00 12.75
N MET A 170 -6.89 15.54 13.92
CA MET A 170 -7.10 17.01 14.08
C MET A 170 -5.81 17.71 13.65
N ALA A 171 -4.64 17.18 14.05
CA ALA A 171 -3.34 17.82 13.77
C ALA A 171 -3.03 17.74 12.27
N LYS A 172 -3.11 16.55 11.70
CA LYS A 172 -2.52 16.27 10.36
C LYS A 172 -3.43 16.83 9.27
N MET A 173 -4.73 16.95 9.56
CA MET A 173 -5.69 17.57 8.60
C MET A 173 -5.25 19.01 8.31
N SER A 174 -4.75 19.75 9.32
CA SER A 174 -4.29 21.16 9.17
C SER A 174 -3.05 21.20 8.26
N THR A 175 -2.07 20.34 8.52
CA THR A 175 -0.81 20.28 7.72
C THR A 175 -1.14 19.88 6.28
N ILE A 176 -1.95 18.84 6.13
CA ILE A 176 -2.28 18.33 4.77
C ILE A 176 -3.15 19.33 4.02
N ALA A 177 -4.11 19.98 4.67
CA ALA A 177 -4.92 21.02 4.00
C ALA A 177 -3.97 22.13 3.49
N ALA A 178 -2.96 22.52 4.26
CA ALA A 178 -2.04 23.58 3.75
C ALA A 178 -1.24 23.03 2.57
N TRP A 179 -0.86 21.74 2.57
CA TRP A 179 -0.13 21.11 1.43
C TRP A 179 -0.93 21.24 0.13
N THR A 180 -2.26 21.09 0.18
CA THR A 180 -3.13 21.09 -1.04
C THR A 180 -3.03 22.47 -1.70
N TYR A 181 -3.02 23.53 -0.88
CA TYR A 181 -2.83 24.90 -1.41
C TYR A 181 -1.40 25.02 -1.99
N LYS A 182 -0.37 24.68 -1.22
CA LYS A 182 1.06 24.82 -1.68
C LYS A 182 1.25 24.10 -3.02
N ASN A 183 0.63 22.92 -3.16
CA ASN A 183 0.63 22.12 -4.41
C ASN A 183 0.17 22.95 -5.62
N SER A 184 -0.97 23.65 -5.51
CA SER A 184 -1.58 24.47 -6.57
C SER A 184 -0.68 25.63 -6.98
N VAL A 185 0.06 26.23 -6.06
CA VAL A 185 0.87 27.46 -6.39
C VAL A 185 2.34 27.11 -6.57
N GLY A 186 2.76 25.88 -6.32
CA GLY A 186 4.16 25.49 -6.64
C GLY A 186 5.15 25.95 -5.58
N HIS A 187 4.68 26.20 -4.37
CA HIS A 187 5.54 26.68 -3.26
C HIS A 187 6.04 25.50 -2.45
N PRO A 188 7.23 25.63 -1.81
CA PRO A 188 7.74 24.59 -0.92
C PRO A 188 6.83 24.45 0.29
N LEU A 189 6.71 23.24 0.83
CA LEU A 189 5.90 22.96 2.04
C LEU A 189 6.57 23.61 3.27
N ASN A 190 5.76 24.13 4.18
CA ASN A 190 6.19 24.63 5.49
C ASN A 190 6.05 23.47 6.49
N TYR A 191 7.02 23.34 7.40
CA TYR A 191 6.87 22.46 8.59
C TYR A 191 5.96 23.20 9.56
N PRO A 192 5.08 22.49 10.32
CA PRO A 192 4.31 23.15 11.37
C PRO A 192 5.28 23.92 12.28
N ARG A 193 4.75 24.91 13.02
CA ARG A 193 5.47 25.69 14.06
C ARG A 193 4.81 25.46 15.41
N ASN A 194 5.55 24.89 16.36
CA ASN A 194 5.03 24.52 17.71
C ASN A 194 4.75 25.80 18.57
N ASP A 195 5.17 26.99 18.14
CA ASP A 195 4.93 28.23 18.93
C ASP A 195 3.67 28.98 18.44
N LEU A 196 2.85 28.35 17.59
CA LEU A 196 1.60 28.95 17.06
C LEU A 196 0.41 28.07 17.42
N ASP A 197 -0.70 28.71 17.78
CA ASP A 197 -2.01 28.08 18.05
C ASP A 197 -2.52 27.45 16.74
N TYR A 198 -3.58 26.68 16.81
CA TYR A 198 -4.02 25.80 15.71
C TYR A 198 -4.28 26.62 14.44
N CYS A 199 -5.13 27.63 14.55
CA CYS A 199 -5.55 28.46 13.39
C CYS A 199 -4.35 29.26 12.84
N ALA A 200 -3.52 29.83 13.70
CA ALA A 200 -2.36 30.66 13.27
C ALA A 200 -1.34 29.73 12.60
N ASN A 201 -1.15 28.54 13.18
CA ASN A 201 -0.27 27.53 12.59
C ASN A 201 -0.79 27.19 11.19
N PHE A 202 -2.09 26.93 11.02
CA PHE A 202 -2.65 26.62 9.68
C PHE A 202 -2.37 27.77 8.71
N LEU A 203 -2.72 28.97 9.14
CA LEU A 203 -2.50 30.18 8.31
C LEU A 203 -1.01 30.32 7.96
N TYR A 204 -0.08 30.16 8.89
CA TYR A 204 1.38 30.20 8.57
C TYR A 204 1.73 29.07 7.57
N MET A 205 1.25 27.84 7.77
CA MET A 205 1.61 26.70 6.87
C MET A 205 1.12 26.97 5.46
N MET A 206 -0.04 27.62 5.33
CA MET A 206 -0.65 27.88 4.02
C MET A 206 0.04 29.08 3.33
N PHE A 207 0.19 30.23 3.99
CA PHE A 207 0.46 31.51 3.29
C PHE A 207 1.93 31.94 3.41
N SER A 208 2.68 31.50 4.41
CA SER A 208 4.14 31.81 4.53
C SER A 208 4.90 31.21 3.35
N PHE A 209 5.62 32.02 2.59
CA PHE A 209 6.60 31.56 1.59
C PHE A 209 7.89 32.38 1.73
N PRO A 210 9.06 31.80 1.42
CA PRO A 210 10.35 32.40 1.80
C PRO A 210 10.61 33.85 1.37
N THR A 211 10.04 34.30 0.25
CA THR A 211 10.44 35.58 -0.41
C THR A 211 9.54 36.75 0.01
N GLU A 212 8.62 36.54 0.95
CA GLU A 212 7.69 37.57 1.48
C GLU A 212 7.52 37.35 2.99
N LYS A 213 7.75 38.40 3.79
CA LYS A 213 7.57 38.36 5.26
C LYS A 213 6.11 38.00 5.55
N TYR A 214 5.80 36.85 6.19
CA TYR A 214 4.44 36.55 6.72
C TYR A 214 4.30 37.22 8.08
N GLU A 215 3.31 38.10 8.21
CA GLU A 215 2.84 38.60 9.52
C GLU A 215 1.55 37.86 9.86
N ILE A 216 1.48 37.27 11.05
CA ILE A 216 0.20 36.71 11.56
C ILE A 216 -0.73 37.90 11.86
N ASN A 217 -1.82 38.02 11.11
CA ASN A 217 -2.88 39.05 11.29
C ASN A 217 -3.95 38.54 12.24
N PRO A 218 -4.06 39.10 13.47
CA PRO A 218 -5.03 38.63 14.46
C PRO A 218 -6.47 38.72 13.94
N VAL A 219 -6.74 39.62 12.99
CA VAL A 219 -8.09 39.72 12.34
C VAL A 219 -8.35 38.41 11.56
N ILE A 220 -7.34 37.93 10.85
CA ILE A 220 -7.45 36.73 9.97
C ILE A 220 -7.61 35.51 10.88
N VAL A 221 -6.80 35.43 11.93
CA VAL A 221 -6.81 34.34 12.93
C VAL A 221 -8.18 34.28 13.60
N SER A 222 -8.73 35.41 14.05
CA SER A 222 -10.09 35.52 14.63
C SER A 222 -11.17 35.13 13.60
N ALA A 223 -11.12 35.71 12.41
CA ALA A 223 -12.10 35.40 11.34
C ALA A 223 -12.08 33.88 11.08
N LEU A 224 -10.91 33.25 11.01
CA LEU A 224 -10.82 31.79 10.72
C LEU A 224 -11.43 30.97 11.87
N ASN A 225 -11.06 31.26 13.12
CA ASN A 225 -11.64 30.56 14.29
C ASN A 225 -13.16 30.56 14.20
N LYS A 226 -13.74 31.72 13.88
CA LYS A 226 -15.21 31.88 13.86
C LYS A 226 -15.81 31.00 12.76
N LEU A 227 -15.30 31.12 11.53
CA LEU A 227 -15.81 30.30 10.40
C LEU A 227 -15.66 28.80 10.65
N LEU A 228 -14.52 28.37 11.20
CA LEU A 228 -14.35 26.93 11.51
C LEU A 228 -15.39 26.53 12.56
N ILE A 229 -15.59 27.34 13.60
CA ILE A 229 -16.62 27.02 14.63
C ILE A 229 -17.96 26.85 13.91
N LEU A 230 -18.27 27.71 12.95
CA LEU A 230 -19.63 27.74 12.38
C LEU A 230 -19.83 26.49 11.50
N HIS A 231 -18.74 25.88 11.04
CA HIS A 231 -18.73 24.65 10.21
C HIS A 231 -18.54 23.39 11.07
N ALA A 232 -18.25 23.52 12.36
CA ALA A 232 -17.75 22.44 13.22
C ALA A 232 -18.71 21.23 13.23
N ASP A 233 -20.03 21.40 13.43
CA ASP A 233 -20.98 20.25 13.39
C ASP A 233 -22.35 20.72 12.90
N HIS A 234 -23.10 19.81 12.30
CA HIS A 234 -24.51 20.11 11.92
C HIS A 234 -25.35 18.85 11.97
N GLU A 235 -25.22 18.07 13.02
CA GLU A 235 -26.17 16.96 13.21
C GLU A 235 -25.96 15.96 12.03
N GLN A 236 -27.05 15.34 11.56
CA GLN A 236 -26.99 14.13 10.71
C GLN A 236 -27.08 14.53 9.24
N ASN A 237 -26.21 15.43 8.82
CA ASN A 237 -26.08 15.79 7.39
C ASN A 237 -25.41 14.63 6.64
N CYS A 238 -25.34 14.71 5.31
CA CYS A 238 -24.88 13.60 4.43
C CYS A 238 -23.49 13.10 4.84
N SER A 239 -22.53 14.02 4.96
CA SER A 239 -21.12 13.67 5.19
C SER A 239 -21.03 13.07 6.58
N THR A 240 -21.71 13.64 7.56
CA THR A 240 -21.68 13.07 8.93
C THR A 240 -22.34 11.67 8.88
N SER A 241 -23.40 11.49 8.09
CA SER A 241 -24.16 10.21 8.03
C SER A 241 -23.26 9.13 7.40
N THR A 242 -22.38 9.56 6.47
CA THR A 242 -21.36 8.73 5.78
C THR A 242 -20.35 8.26 6.83
N VAL A 243 -19.81 9.20 7.59
CA VAL A 243 -18.79 8.91 8.63
C VAL A 243 -19.39 7.86 9.59
N ARG A 244 -20.66 7.99 10.01
CA ARG A 244 -21.28 7.04 10.97
C ARG A 244 -21.52 5.67 10.28
N LEU A 245 -21.97 5.68 9.04
CA LEU A 245 -22.26 4.44 8.30
C LEU A 245 -20.96 3.64 8.14
N VAL A 246 -19.94 4.23 7.48
CA VAL A 246 -18.59 3.63 7.31
C VAL A 246 -18.07 3.20 8.69
N GLY A 247 -18.10 4.10 9.66
CA GLY A 247 -17.63 3.80 11.03
C GLY A 247 -18.39 2.65 11.68
N SER A 248 -19.65 2.40 11.33
CA SER A 248 -20.47 1.37 12.00
C SER A 248 -19.92 0.00 11.59
N ALA A 249 -19.24 -0.09 10.47
CA ALA A 249 -18.53 -1.30 10.01
C ALA A 249 -17.21 -1.51 10.78
N ASN A 250 -16.87 -0.61 11.70
CA ASN A 250 -15.65 -0.63 12.55
C ASN A 250 -14.46 -0.18 11.72
N ALA A 251 -14.68 0.57 10.63
CA ALA A 251 -13.58 1.13 9.81
C ALA A 251 -12.78 2.09 10.70
N SER A 252 -11.56 2.41 10.29
CA SER A 252 -10.73 3.40 11.01
C SER A 252 -11.45 4.74 11.01
N LEU A 253 -11.21 5.56 12.02
CA LEU A 253 -11.61 6.98 11.97
C LEU A 253 -11.10 7.60 10.66
N TYR A 254 -9.86 7.30 10.23
CA TYR A 254 -9.24 7.93 9.04
C TYR A 254 -10.09 7.58 7.83
N GLY A 255 -10.44 6.29 7.72
CA GLY A 255 -11.21 5.78 6.57
C GLY A 255 -12.60 6.38 6.56
N SER A 256 -13.20 6.52 7.74
CA SER A 256 -14.58 7.02 7.92
C SER A 256 -14.62 8.51 7.50
N VAL A 257 -13.61 9.28 7.90
CA VAL A 257 -13.50 10.74 7.59
C VAL A 257 -13.18 10.95 6.12
N SER A 258 -12.33 10.11 5.54
CA SER A 258 -12.08 10.11 4.06
C SER A 258 -13.40 9.95 3.29
N ALA A 259 -14.28 9.03 3.71
CA ALA A 259 -15.58 8.82 3.07
C ALA A 259 -16.41 10.11 3.25
N GLY A 260 -16.37 10.68 4.44
CA GLY A 260 -17.00 11.98 4.75
C GLY A 260 -16.55 13.09 3.82
N ILE A 261 -15.24 13.24 3.61
CA ILE A 261 -14.67 14.26 2.69
C ILE A 261 -15.23 14.07 1.28
N ASN A 262 -15.35 12.82 0.83
CA ASN A 262 -15.87 12.54 -0.53
C ASN A 262 -17.35 12.92 -0.58
N ALA A 263 -18.11 12.70 0.49
CA ALA A 263 -19.54 13.11 0.53
C ALA A 263 -19.64 14.66 0.50
N LEU A 264 -18.84 15.32 1.32
CA LEU A 264 -18.82 16.80 1.42
C LEU A 264 -18.46 17.41 0.07
N TRP A 265 -17.70 16.72 -0.78
CA TRP A 265 -17.20 17.30 -2.05
C TRP A 265 -18.36 17.44 -3.04
N GLY A 266 -19.38 16.58 -2.94
CA GLY A 266 -20.52 16.63 -3.86
C GLY A 266 -21.15 18.02 -3.84
N PRO A 267 -21.39 18.64 -5.03
CA PRO A 267 -22.11 19.92 -5.16
C PRO A 267 -23.44 20.06 -4.38
N LEU A 268 -24.16 18.97 -4.06
CA LEU A 268 -25.44 19.02 -3.28
C LEU A 268 -25.12 19.14 -1.80
N HIS A 269 -23.83 19.14 -1.45
CA HIS A 269 -23.37 19.25 -0.03
C HIS A 269 -22.30 20.35 0.03
N GLY A 270 -21.21 20.15 0.76
CA GLY A 270 -20.15 21.17 1.00
C GLY A 270 -19.57 21.77 -0.28
N GLY A 271 -19.73 21.12 -1.43
CA GLY A 271 -19.24 21.61 -2.74
C GLY A 271 -19.98 22.84 -3.20
N ALA A 272 -21.15 23.11 -2.63
CA ALA A 272 -22.00 24.29 -2.96
C ALA A 272 -21.24 25.60 -2.69
N ASN A 273 -20.36 25.69 -1.68
CA ASN A 273 -19.72 26.98 -1.34
C ASN A 273 -18.87 27.45 -2.54
N GLN A 274 -18.15 26.54 -3.19
CA GLN A 274 -17.39 26.86 -4.43
C GLN A 274 -18.37 27.41 -5.50
N GLU A 275 -19.55 26.80 -5.69
CA GLU A 275 -20.54 27.20 -6.75
C GLU A 275 -21.18 28.57 -6.45
N VAL A 276 -21.45 28.87 -5.19
CA VAL A 276 -22.00 30.19 -4.81
C VAL A 276 -21.02 31.27 -5.31
N ILE A 277 -19.75 31.17 -4.97
CA ILE A 277 -18.79 32.26 -5.33
C ILE A 277 -18.74 32.39 -6.86
N GLU A 278 -18.86 31.28 -7.59
CA GLU A 278 -18.88 31.27 -9.09
C GLU A 278 -20.13 32.03 -9.58
N MET A 279 -21.29 31.81 -8.96
CA MET A 279 -22.53 32.57 -9.29
C MET A 279 -22.31 34.07 -9.04
N LEU A 280 -21.78 34.46 -7.89
CA LEU A 280 -21.56 35.91 -7.59
C LEU A 280 -20.60 36.53 -8.62
N GLU A 281 -19.57 35.81 -9.04
CA GLU A 281 -18.58 36.32 -10.02
C GLU A 281 -19.22 36.47 -11.40
N ALA A 282 -20.10 35.54 -11.77
CA ALA A 282 -20.84 35.53 -13.06
C ALA A 282 -21.80 36.72 -13.13
N ILE A 283 -22.50 37.02 -12.03
CA ILE A 283 -23.41 38.19 -11.94
C ILE A 283 -22.57 39.47 -11.97
N GLU A 284 -21.42 39.49 -11.30
CA GLU A 284 -20.46 40.63 -11.33
C GLU A 284 -20.09 40.90 -12.79
N LYS A 285 -19.68 39.85 -13.51
CA LYS A 285 -19.19 39.92 -14.92
C LYS A 285 -20.33 40.39 -15.84
N ASP A 286 -21.49 39.73 -15.81
CA ASP A 286 -22.71 40.13 -16.58
C ASP A 286 -23.01 41.62 -16.36
N GLY A 287 -22.61 42.16 -15.21
CA GLY A 287 -22.76 43.59 -14.83
C GLY A 287 -24.19 43.91 -14.42
N GLY A 288 -25.14 43.00 -14.69
CA GLY A 288 -26.60 43.26 -14.70
C GLY A 288 -27.22 43.42 -13.30
N ASP A 289 -28.43 44.00 -13.27
CA ASP A 289 -29.28 44.14 -12.07
C ASP A 289 -29.41 42.76 -11.41
N THR A 290 -29.39 42.72 -10.08
CA THR A 290 -29.55 41.47 -9.29
C THR A 290 -31.00 40.98 -9.43
N SER A 291 -31.96 41.89 -9.64
CA SER A 291 -33.41 41.59 -9.80
C SER A 291 -33.65 40.74 -11.06
N LYS A 292 -32.81 40.93 -12.08
CA LYS A 292 -32.77 40.13 -13.34
C LYS A 292 -32.55 38.65 -12.99
N PHE A 293 -31.53 38.36 -12.19
CA PHE A 293 -31.16 36.98 -11.79
C PHE A 293 -32.21 36.45 -10.81
N ILE A 294 -32.80 37.34 -10.01
CA ILE A 294 -33.90 37.02 -9.03
C ILE A 294 -35.12 36.53 -9.82
N ALA A 295 -35.42 37.18 -10.96
CA ALA A 295 -36.46 36.73 -11.90
C ALA A 295 -36.01 35.42 -12.57
N GLN A 296 -34.79 35.36 -13.12
CA GLN A 296 -34.25 34.12 -13.74
C GLN A 296 -34.37 32.95 -12.75
N ALA A 297 -34.09 33.20 -11.47
CA ALA A 297 -34.20 32.24 -10.35
C ALA A 297 -35.64 31.73 -10.20
N LYS A 298 -36.64 32.55 -10.50
CA LYS A 298 -38.09 32.20 -10.39
C LYS A 298 -38.55 31.46 -11.66
N ASP A 299 -37.85 31.68 -12.77
CA ASP A 299 -38.17 31.12 -14.12
C ASP A 299 -37.85 29.63 -14.10
N LYS A 300 -38.87 28.79 -13.90
CA LYS A 300 -38.76 27.31 -13.95
C LYS A 300 -37.95 26.94 -15.20
N ASN A 301 -36.67 26.62 -15.02
CA ASN A 301 -35.72 26.27 -16.11
C ASN A 301 -35.44 27.52 -16.96
N SER A 302 -34.46 28.32 -16.53
CA SER A 302 -33.75 29.35 -17.34
C SER A 302 -32.26 28.99 -17.44
N GLY A 303 -31.83 27.97 -16.69
CA GLY A 303 -30.40 27.58 -16.54
C GLY A 303 -29.80 28.11 -15.24
N PHE A 304 -30.38 29.17 -14.66
CA PHE A 304 -29.86 29.89 -13.46
C PHE A 304 -30.60 29.45 -12.19
N ARG A 305 -29.89 28.82 -11.26
CA ARG A 305 -30.38 28.57 -9.88
C ARG A 305 -29.77 29.61 -8.94
N LEU A 306 -30.53 30.05 -7.95
CA LEU A 306 -30.02 30.86 -6.82
C LEU A 306 -29.29 29.89 -5.88
N MET A 307 -27.96 29.91 -5.96
CA MET A 307 -27.09 29.00 -5.19
C MET A 307 -26.96 29.55 -3.77
N GLY A 308 -26.78 28.67 -2.78
CA GLY A 308 -26.59 29.05 -1.37
C GLY A 308 -27.89 29.42 -0.67
N PHE A 309 -29.04 29.18 -1.31
CA PHE A 309 -30.39 29.27 -0.71
C PHE A 309 -30.98 27.87 -0.57
N GLY A 310 -31.84 27.66 0.42
CA GLY A 310 -32.51 26.36 0.61
C GLY A 310 -31.68 25.45 1.48
N HIS A 311 -32.33 24.48 2.11
CA HIS A 311 -31.72 23.53 3.06
C HIS A 311 -32.73 22.41 3.33
N ARG A 312 -32.27 21.20 3.59
CA ARG A 312 -33.13 20.05 3.89
C ARG A 312 -33.81 20.32 5.23
N VAL A 313 -33.11 20.94 6.19
CA VAL A 313 -33.60 21.05 7.59
C VAL A 313 -34.11 22.49 7.87
N TYR A 314 -33.33 23.52 7.55
CA TYR A 314 -33.68 24.94 7.83
C TYR A 314 -34.83 25.34 6.92
N LYS A 315 -36.01 25.59 7.52
CA LYS A 315 -37.18 26.24 6.86
C LYS A 315 -37.27 27.67 7.39
N ASN A 316 -36.11 28.29 7.57
CA ASN A 316 -35.92 29.59 8.27
C ASN A 316 -34.49 30.05 8.04
N PHE A 317 -34.12 31.21 8.58
CA PHE A 317 -32.74 31.73 8.48
C PHE A 317 -31.82 30.64 9.05
N ASP A 318 -30.67 30.49 8.42
CA ASP A 318 -29.58 29.65 8.95
C ASP A 318 -28.81 30.54 9.92
N PRO A 319 -28.70 30.19 11.22
CA PRO A 319 -28.03 31.06 12.17
C PRO A 319 -26.56 31.26 11.79
N ARG A 320 -26.01 30.34 11.00
CA ARG A 320 -24.57 30.40 10.63
C ARG A 320 -24.47 31.49 9.58
N ALA A 321 -25.42 31.52 8.65
CA ALA A 321 -25.48 32.54 7.57
C ALA A 321 -25.67 33.93 8.20
N LYS A 322 -26.55 34.06 9.19
CA LYS A 322 -26.78 35.40 9.82
C LYS A 322 -25.50 35.91 10.48
N ILE A 323 -24.70 35.02 11.08
CA ILE A 323 -23.42 35.40 11.75
C ILE A 323 -22.40 35.77 10.67
N ILE A 324 -22.27 34.96 9.60
CA ILE A 324 -21.19 35.18 8.58
C ILE A 324 -21.55 36.46 7.80
N LYS A 325 -22.82 36.71 7.55
CA LYS A 325 -23.29 37.95 6.84
C LYS A 325 -22.69 39.20 7.54
N VAL A 326 -22.90 39.31 8.85
CA VAL A 326 -22.42 40.45 9.69
C VAL A 326 -20.90 40.42 9.74
N ALA A 327 -20.31 39.25 9.95
CA ALA A 327 -18.84 39.14 10.11
C ALA A 327 -18.13 39.52 8.80
N ALA A 328 -18.74 39.27 7.64
CA ALA A 328 -18.14 39.63 6.32
C ALA A 328 -17.93 41.15 6.28
N ASP A 329 -18.96 41.92 6.62
CA ASP A 329 -18.85 43.40 6.75
C ASP A 329 -17.66 43.72 7.64
N GLU A 330 -17.64 43.17 8.86
CA GLU A 330 -16.63 43.53 9.90
C GLU A 330 -15.23 43.19 9.36
N VAL A 331 -15.03 41.96 8.90
CA VAL A 331 -13.70 41.49 8.46
C VAL A 331 -13.21 42.33 7.28
N LEU A 332 -14.03 42.55 6.25
CA LEU A 332 -13.59 43.30 5.04
C LEU A 332 -13.21 44.74 5.44
N GLN A 333 -13.99 45.35 6.34
CA GLN A 333 -13.70 46.68 6.94
C GLN A 333 -12.34 46.58 7.66
N ALA A 334 -12.18 45.62 8.57
CA ALA A 334 -10.95 45.47 9.41
C ALA A 334 -9.73 45.19 8.52
N LEU A 335 -9.92 44.85 7.24
CA LEU A 335 -8.79 44.47 6.33
C LEU A 335 -8.62 45.53 5.23
N GLY A 336 -9.38 46.62 5.25
CA GLY A 336 -9.26 47.66 4.21
C GLY A 336 -9.85 47.23 2.88
N MET A 337 -10.84 46.32 2.88
CA MET A 337 -11.52 45.86 1.64
C MET A 337 -12.95 46.43 1.63
N GLN A 338 -13.08 47.75 1.61
CA GLN A 338 -14.40 48.43 1.52
C GLN A 338 -15.05 48.01 0.19
N ASN A 339 -16.36 47.80 0.24
CA ASN A 339 -17.27 47.56 -0.91
C ASN A 339 -16.72 46.41 -1.77
N SER A 340 -16.64 45.21 -1.20
CA SER A 340 -16.62 43.94 -2.00
C SER A 340 -17.80 44.01 -2.96
N PRO A 341 -17.54 44.02 -4.29
CA PRO A 341 -18.62 43.93 -5.27
C PRO A 341 -19.40 42.62 -5.09
N LEU A 342 -18.73 41.54 -4.67
CA LEU A 342 -19.38 40.21 -4.47
C LEU A 342 -20.29 40.27 -3.25
N LEU A 343 -19.90 41.01 -2.22
CA LEU A 343 -20.73 41.09 -0.99
C LEU A 343 -22.01 41.88 -1.30
N LYS A 344 -21.89 42.92 -2.12
CA LYS A 344 -23.05 43.77 -2.49
C LYS A 344 -24.07 42.88 -3.22
N ILE A 345 -23.64 42.18 -4.26
CA ILE A 345 -24.50 41.23 -5.02
C ILE A 345 -25.15 40.24 -4.05
N ALA A 346 -24.38 39.67 -3.12
CA ALA A 346 -24.87 38.66 -2.15
C ALA A 346 -25.96 39.29 -1.27
N THR A 347 -25.70 40.46 -0.67
CA THR A 347 -26.64 41.17 0.25
C THR A 347 -27.87 41.64 -0.54
N GLU A 348 -27.68 42.03 -1.81
CA GLU A 348 -28.77 42.41 -2.73
C GLU A 348 -29.61 41.18 -3.10
N LEU A 349 -28.99 40.03 -3.35
CA LEU A 349 -29.74 38.78 -3.66
C LEU A 349 -30.62 38.42 -2.45
N GLU A 350 -30.07 38.50 -1.23
CA GLU A 350 -30.83 38.12 0.00
C GLU A 350 -31.95 39.15 0.19
N GLN A 351 -31.63 40.44 0.12
CA GLN A 351 -32.61 41.55 0.20
C GLN A 351 -33.82 41.25 -0.70
N ALA A 352 -33.61 41.00 -2.00
CA ALA A 352 -34.68 40.75 -2.99
C ALA A 352 -35.39 39.42 -2.67
N ALA A 353 -34.64 38.35 -2.48
CA ALA A 353 -35.18 37.00 -2.19
C ALA A 353 -36.04 37.02 -0.91
N LEU A 354 -35.58 37.68 0.15
CA LEU A 354 -36.28 37.68 1.47
C LEU A 354 -37.57 38.51 1.42
N THR A 355 -37.67 39.51 0.54
CA THR A 355 -38.89 40.37 0.35
C THR A 355 -39.78 39.81 -0.77
N ASP A 356 -39.31 38.86 -1.58
CA ASP A 356 -40.00 38.35 -2.80
C ASP A 356 -40.83 37.12 -2.43
N GLN A 357 -42.14 37.23 -2.58
CA GLN A 357 -43.13 36.25 -2.09
C GLN A 357 -42.81 34.83 -2.60
N TYR A 358 -42.30 34.69 -3.82
CA TYR A 358 -41.95 33.36 -4.40
C TYR A 358 -41.04 32.60 -3.43
N PHE A 359 -39.99 33.27 -2.97
CA PHE A 359 -38.93 32.67 -2.09
C PHE A 359 -39.50 32.40 -0.71
N ILE A 360 -40.30 33.36 -0.18
CA ILE A 360 -40.87 33.28 1.19
C ILE A 360 -41.83 32.09 1.25
N ASP A 361 -42.61 31.82 0.19
CA ASP A 361 -43.60 30.71 0.20
C ASP A 361 -42.86 29.37 0.18
N ARG A 362 -41.66 29.32 -0.43
CA ARG A 362 -40.81 28.10 -0.53
C ARG A 362 -39.75 28.03 0.59
N LYS A 363 -39.78 28.94 1.57
CA LYS A 363 -38.91 28.89 2.78
C LYS A 363 -37.45 28.86 2.34
N LEU A 364 -37.08 29.70 1.39
CA LEU A 364 -35.74 29.68 0.76
C LEU A 364 -34.92 30.81 1.39
N TYR A 365 -34.03 30.47 2.32
CA TYR A 365 -33.13 31.45 2.97
C TYR A 365 -31.70 31.09 2.62
N PRO A 366 -30.76 32.05 2.73
CA PRO A 366 -29.34 31.75 2.58
C PRO A 366 -28.92 30.65 3.57
N ASN A 367 -27.98 29.81 3.19
CA ASN A 367 -27.39 28.83 4.13
C ASN A 367 -25.92 29.19 4.36
N VAL A 368 -25.24 28.35 5.13
CA VAL A 368 -23.84 28.64 5.59
C VAL A 368 -22.94 28.90 4.38
N ASP A 369 -23.29 28.32 3.23
CA ASP A 369 -22.44 28.32 2.00
C ASP A 369 -22.52 29.69 1.31
N PHE A 370 -23.50 30.54 1.63
CA PHE A 370 -23.85 31.72 0.79
C PHE A 370 -22.88 32.89 1.02
N TYR A 371 -22.43 33.08 2.27
CA TYR A 371 -21.56 34.21 2.67
C TYR A 371 -20.13 33.76 2.96
N SER A 372 -19.89 32.47 3.15
CA SER A 372 -18.60 31.95 3.68
C SER A 372 -17.48 32.20 2.66
N GLY A 373 -17.74 31.99 1.36
CA GLY A 373 -16.76 32.21 0.29
C GLY A 373 -16.21 33.62 0.33
N ILE A 374 -17.09 34.60 0.58
CA ILE A 374 -16.69 36.03 0.55
C ILE A 374 -15.65 36.26 1.65
N ILE A 375 -15.83 35.65 2.81
CA ILE A 375 -14.83 35.81 3.92
C ILE A 375 -13.55 35.02 3.58
N TYR A 376 -13.64 33.77 3.11
CA TYR A 376 -12.43 32.98 2.79
C TYR A 376 -11.61 33.77 1.79
N LYS A 377 -12.26 34.25 0.74
CA LYS A 377 -11.63 35.11 -0.31
C LYS A 377 -10.86 36.24 0.38
N ALA A 378 -11.47 36.90 1.36
CA ALA A 378 -10.88 38.09 2.04
C ALA A 378 -9.67 37.65 2.88
N LEU A 379 -9.65 36.41 3.42
CA LEU A 379 -8.48 35.87 4.16
C LEU A 379 -7.34 35.45 3.22
N GLY A 380 -7.53 35.47 1.90
CA GLY A 380 -6.51 35.11 0.89
C GLY A 380 -6.72 33.70 0.33
N ILE A 381 -7.81 33.03 0.74
CA ILE A 381 -8.10 31.61 0.43
C ILE A 381 -8.77 31.55 -0.94
N PRO A 382 -8.17 30.82 -1.90
CA PRO A 382 -8.73 30.72 -3.25
C PRO A 382 -9.95 29.80 -3.26
N THR A 383 -10.81 29.99 -4.23
CA THR A 383 -12.07 29.25 -4.47
C THR A 383 -11.89 27.72 -4.36
N GLU A 384 -10.82 27.16 -4.93
CA GLU A 384 -10.61 25.68 -5.02
C GLU A 384 -10.22 25.11 -3.64
N MET A 385 -9.97 25.96 -2.65
CA MET A 385 -9.74 25.53 -1.26
C MET A 385 -11.05 25.62 -0.43
N PHE A 386 -12.15 26.16 -0.94
CA PHE A 386 -13.31 26.50 -0.06
C PHE A 386 -13.84 25.22 0.60
N THR A 387 -13.93 24.10 -0.12
CA THR A 387 -14.51 22.85 0.43
C THR A 387 -13.47 22.18 1.35
N VAL A 388 -12.19 22.39 1.09
CA VAL A 388 -11.13 21.96 2.03
C VAL A 388 -11.35 22.69 3.36
N MET A 389 -11.61 24.00 3.34
CA MET A 389 -11.85 24.78 4.59
C MET A 389 -13.10 24.26 5.32
N PHE A 390 -14.15 23.87 4.60
CA PHE A 390 -15.35 23.23 5.20
C PHE A 390 -14.95 21.92 5.87
N ALA A 391 -14.16 21.08 5.18
CA ALA A 391 -13.69 19.78 5.74
C ALA A 391 -12.88 20.04 7.02
N LEU A 392 -11.99 21.03 7.02
CA LEU A 392 -11.13 21.29 8.20
C LEU A 392 -12.01 21.72 9.37
N GLY A 393 -13.01 22.56 9.12
CA GLY A 393 -13.99 22.94 10.15
C GLY A 393 -14.84 21.78 10.63
N ARG A 394 -15.42 21.00 9.73
CA ARG A 394 -16.39 19.91 10.08
C ARG A 394 -15.70 18.73 10.78
N LEU A 395 -14.37 18.63 10.64
CA LEU A 395 -13.61 17.43 11.12
C LEU A 395 -14.02 17.06 12.54
N PRO A 396 -13.93 17.99 13.52
CA PRO A 396 -14.21 17.61 14.90
C PRO A 396 -15.65 17.13 15.09
N GLY A 397 -16.56 17.63 14.27
CA GLY A 397 -17.97 17.19 14.27
C GLY A 397 -18.07 15.75 13.79
N TRP A 398 -17.45 15.47 12.64
CA TRP A 398 -17.25 14.08 12.12
C TRP A 398 -16.68 13.20 13.21
N ILE A 399 -15.60 13.64 13.86
CA ILE A 399 -14.95 12.86 14.95
C ILE A 399 -15.93 12.63 16.10
N ALA A 400 -16.60 13.69 16.56
CA ALA A 400 -17.57 13.63 17.70
C ALA A 400 -18.66 12.59 17.39
N GLN A 401 -19.24 12.68 16.20
CA GLN A 401 -20.35 11.84 15.71
C GLN A 401 -19.86 10.36 15.68
N TRP A 402 -18.69 10.12 15.09
CA TRP A 402 -18.05 8.77 14.99
C TRP A 402 -17.87 8.19 16.39
N LYS A 403 -17.29 8.99 17.27
CA LYS A 403 -16.96 8.58 18.65
C LYS A 403 -18.23 8.21 19.42
N GLU A 404 -19.30 8.98 19.28
CA GLU A 404 -20.56 8.72 20.02
C GLU A 404 -21.21 7.46 19.43
N MET A 405 -21.22 7.31 18.11
CA MET A 405 -21.69 6.11 17.38
C MET A 405 -21.02 4.84 17.92
N ARG A 406 -19.70 4.88 18.16
CA ARG A 406 -18.92 3.72 18.71
C ARG A 406 -19.23 3.52 20.20
N GLU A 407 -19.37 4.59 20.98
CA GLU A 407 -19.62 4.48 22.43
C GLU A 407 -21.02 3.94 22.67
N ASN A 408 -21.95 4.13 21.73
CA ASN A 408 -23.36 3.67 21.83
C ASN A 408 -23.47 2.21 21.38
N LYS A 409 -22.38 1.65 20.84
CA LYS A 409 -22.29 0.26 20.34
C LYS A 409 -23.42 0.03 19.33
N GLU A 410 -23.60 0.96 18.38
CA GLU A 410 -24.57 0.82 17.26
C GLU A 410 -24.15 -0.42 16.46
N PRO A 411 -25.10 -1.23 15.98
CA PRO A 411 -24.77 -2.37 15.12
C PRO A 411 -24.35 -1.80 13.75
N ILE A 412 -23.76 -2.60 12.87
CA ILE A 412 -23.39 -2.11 11.50
C ILE A 412 -24.66 -1.54 10.81
N GLY A 413 -24.53 -0.45 10.06
CA GLY A 413 -25.65 0.15 9.31
C GLY A 413 -26.02 -0.63 8.05
N ARG A 414 -27.22 -1.24 8.01
CA ARG A 414 -27.69 -2.11 6.89
C ARG A 414 -29.09 -1.68 6.48
N PRO A 415 -29.19 -0.61 5.67
CA PRO A 415 -30.45 -0.13 5.14
C PRO A 415 -31.06 -1.22 4.27
N ARG A 416 -32.37 -1.14 4.01
CA ARG A 416 -33.10 -2.13 3.18
C ARG A 416 -33.49 -1.54 1.83
N GLN A 417 -33.94 -2.40 0.95
CA GLN A 417 -34.56 -2.02 -0.33
C GLN A 417 -35.95 -2.63 -0.40
N ILE A 418 -36.71 -2.21 -1.41
CA ILE A 418 -37.84 -2.99 -1.97
C ILE A 418 -37.44 -3.31 -3.41
N TYR A 419 -37.42 -4.60 -3.74
CA TYR A 419 -37.07 -5.05 -5.11
C TYR A 419 -38.24 -4.72 -6.05
N VAL A 420 -37.94 -4.10 -7.20
CA VAL A 420 -38.95 -3.66 -8.21
C VAL A 420 -38.46 -4.09 -9.59
N GLY A 421 -37.56 -5.07 -9.64
CA GLY A 421 -36.96 -5.54 -10.91
C GLY A 421 -37.62 -6.84 -11.37
N GLU A 422 -36.94 -7.56 -12.25
CA GLU A 422 -37.45 -8.77 -12.93
C GLU A 422 -37.59 -9.93 -11.93
N THR A 423 -38.72 -10.66 -12.05
CA THR A 423 -38.98 -11.99 -11.44
C THR A 423 -38.04 -13.02 -12.08
N GLU A 424 -37.79 -14.13 -11.39
CA GLU A 424 -36.98 -15.28 -11.89
C GLU A 424 -37.17 -15.43 -13.40
N ARG A 425 -36.08 -15.31 -14.16
CA ARG A 425 -36.02 -15.48 -15.65
C ARG A 425 -34.73 -16.27 -15.94
N ASN A 426 -34.73 -17.13 -16.97
CA ASN A 426 -33.66 -18.14 -17.20
C ASN A 426 -32.54 -17.52 -18.03
N TYR A 427 -31.28 -17.88 -17.77
CA TYR A 427 -30.13 -17.33 -18.52
C TYR A 427 -30.33 -17.67 -20.00
N VAL A 428 -30.12 -16.72 -20.90
CA VAL A 428 -30.28 -16.85 -22.39
C VAL A 428 -28.89 -16.74 -23.01
N PRO A 429 -28.29 -17.87 -23.48
CA PRO A 429 -26.95 -17.85 -24.06
C PRO A 429 -26.82 -16.90 -25.25
N MET A 430 -25.60 -16.41 -25.51
CA MET A 430 -25.32 -15.28 -26.43
C MET A 430 -25.92 -15.58 -27.81
N THR A 431 -25.67 -16.77 -28.39
CA THR A 431 -26.03 -17.09 -29.80
C THR A 431 -27.55 -16.99 -30.02
N GLU A 432 -28.36 -17.05 -28.96
CA GLU A 432 -29.85 -17.03 -29.01
C GLU A 432 -30.46 -15.61 -28.88
N ARG A 433 -29.67 -14.53 -28.78
CA ARG A 433 -30.18 -13.19 -28.39
C ARG A 433 -30.61 -12.40 -29.64
N MET B 4 49.76 -41.05 16.17
CA MET B 4 49.17 -40.04 15.26
C MET B 4 49.28 -38.64 15.91
N ALA B 5 49.26 -38.59 17.24
CA ALA B 5 49.35 -37.33 18.01
C ALA B 5 50.82 -37.07 18.38
N GLU B 6 51.51 -36.27 17.57
CA GLU B 6 52.91 -35.81 17.83
C GLU B 6 52.89 -34.41 18.46
N THR B 7 54.03 -33.99 19.02
CA THR B 7 54.19 -32.67 19.69
C THR B 7 55.54 -32.07 19.32
N ALA B 8 55.62 -30.74 19.41
CA ALA B 8 56.85 -29.95 19.29
C ALA B 8 57.10 -29.34 20.67
N GLU B 9 58.35 -29.18 21.11
CA GLU B 9 58.58 -28.49 22.39
C GLU B 9 59.27 -27.17 22.07
N LEU B 10 58.81 -26.12 22.71
CA LEU B 10 59.30 -24.74 22.53
C LEU B 10 59.97 -24.34 23.85
N ASN B 11 61.26 -24.02 23.79
CA ASN B 11 62.11 -23.72 24.97
C ASN B 11 62.36 -22.22 24.98
N LEU B 12 61.72 -21.51 25.92
CA LEU B 12 61.81 -20.04 26.12
C LEU B 12 63.02 -19.75 27.01
N PRO B 13 63.54 -18.50 27.03
CA PRO B 13 64.87 -18.23 27.57
C PRO B 13 64.97 -18.38 29.10
N GLY B 14 63.95 -17.92 29.84
CA GLY B 14 63.89 -18.03 31.30
C GLY B 14 63.50 -19.44 31.78
N GLY B 15 64.27 -20.47 31.38
CA GLY B 15 64.09 -21.88 31.81
C GLY B 15 62.83 -22.55 31.26
N GLN B 16 61.79 -21.78 30.97
CA GLN B 16 60.40 -22.26 30.68
C GLN B 16 60.34 -23.07 29.38
N SER B 17 59.56 -24.16 29.41
CA SER B 17 59.34 -25.07 28.27
C SER B 17 57.85 -25.31 28.09
N ILE B 18 57.36 -25.17 26.85
CA ILE B 18 55.98 -25.52 26.43
C ILE B 18 56.14 -26.61 25.38
N SER B 19 55.22 -27.56 25.34
CA SER B 19 55.03 -28.49 24.19
C SER B 19 53.71 -28.14 23.47
N LEU B 20 53.74 -28.13 22.15
CA LEU B 20 52.62 -27.68 21.28
C LEU B 20 52.15 -28.88 20.47
N PRO B 21 50.86 -29.26 20.54
CA PRO B 21 50.40 -30.37 19.74
C PRO B 21 50.66 -30.05 18.25
N ILE B 22 51.00 -31.09 17.48
CA ILE B 22 51.12 -31.02 15.99
C ILE B 22 49.83 -31.52 15.36
N PHE B 23 49.26 -30.72 14.45
CA PHE B 23 48.12 -31.13 13.61
C PHE B 23 48.62 -31.28 12.17
N GLU B 24 48.14 -32.36 11.55
CA GLU B 24 48.46 -32.73 10.16
C GLU B 24 47.14 -32.89 9.42
N GLY B 25 46.98 -32.16 8.31
CA GLY B 25 45.79 -32.24 7.44
C GLY B 25 45.88 -33.40 6.47
N THR B 26 44.93 -33.51 5.54
CA THR B 26 44.72 -34.69 4.69
C THR B 26 45.64 -34.59 3.47
N GLU B 27 46.31 -33.45 3.26
CA GLU B 27 47.33 -33.32 2.18
C GLU B 27 48.71 -33.17 2.82
N GLN B 28 48.88 -33.70 4.03
CA GLN B 28 50.16 -33.76 4.79
C GLN B 28 50.69 -32.34 5.06
N GLU B 29 49.83 -31.32 5.19
CA GLU B 29 50.25 -29.98 5.69
C GLU B 29 50.28 -30.05 7.21
N LYS B 30 51.30 -29.49 7.85
CA LYS B 30 51.47 -29.61 9.32
C LYS B 30 51.36 -28.24 9.98
N ALA B 31 50.69 -28.20 11.13
CA ALA B 31 50.70 -27.04 12.04
C ALA B 31 51.01 -27.50 13.47
N PHE B 32 51.52 -26.59 14.29
CA PHE B 32 51.38 -26.74 15.76
C PHE B 32 50.30 -25.79 16.28
N ASP B 33 49.55 -26.35 17.21
CA ASP B 33 48.37 -25.77 17.86
C ASP B 33 48.91 -24.84 18.94
N ILE B 34 48.82 -23.53 18.76
CA ILE B 34 49.23 -22.52 19.78
C ILE B 34 47.99 -22.14 20.63
N GLY B 35 47.00 -23.03 20.72
CA GLY B 35 45.69 -22.76 21.36
C GLY B 35 45.85 -22.29 22.79
N LYS B 36 46.78 -22.89 23.56
CA LYS B 36 47.04 -22.57 24.98
C LYS B 36 48.38 -21.83 25.14
N LEU B 37 48.94 -21.25 24.08
CA LEU B 37 50.29 -20.66 24.17
C LEU B 37 50.28 -19.51 25.19
N ARG B 38 49.28 -18.63 25.09
CA ARG B 38 49.24 -17.35 25.84
C ARG B 38 48.97 -17.61 27.33
N ASP B 39 47.96 -18.43 27.64
CA ASP B 39 47.60 -18.82 29.03
C ASP B 39 48.83 -19.43 29.74
N ALA B 40 49.51 -20.39 29.12
CA ALA B 40 50.63 -21.14 29.73
C ALA B 40 51.90 -20.28 29.80
N THR B 41 52.15 -19.35 28.88
CA THR B 41 53.45 -18.61 28.82
C THR B 41 53.28 -17.08 28.92
N GLY B 42 52.08 -16.55 28.69
CA GLY B 42 51.87 -15.10 28.48
C GLY B 42 52.50 -14.58 27.19
N TYR B 43 52.93 -15.46 26.28
CA TYR B 43 53.48 -15.10 24.96
C TYR B 43 52.39 -15.24 23.90
N VAL B 44 52.50 -14.45 22.84
CA VAL B 44 51.74 -14.65 21.58
C VAL B 44 52.78 -14.84 20.45
N THR B 45 52.35 -15.22 19.26
CA THR B 45 53.19 -15.12 18.04
C THR B 45 53.21 -13.66 17.56
N LEU B 46 54.21 -13.29 16.79
CA LEU B 46 54.15 -12.08 15.95
C LEU B 46 54.30 -12.56 14.51
N ASP B 47 53.34 -12.21 13.65
CA ASP B 47 53.28 -12.76 12.27
C ASP B 47 52.74 -11.68 11.33
N SER B 48 53.66 -10.96 10.69
CA SER B 48 53.38 -9.90 9.69
C SER B 48 52.48 -10.45 8.59
N GLY B 49 51.22 -9.98 8.56
CA GLY B 49 50.28 -10.29 7.47
C GLY B 49 49.83 -11.74 7.52
N TYR B 50 49.86 -12.35 8.71
CA TYR B 50 49.33 -13.70 9.03
C TYR B 50 49.93 -14.76 8.11
N LYS B 51 51.07 -14.43 7.48
CA LYS B 51 51.80 -15.22 6.46
C LYS B 51 52.20 -16.62 6.98
N ASN B 52 52.30 -16.84 8.29
CA ASN B 52 52.79 -18.11 8.88
C ASN B 52 51.73 -18.71 9.80
N THR B 53 50.50 -18.24 9.69
CA THR B 53 49.42 -18.52 10.65
C THR B 53 48.28 -19.24 9.92
N GLY B 54 48.00 -20.45 10.36
CA GLY B 54 46.79 -21.19 10.00
C GLY B 54 45.60 -20.59 10.73
N ALA B 55 44.77 -19.89 9.98
CA ALA B 55 43.58 -19.20 10.49
C ALA B 55 42.48 -20.25 10.76
N CYS B 56 42.52 -21.39 10.08
CA CYS B 56 41.46 -22.42 10.21
C CYS B 56 41.91 -23.74 9.60
N LYS B 57 41.17 -24.76 9.98
CA LYS B 57 41.02 -26.02 9.22
C LYS B 57 39.91 -25.82 8.20
N SER B 58 40.12 -26.25 6.96
CA SER B 58 39.11 -26.10 5.88
C SER B 58 39.14 -27.31 4.96
N ALA B 59 37.98 -27.66 4.44
CA ALA B 59 37.77 -28.80 3.52
C ALA B 59 37.44 -28.29 2.11
N ILE B 60 37.47 -26.98 1.88
CA ILE B 60 36.87 -26.41 0.64
C ILE B 60 37.87 -26.53 -0.50
N THR B 61 39.02 -25.90 -0.37
CA THR B 61 40.01 -25.79 -1.46
C THR B 61 41.41 -26.23 -0.97
N PHE B 62 42.11 -27.00 -1.79
CA PHE B 62 43.52 -27.35 -1.52
C PHE B 62 44.35 -26.55 -2.51
N LEU B 63 45.33 -25.84 -2.00
CA LEU B 63 46.25 -25.00 -2.83
C LEU B 63 47.69 -25.39 -2.47
N ASP B 64 48.47 -25.85 -3.45
CA ASP B 64 49.91 -26.14 -3.23
C ASP B 64 50.68 -25.15 -4.09
N GLY B 65 51.10 -24.05 -3.46
CA GLY B 65 51.91 -22.99 -4.07
C GLY B 65 53.21 -23.53 -4.66
N GLU B 66 53.93 -24.36 -3.90
CA GLU B 66 55.21 -25.00 -4.33
C GLU B 66 54.95 -25.76 -5.64
N GLU B 67 53.91 -26.62 -5.70
CA GLU B 67 53.71 -27.62 -6.80
C GLU B 67 52.74 -27.14 -7.90
N GLY B 68 52.12 -25.96 -7.75
CA GLY B 68 51.11 -25.48 -8.73
C GLY B 68 49.86 -26.37 -8.77
N ILE B 69 49.35 -26.78 -7.61
CA ILE B 69 48.09 -27.58 -7.51
C ILE B 69 46.96 -26.70 -6.99
N LEU B 70 45.81 -26.72 -7.65
CA LEU B 70 44.55 -26.10 -7.15
C LEU B 70 43.43 -27.13 -7.33
N ARG B 71 42.78 -27.51 -6.24
CA ARG B 71 41.61 -28.42 -6.31
C ARG B 71 40.47 -27.79 -5.52
N TYR B 72 39.25 -27.98 -5.98
CA TYR B 72 38.04 -27.59 -5.25
C TYR B 72 37.43 -28.89 -4.73
N ARG B 73 37.43 -29.12 -3.40
CA ARG B 73 36.81 -30.33 -2.81
C ARG B 73 37.41 -31.59 -3.47
N GLY B 74 38.71 -31.53 -3.75
CA GLY B 74 39.52 -32.66 -4.24
C GLY B 74 39.51 -32.80 -5.76
N TYR B 75 38.66 -32.07 -6.48
CA TYR B 75 38.60 -32.13 -7.95
C TYR B 75 39.59 -31.13 -8.51
N PRO B 76 40.53 -31.56 -9.38
CA PRO B 76 41.45 -30.62 -10.02
C PRO B 76 40.77 -29.48 -10.79
N ILE B 77 41.28 -28.26 -10.63
CA ILE B 77 40.66 -27.09 -11.29
C ILE B 77 40.55 -27.36 -12.81
N GLU B 78 41.56 -27.99 -13.41
CA GLU B 78 41.62 -28.32 -14.87
C GLU B 78 40.36 -29.11 -15.28
N GLN B 79 39.96 -30.10 -14.48
CA GLN B 79 38.80 -30.97 -14.78
C GLN B 79 37.49 -30.16 -14.64
N LEU B 80 37.42 -29.24 -13.67
CA LEU B 80 36.18 -28.45 -13.42
C LEU B 80 36.04 -27.37 -14.48
N ALA B 81 37.14 -26.70 -14.85
CA ALA B 81 37.09 -25.56 -15.81
C ALA B 81 36.58 -26.08 -17.16
N GLU B 82 36.97 -27.30 -17.52
CA GLU B 82 36.68 -27.97 -18.81
C GLU B 82 35.23 -28.48 -18.85
N ASN B 83 34.70 -29.01 -17.75
CA ASN B 83 33.51 -29.90 -17.74
C ASN B 83 32.28 -29.28 -17.06
N SER B 84 32.47 -28.41 -16.07
CA SER B 84 31.41 -27.87 -15.17
C SER B 84 30.81 -26.56 -15.70
N SER B 85 29.57 -26.29 -15.31
CA SER B 85 29.01 -24.92 -15.28
C SER B 85 29.47 -24.21 -13.98
N PHE B 86 29.42 -22.89 -13.97
CA PHE B 86 29.79 -22.09 -12.79
C PHE B 86 28.94 -22.50 -11.59
N LEU B 87 27.64 -22.71 -11.77
CA LEU B 87 26.76 -23.00 -10.61
C LEU B 87 27.02 -24.42 -10.12
N GLU B 88 27.45 -25.33 -10.99
CA GLU B 88 27.88 -26.70 -10.55
C GLU B 88 29.10 -26.55 -9.63
N VAL B 89 30.08 -25.72 -10.02
CA VAL B 89 31.26 -25.42 -9.17
C VAL B 89 30.84 -24.67 -7.89
N ALA B 90 29.90 -23.73 -7.97
CA ALA B 90 29.29 -23.08 -6.78
C ALA B 90 28.69 -24.14 -5.85
N TYR B 91 27.85 -25.03 -6.39
CA TYR B 91 27.22 -26.08 -5.55
C TYR B 91 28.31 -26.91 -4.88
N LEU B 92 29.30 -27.36 -5.67
CA LEU B 92 30.44 -28.15 -5.15
C LEU B 92 31.16 -27.41 -4.02
N LEU B 93 31.59 -26.17 -4.22
CA LEU B 93 32.36 -25.49 -3.14
C LEU B 93 31.49 -25.40 -1.88
N ILE B 94 30.24 -24.94 -2.03
CA ILE B 94 29.39 -24.59 -0.86
C ILE B 94 29.03 -25.88 -0.12
N TYR B 95 28.57 -26.92 -0.82
CA TYR B 95 27.90 -28.10 -0.18
C TYR B 95 28.82 -29.32 -0.12
N GLY B 96 29.88 -29.37 -0.92
CA GLY B 96 30.98 -30.33 -0.72
C GLY B 96 30.92 -31.53 -1.65
N HIS B 97 29.98 -31.60 -2.59
CA HIS B 97 29.86 -32.76 -3.51
C HIS B 97 29.36 -32.25 -4.84
N LEU B 98 29.64 -32.99 -5.91
CA LEU B 98 29.06 -32.69 -7.22
C LEU B 98 27.55 -32.93 -7.14
N PRO B 99 26.69 -32.01 -7.58
CA PRO B 99 25.26 -32.21 -7.45
C PRO B 99 24.79 -33.29 -8.44
N THR B 100 23.81 -34.07 -8.02
CA THR B 100 22.98 -34.88 -8.93
C THR B 100 22.25 -33.92 -9.87
N GLU B 101 21.63 -34.47 -10.91
CA GLU B 101 20.92 -33.68 -11.93
C GLU B 101 19.79 -32.89 -11.26
N ALA B 102 19.13 -33.49 -10.27
CA ALA B 102 17.97 -32.94 -9.56
C ALA B 102 18.47 -31.83 -8.61
N GLU B 103 19.59 -32.04 -7.92
CA GLU B 103 20.17 -31.02 -7.02
C GLU B 103 20.56 -29.78 -7.82
N LEU B 104 21.28 -29.93 -8.92
CA LEU B 104 21.72 -28.77 -9.74
C LEU B 104 20.48 -28.08 -10.32
N LYS B 105 19.47 -28.83 -10.73
CA LYS B 105 18.25 -28.23 -11.35
C LYS B 105 17.47 -27.40 -10.31
N ASP B 106 17.33 -27.88 -9.07
CA ASP B 106 16.71 -27.12 -7.96
C ASP B 106 17.58 -25.90 -7.61
N PHE B 107 18.87 -26.09 -7.40
CA PHE B 107 19.83 -24.99 -7.08
C PHE B 107 19.76 -23.92 -8.16
N SER B 108 19.90 -24.29 -9.42
CA SER B 108 19.96 -23.33 -10.55
C SER B 108 18.56 -22.70 -10.80
N GLY B 109 17.49 -23.50 -10.69
CA GLY B 109 16.09 -23.00 -10.68
C GLY B 109 15.78 -21.97 -9.59
N HIS B 110 16.08 -22.26 -8.32
CA HIS B 110 15.94 -21.33 -7.17
C HIS B 110 16.73 -20.04 -7.44
N ILE B 111 17.97 -20.13 -7.92
CA ILE B 111 18.81 -18.93 -8.26
C ILE B 111 18.11 -18.09 -9.32
N THR B 112 17.61 -18.71 -10.38
CA THR B 112 16.87 -18.04 -11.48
C THR B 112 15.70 -17.24 -10.88
N LYS B 113 14.90 -17.88 -10.02
CA LYS B 113 13.69 -17.23 -9.44
C LYS B 113 14.14 -15.94 -8.72
N HIS B 114 15.18 -16.03 -7.90
CA HIS B 114 15.61 -14.94 -6.97
C HIS B 114 16.50 -13.88 -7.63
N THR B 115 16.70 -13.89 -8.95
CA THR B 115 17.64 -12.94 -9.62
C THR B 115 16.96 -11.58 -9.65
N LEU B 116 15.63 -11.57 -9.46
CA LEU B 116 14.83 -10.34 -9.41
C LEU B 116 15.18 -9.59 -8.12
N VAL B 117 15.52 -8.30 -8.22
CA VAL B 117 15.93 -7.51 -7.04
C VAL B 117 14.78 -6.60 -6.69
N HIS B 118 14.46 -6.48 -5.41
CA HIS B 118 13.37 -5.64 -4.86
C HIS B 118 13.36 -4.22 -5.47
N GLU B 119 12.18 -3.71 -5.81
CA GLU B 119 11.97 -2.35 -6.36
C GLU B 119 12.60 -1.29 -5.44
N ASP B 120 12.56 -1.48 -4.12
CA ASP B 120 13.20 -0.47 -3.22
C ASP B 120 14.73 -0.46 -3.41
N ILE B 121 15.37 -1.61 -3.72
CA ILE B 121 16.85 -1.64 -3.93
C ILE B 121 17.15 -0.93 -5.24
N ARG B 122 16.28 -1.08 -6.25
CA ARG B 122 16.43 -0.34 -7.53
C ARG B 122 16.34 1.17 -7.26
N LYS B 123 15.47 1.60 -6.37
CA LYS B 123 15.32 3.03 -6.01
C LYS B 123 16.54 3.55 -5.23
N ILE B 124 17.08 2.81 -4.25
CA ILE B 124 18.43 3.11 -3.65
C ILE B 124 19.46 3.24 -4.79
N PHE B 125 19.57 2.26 -5.67
CA PHE B 125 20.46 2.30 -6.88
C PHE B 125 20.24 3.60 -7.67
N ASP B 126 18.98 4.03 -7.84
CA ASP B 126 18.67 5.28 -8.58
C ASP B 126 19.51 6.46 -8.06
N GLY B 127 19.93 6.47 -6.79
CA GLY B 127 20.58 7.65 -6.19
C GLY B 127 22.01 7.83 -6.66
N PHE B 128 22.62 6.79 -7.20
CA PHE B 128 24.06 6.79 -7.54
C PHE B 128 24.24 7.47 -8.88
N PRO B 129 25.07 8.52 -8.92
CA PRO B 129 25.45 9.13 -10.19
C PRO B 129 26.08 8.13 -11.15
N SER B 130 25.88 8.33 -12.44
CA SER B 130 26.46 7.51 -13.53
C SER B 130 27.99 7.44 -13.41
N SER B 131 28.65 8.44 -12.83
CA SER B 131 30.14 8.52 -12.72
C SER B 131 30.66 7.59 -11.60
N THR B 132 29.80 7.13 -10.69
CA THR B 132 30.22 6.30 -9.54
C THR B 132 30.93 5.04 -10.03
N HIS B 133 32.07 4.72 -9.43
CA HIS B 133 32.76 3.43 -9.70
C HIS B 133 31.84 2.26 -9.35
N PRO B 134 31.68 1.29 -10.27
CA PRO B 134 30.81 0.12 -10.06
C PRO B 134 31.01 -0.59 -8.72
N MET B 135 32.25 -0.70 -8.23
CA MET B 135 32.58 -1.38 -6.94
C MET B 135 31.91 -0.66 -5.75
N ALA B 136 31.78 0.67 -5.78
CA ALA B 136 31.05 1.44 -4.75
C ALA B 136 29.59 0.97 -4.72
N ILE B 137 29.00 0.70 -5.86
CA ILE B 137 27.56 0.36 -5.95
C ILE B 137 27.40 -1.10 -5.52
N LEU B 138 28.28 -1.97 -6.03
CA LEU B 138 28.23 -3.43 -5.73
C LEU B 138 28.31 -3.59 -4.21
N SER B 139 29.32 -3.01 -3.59
CA SER B 139 29.50 -3.16 -2.12
C SER B 139 28.34 -2.53 -1.36
N SER B 140 27.92 -1.35 -1.78
CA SER B 140 26.83 -0.60 -1.11
C SER B 140 25.48 -1.34 -1.21
N LEU B 141 25.12 -1.82 -2.39
CA LEU B 141 23.84 -2.54 -2.54
C LEU B 141 23.94 -3.89 -1.83
N THR B 142 25.12 -4.50 -1.84
CA THR B 142 25.29 -5.79 -1.13
C THR B 142 25.04 -5.60 0.37
N CYS B 143 25.57 -4.56 1.02
CA CYS B 143 25.23 -4.48 2.45
C CYS B 143 23.79 -4.05 2.74
N ALA B 144 23.09 -3.47 1.77
CA ALA B 144 21.66 -3.12 1.96
C ALA B 144 20.79 -4.38 2.09
N LEU B 145 21.20 -5.51 1.48
CA LEU B 145 20.43 -6.78 1.48
C LEU B 145 20.08 -7.26 2.90
N THR B 146 20.98 -7.08 3.87
CA THR B 146 20.70 -7.46 5.28
C THR B 146 19.48 -6.68 5.78
N GLY B 147 19.37 -5.40 5.42
CA GLY B 147 18.21 -4.56 5.77
C GLY B 147 16.92 -5.11 5.19
N PHE B 148 16.94 -5.60 3.96
CA PHE B 148 15.72 -6.13 3.32
C PHE B 148 15.41 -7.56 3.79
N TYR B 149 16.41 -8.30 4.24
CA TYR B 149 16.30 -9.71 4.71
C TYR B 149 16.81 -9.78 6.15
N PRO B 150 16.13 -9.12 7.12
CA PRO B 150 16.60 -9.08 8.50
C PRO B 150 16.69 -10.49 9.11
N GLU B 151 15.99 -11.49 8.57
CA GLU B 151 16.12 -12.88 9.08
C GLU B 151 17.59 -13.34 8.93
N SER B 152 18.32 -12.86 7.92
CA SER B 152 19.74 -13.19 7.66
C SER B 152 20.67 -12.84 8.85
N ILE B 153 20.27 -11.97 9.76
CA ILE B 153 21.20 -11.63 10.87
C ILE B 153 20.63 -12.12 12.20
N SER B 154 19.48 -12.79 12.19
CA SER B 154 18.86 -13.35 13.42
C SER B 154 19.79 -14.44 13.95
N PRO B 155 19.88 -14.61 15.29
CA PRO B 155 20.59 -15.76 15.86
C PRO B 155 19.78 -17.03 15.56
N ASN B 156 20.42 -18.21 15.61
CA ASN B 156 19.83 -19.53 15.23
C ASN B 156 19.37 -19.46 13.77
N GLN B 157 20.32 -19.47 12.83
CA GLN B 157 20.01 -19.70 11.40
C GLN B 157 19.75 -21.21 11.24
N THR B 158 18.56 -21.64 10.80
CA THR B 158 18.31 -23.02 10.31
C THR B 158 19.00 -23.26 8.97
N PRO B 159 19.38 -24.53 8.64
CA PRO B 159 19.98 -24.87 7.35
C PRO B 159 19.15 -24.44 6.14
N GLU B 160 17.83 -24.58 6.21
CA GLU B 160 16.89 -24.13 5.16
C GLU B 160 17.03 -22.60 4.97
N ALA B 161 17.14 -21.84 6.06
CA ALA B 161 17.18 -20.36 5.98
C ALA B 161 18.50 -19.93 5.30
N ILE B 162 19.60 -20.57 5.71
CA ILE B 162 20.95 -20.33 5.12
C ILE B 162 20.91 -20.68 3.64
N ASP B 163 20.30 -21.82 3.29
CA ASP B 163 20.17 -22.21 1.86
C ASP B 163 19.47 -21.10 1.08
N LEU B 164 18.39 -20.52 1.62
CA LEU B 164 17.66 -19.41 0.95
C LEU B 164 18.57 -18.14 0.86
N THR B 165 19.30 -17.75 1.92
CA THR B 165 20.28 -16.62 1.84
C THR B 165 21.27 -16.88 0.69
N ILE B 166 21.79 -18.10 0.60
CA ILE B 166 22.80 -18.49 -0.43
C ILE B 166 22.21 -18.30 -1.82
N VAL B 167 21.03 -18.86 -2.13
CA VAL B 167 20.48 -18.66 -3.51
C VAL B 167 20.12 -17.17 -3.73
N ARG B 168 19.66 -16.44 -2.71
CA ARG B 168 19.36 -14.98 -2.87
C ARG B 168 20.61 -14.21 -3.30
N LEU B 169 21.76 -14.53 -2.71
CA LEU B 169 22.96 -13.70 -2.91
C LEU B 169 23.61 -14.13 -4.23
N MET B 170 23.66 -15.44 -4.53
CA MET B 170 24.16 -15.91 -5.84
C MET B 170 23.33 -15.26 -6.95
N ALA B 171 22.00 -15.19 -6.80
CA ALA B 171 21.13 -14.64 -7.85
C ALA B 171 21.38 -13.12 -8.00
N LYS B 172 21.24 -12.39 -6.89
CA LYS B 172 21.11 -10.92 -6.89
C LYS B 172 22.47 -10.28 -7.19
N MET B 173 23.58 -10.92 -6.88
CA MET B 173 24.92 -10.39 -7.21
C MET B 173 25.02 -10.22 -8.74
N SER B 174 24.40 -11.14 -9.50
CA SER B 174 24.50 -11.12 -10.98
C SER B 174 23.74 -9.90 -11.48
N THR B 175 22.54 -9.74 -10.97
CA THR B 175 21.66 -8.60 -11.33
C THR B 175 22.32 -7.26 -10.96
N ILE B 176 22.84 -7.15 -9.75
CA ILE B 176 23.36 -5.85 -9.27
C ILE B 176 24.65 -5.56 -10.04
N ALA B 177 25.47 -6.56 -10.28
CA ALA B 177 26.72 -6.40 -11.04
C ALA B 177 26.39 -5.76 -12.38
N ALA B 178 25.37 -6.27 -13.09
CA ALA B 178 25.01 -5.72 -14.42
C ALA B 178 24.48 -4.28 -14.27
N TRP B 179 23.67 -3.99 -13.24
CA TRP B 179 23.22 -2.59 -12.92
C TRP B 179 24.42 -1.62 -12.90
N THR B 180 25.55 -2.02 -12.30
CA THR B 180 26.73 -1.14 -12.12
C THR B 180 27.26 -0.76 -13.50
N TYR B 181 27.16 -1.65 -14.48
CA TYR B 181 27.59 -1.33 -15.86
C TYR B 181 26.57 -0.38 -16.51
N LYS B 182 25.28 -0.73 -16.46
CA LYS B 182 24.21 0.10 -17.09
C LYS B 182 24.29 1.53 -16.55
N ASN B 183 24.56 1.67 -15.25
CA ASN B 183 24.67 2.98 -14.55
C ASN B 183 25.75 3.82 -15.24
N SER B 184 26.92 3.27 -15.49
CA SER B 184 28.07 3.95 -16.12
C SER B 184 27.72 4.45 -17.52
N VAL B 185 26.88 3.75 -18.29
CA VAL B 185 26.63 4.11 -19.72
C VAL B 185 25.25 4.77 -19.89
N GLY B 186 24.47 4.96 -18.83
CA GLY B 186 23.14 5.61 -18.92
C GLY B 186 22.08 4.77 -19.62
N HIS B 187 22.24 3.45 -19.73
CA HIS B 187 21.21 2.55 -20.33
C HIS B 187 20.15 2.16 -19.30
N PRO B 188 18.91 1.90 -19.73
CA PRO B 188 17.89 1.34 -18.86
C PRO B 188 18.28 -0.02 -18.29
N LEU B 189 17.86 -0.34 -17.08
CA LEU B 189 18.10 -1.67 -16.47
C LEU B 189 17.32 -2.75 -17.24
N ASN B 190 17.93 -3.91 -17.53
CA ASN B 190 17.22 -5.10 -18.05
C ASN B 190 16.71 -5.92 -16.86
N TYR B 191 15.46 -6.34 -16.87
CA TYR B 191 15.02 -7.38 -15.92
C TYR B 191 15.71 -8.70 -16.26
N PRO B 192 16.03 -9.54 -15.27
CA PRO B 192 16.57 -10.85 -15.60
C PRO B 192 15.51 -11.63 -16.39
N ARG B 193 15.96 -12.65 -17.14
CA ARG B 193 15.06 -13.54 -17.91
C ARG B 193 14.91 -14.86 -17.14
N ASN B 194 13.81 -15.57 -17.37
CA ASN B 194 13.48 -16.91 -16.79
C ASN B 194 14.19 -18.02 -17.59
N ASP B 195 14.49 -17.79 -18.88
CA ASP B 195 14.85 -18.84 -19.88
C ASP B 195 16.38 -18.95 -20.05
N LEU B 196 17.17 -18.05 -19.47
CA LEU B 196 18.65 -18.04 -19.68
C LEU B 196 19.32 -18.68 -18.47
N ASP B 197 20.37 -19.47 -18.69
CA ASP B 197 21.24 -19.99 -17.61
C ASP B 197 22.02 -18.82 -16.97
N TYR B 198 22.65 -19.07 -15.84
CA TYR B 198 23.20 -18.01 -14.98
C TYR B 198 24.10 -17.03 -15.77
N CYS B 199 25.03 -17.54 -16.56
CA CYS B 199 26.06 -16.73 -17.27
C CYS B 199 25.45 -16.02 -18.46
N ALA B 200 24.56 -16.69 -19.19
CA ALA B 200 23.88 -16.09 -20.35
C ALA B 200 23.02 -14.92 -19.84
N ASN B 201 22.33 -15.12 -18.73
CA ASN B 201 21.44 -14.11 -18.13
C ASN B 201 22.24 -12.86 -17.70
N PHE B 202 23.41 -13.07 -17.12
CA PHE B 202 24.33 -11.97 -16.72
C PHE B 202 24.73 -11.23 -18.00
N LEU B 203 25.12 -11.95 -19.05
CA LEU B 203 25.60 -11.27 -20.28
C LEU B 203 24.46 -10.48 -20.92
N TYR B 204 23.28 -11.09 -21.00
CA TYR B 204 22.02 -10.43 -21.41
C TYR B 204 21.77 -9.17 -20.53
N MET B 205 21.81 -9.31 -19.21
CA MET B 205 21.44 -8.18 -18.32
C MET B 205 22.44 -7.04 -18.53
N MET B 206 23.68 -7.38 -18.82
CA MET B 206 24.78 -6.40 -18.97
C MET B 206 24.74 -5.72 -20.35
N PHE B 207 24.50 -6.49 -21.42
CA PHE B 207 24.80 -6.01 -22.79
C PHE B 207 23.55 -5.88 -23.66
N SER B 208 22.43 -6.45 -23.25
CA SER B 208 21.16 -6.29 -24.00
C SER B 208 20.71 -4.84 -23.93
N PHE B 209 20.09 -4.39 -25.01
CA PHE B 209 19.21 -3.20 -25.11
C PHE B 209 17.76 -3.64 -25.14
N PRO B 210 16.79 -2.74 -24.86
CA PRO B 210 15.37 -3.09 -25.00
C PRO B 210 14.93 -2.83 -26.46
N THR B 211 15.87 -2.43 -27.32
CA THR B 211 15.62 -1.91 -28.69
C THR B 211 15.80 -2.99 -29.76
N GLU B 212 16.12 -4.22 -29.37
CA GLU B 212 16.44 -5.33 -30.31
C GLU B 212 16.67 -6.61 -29.50
N LYS B 213 16.33 -7.76 -30.08
CA LYS B 213 16.74 -9.09 -29.58
C LYS B 213 18.29 -9.09 -29.48
N TYR B 214 18.79 -9.50 -28.32
CA TYR B 214 20.24 -9.70 -28.04
C TYR B 214 20.61 -11.08 -28.59
N GLU B 215 21.69 -11.13 -29.35
CA GLU B 215 22.30 -12.41 -29.85
C GLU B 215 23.26 -12.94 -28.77
N ILE B 216 22.87 -14.03 -28.13
CA ILE B 216 23.68 -14.80 -27.15
C ILE B 216 24.65 -15.68 -27.94
N ASN B 217 25.96 -15.48 -27.74
CA ASN B 217 27.03 -16.25 -28.40
C ASN B 217 27.46 -17.35 -27.44
N PRO B 218 27.12 -18.64 -27.69
CA PRO B 218 27.57 -19.74 -26.82
C PRO B 218 29.10 -19.78 -26.58
N VAL B 219 29.92 -19.22 -27.47
CA VAL B 219 31.40 -19.15 -27.25
C VAL B 219 31.69 -18.23 -26.04
N ILE B 220 31.09 -17.04 -26.00
CA ILE B 220 31.23 -16.06 -24.89
C ILE B 220 30.60 -16.67 -23.61
N VAL B 221 29.44 -17.31 -23.73
CA VAL B 221 28.77 -17.84 -22.50
C VAL B 221 29.75 -18.83 -21.88
N SER B 222 30.31 -19.71 -22.68
CA SER B 222 31.11 -20.85 -22.18
C SER B 222 32.49 -20.30 -21.72
N ALA B 223 33.05 -19.30 -22.40
CA ALA B 223 34.27 -18.62 -21.90
C ALA B 223 34.03 -17.95 -20.52
N LEU B 224 32.87 -17.32 -20.33
CA LEU B 224 32.55 -16.67 -19.02
C LEU B 224 32.41 -17.74 -17.94
N ASN B 225 31.71 -18.85 -18.22
CA ASN B 225 31.62 -19.99 -17.27
C ASN B 225 33.03 -20.38 -16.79
N LYS B 226 33.94 -20.59 -17.73
CA LYS B 226 35.37 -20.97 -17.47
C LYS B 226 36.04 -19.92 -16.59
N LEU B 227 35.91 -18.62 -16.91
CA LEU B 227 36.62 -17.54 -16.15
C LEU B 227 36.09 -17.47 -14.71
N LEU B 228 34.78 -17.53 -14.53
CA LEU B 228 34.17 -17.48 -13.18
C LEU B 228 34.64 -18.69 -12.36
N ILE B 229 34.69 -19.88 -12.99
CA ILE B 229 35.14 -21.13 -12.31
C ILE B 229 36.58 -20.94 -11.82
N LEU B 230 37.45 -20.40 -12.67
CA LEU B 230 38.87 -20.21 -12.31
C LEU B 230 39.01 -19.23 -11.13
N HIS B 231 38.03 -18.34 -10.91
CA HIS B 231 38.04 -17.33 -9.82
C HIS B 231 37.16 -17.74 -8.63
N ALA B 232 36.51 -18.90 -8.67
CA ALA B 232 35.46 -19.25 -7.71
C ALA B 232 36.04 -19.30 -6.30
N ASP B 233 37.23 -19.88 -6.11
CA ASP B 233 37.84 -19.96 -4.75
C ASP B 233 39.37 -19.99 -4.84
N HIS B 234 40.03 -19.51 -3.78
CA HIS B 234 41.52 -19.57 -3.66
C HIS B 234 41.90 -19.66 -2.19
N GLU B 235 41.19 -20.45 -1.39
CA GLU B 235 41.66 -20.71 -0.02
C GLU B 235 41.70 -19.36 0.77
N GLN B 236 42.68 -19.15 1.65
CA GLN B 236 42.61 -18.07 2.67
C GLN B 236 43.35 -16.78 2.20
N ASN B 237 42.88 -16.16 1.14
CA ASN B 237 43.29 -14.80 0.71
C ASN B 237 42.64 -13.69 1.56
N CYS B 238 43.06 -12.44 1.36
CA CYS B 238 42.61 -11.28 2.17
C CYS B 238 41.07 -11.16 2.18
N SER B 239 40.41 -11.20 1.03
CA SER B 239 38.93 -11.08 0.91
C SER B 239 38.22 -12.25 1.61
N THR B 240 38.68 -13.47 1.39
CA THR B 240 38.05 -14.66 2.03
C THR B 240 38.26 -14.62 3.54
N SER B 241 39.47 -14.22 3.98
CA SER B 241 39.75 -14.17 5.41
C SER B 241 38.89 -13.06 6.01
N THR B 242 38.59 -12.01 5.25
CA THR B 242 37.70 -10.93 5.73
C THR B 242 36.31 -11.53 5.90
N VAL B 243 35.84 -12.26 4.91
CA VAL B 243 34.47 -12.83 4.93
C VAL B 243 34.36 -13.71 6.16
N ARG B 244 35.35 -14.54 6.45
CA ARG B 244 35.36 -15.46 7.63
C ARG B 244 35.42 -14.67 8.94
N LEU B 245 36.27 -13.64 9.00
CA LEU B 245 36.44 -12.85 10.25
C LEU B 245 35.12 -12.15 10.59
N VAL B 246 34.55 -11.44 9.63
CA VAL B 246 33.30 -10.67 9.84
C VAL B 246 32.19 -11.68 10.15
N GLY B 247 32.15 -12.81 9.44
CA GLY B 247 31.16 -13.89 9.64
C GLY B 247 31.29 -14.49 11.04
N SER B 248 32.49 -14.51 11.59
CA SER B 248 32.76 -15.12 12.92
C SER B 248 32.14 -14.27 14.01
N ALA B 249 31.77 -13.02 13.72
CA ALA B 249 31.01 -12.15 14.66
C ALA B 249 29.49 -12.42 14.62
N ASN B 250 29.03 -13.36 13.81
CA ASN B 250 27.61 -13.64 13.49
C ASN B 250 27.02 -12.52 12.62
N ALA B 251 27.85 -11.90 11.81
CA ALA B 251 27.37 -11.02 10.72
C ALA B 251 26.59 -11.89 9.72
N SER B 252 25.67 -11.27 8.99
CA SER B 252 24.92 -11.91 7.90
C SER B 252 25.89 -12.26 6.77
N LEU B 253 25.53 -13.25 5.96
CA LEU B 253 26.33 -13.57 4.77
C LEU B 253 26.47 -12.30 3.92
N TYR B 254 25.40 -11.51 3.83
CA TYR B 254 25.36 -10.30 2.97
C TYR B 254 26.40 -9.30 3.49
N GLY B 255 26.44 -9.08 4.79
CA GLY B 255 27.41 -8.11 5.36
C GLY B 255 28.83 -8.63 5.29
N SER B 256 29.00 -9.95 5.47
CA SER B 256 30.31 -10.63 5.36
C SER B 256 30.87 -10.45 3.95
N VAL B 257 30.00 -10.62 2.96
CA VAL B 257 30.41 -10.58 1.54
C VAL B 257 30.71 -9.14 1.12
N SER B 258 29.94 -8.20 1.65
CA SER B 258 30.13 -6.76 1.43
C SER B 258 31.55 -6.38 1.89
N ALA B 259 31.95 -6.88 3.05
CA ALA B 259 33.30 -6.64 3.59
C ALA B 259 34.32 -7.29 2.63
N GLY B 260 34.04 -8.51 2.19
CA GLY B 260 34.89 -9.18 1.18
C GLY B 260 35.05 -8.32 -0.05
N ILE B 261 33.97 -7.70 -0.50
CA ILE B 261 34.05 -6.92 -1.76
C ILE B 261 34.96 -5.70 -1.53
N ASN B 262 34.91 -5.06 -0.36
CA ASN B 262 35.75 -3.86 -0.11
C ASN B 262 37.21 -4.28 -0.03
N ALA B 263 37.49 -5.48 0.49
CA ALA B 263 38.87 -6.03 0.53
C ALA B 263 39.39 -6.18 -0.90
N LEU B 264 38.53 -6.57 -1.84
CA LEU B 264 38.91 -6.86 -3.26
C LEU B 264 39.18 -5.54 -4.00
N TRP B 265 38.59 -4.43 -3.56
CA TRP B 265 38.71 -3.14 -4.27
C TRP B 265 40.13 -2.56 -4.08
N GLY B 266 40.90 -2.98 -3.09
CA GLY B 266 42.25 -2.40 -2.96
C GLY B 266 43.18 -2.80 -4.11
N PRO B 267 43.98 -1.87 -4.66
CA PRO B 267 45.07 -2.22 -5.58
C PRO B 267 46.10 -3.30 -5.21
N LEU B 268 46.26 -3.66 -3.92
CA LEU B 268 47.15 -4.78 -3.45
C LEU B 268 46.50 -6.16 -3.70
N HIS B 269 45.20 -6.23 -3.95
CA HIS B 269 44.41 -7.49 -4.13
C HIS B 269 43.79 -7.41 -5.52
N GLY B 270 42.46 -7.35 -5.63
CA GLY B 270 41.70 -7.56 -6.88
C GLY B 270 41.88 -6.46 -7.91
N GLY B 271 42.45 -5.30 -7.53
CA GLY B 271 42.91 -4.30 -8.53
C GLY B 271 43.91 -4.86 -9.54
N ALA B 272 44.71 -5.86 -9.15
CA ALA B 272 45.89 -6.39 -9.90
C ALA B 272 45.61 -6.74 -11.37
N ASN B 273 44.37 -7.04 -11.80
CA ASN B 273 44.09 -7.49 -13.20
C ASN B 273 43.76 -6.30 -14.13
N GLN B 274 43.32 -5.17 -13.57
CA GLN B 274 43.24 -3.84 -14.26
C GLN B 274 44.65 -3.34 -14.57
N GLU B 275 45.50 -3.35 -13.54
CA GLU B 275 46.88 -2.82 -13.63
C GLU B 275 47.58 -3.60 -14.77
N VAL B 276 47.44 -4.93 -14.77
CA VAL B 276 48.00 -5.82 -15.84
C VAL B 276 47.61 -5.29 -17.23
N ILE B 277 46.33 -4.99 -17.51
CA ILE B 277 45.87 -4.67 -18.90
C ILE B 277 46.33 -3.25 -19.27
N GLU B 278 46.38 -2.33 -18.31
CA GLU B 278 46.92 -0.94 -18.49
C GLU B 278 48.43 -0.97 -18.76
N MET B 279 49.16 -1.90 -18.11
CA MET B 279 50.61 -2.19 -18.37
C MET B 279 50.77 -2.69 -19.81
N LEU B 280 50.02 -3.72 -20.22
CA LEU B 280 50.13 -4.33 -21.57
C LEU B 280 49.84 -3.27 -22.66
N GLU B 281 48.88 -2.37 -22.43
CA GLU B 281 48.48 -1.31 -23.39
C GLU B 281 49.48 -0.16 -23.40
N ALA B 282 50.17 0.07 -22.28
CA ALA B 282 51.25 1.07 -22.16
C ALA B 282 52.44 0.60 -23.01
N ILE B 283 52.79 -0.69 -22.92
CA ILE B 283 53.88 -1.33 -23.71
C ILE B 283 53.47 -1.36 -25.20
N GLU B 284 52.20 -1.64 -25.48
CA GLU B 284 51.61 -1.60 -26.86
C GLU B 284 51.68 -0.17 -27.40
N LYS B 285 51.19 0.81 -26.63
CA LYS B 285 51.17 2.28 -26.97
C LYS B 285 52.59 2.74 -27.32
N ASP B 286 53.60 2.28 -26.56
CA ASP B 286 55.06 2.39 -26.85
C ASP B 286 55.43 1.28 -27.85
N ASP B 289 59.02 -2.42 -26.95
CA ASP B 289 58.59 -3.84 -26.79
C ASP B 289 59.38 -4.46 -25.62
N THR B 290 59.36 -5.80 -25.52
CA THR B 290 60.05 -6.66 -24.51
C THR B 290 61.37 -6.04 -24.06
N SER B 291 61.89 -6.50 -22.92
CA SER B 291 63.25 -6.26 -22.37
C SER B 291 63.45 -4.79 -21.98
N LYS B 292 63.11 -3.83 -22.85
CA LYS B 292 63.04 -2.40 -22.46
C LYS B 292 62.47 -2.33 -21.04
N PHE B 293 61.28 -2.92 -20.84
CA PHE B 293 60.50 -2.90 -19.57
C PHE B 293 60.89 -4.06 -18.65
N ILE B 294 61.46 -5.15 -19.18
CA ILE B 294 61.91 -6.33 -18.37
C ILE B 294 63.25 -6.00 -17.70
N ALA B 295 63.98 -4.99 -18.19
CA ALA B 295 65.19 -4.39 -17.56
C ALA B 295 64.80 -3.30 -16.56
N GLN B 296 63.67 -2.61 -16.79
CA GLN B 296 63.03 -1.68 -15.82
C GLN B 296 62.60 -2.45 -14.56
N ALA B 297 61.99 -3.63 -14.72
CA ALA B 297 61.49 -4.52 -13.63
C ALA B 297 62.65 -5.19 -12.87
N LYS B 298 63.86 -5.18 -13.44
CA LYS B 298 65.13 -5.56 -12.75
C LYS B 298 66.00 -4.29 -12.61
N PHE B 304 58.46 0.98 -13.01
CA PHE B 304 57.76 -0.17 -13.64
C PHE B 304 57.70 -1.34 -12.64
N ARG B 305 56.54 -1.97 -12.55
CA ARG B 305 56.36 -3.31 -11.92
C ARG B 305 55.63 -4.20 -12.94
N LEU B 306 56.27 -5.29 -13.35
CA LEU B 306 55.62 -6.39 -14.11
C LEU B 306 54.51 -6.96 -13.23
N MET B 307 53.29 -6.41 -13.36
CA MET B 307 52.08 -6.84 -12.62
C MET B 307 51.57 -8.16 -13.20
N GLY B 308 50.98 -9.02 -12.36
CA GLY B 308 50.42 -10.35 -12.70
C GLY B 308 51.48 -11.46 -12.63
N PHE B 309 52.67 -11.16 -12.08
CA PHE B 309 53.77 -12.13 -11.86
C PHE B 309 54.05 -12.29 -10.36
N GLY B 310 54.30 -13.55 -9.94
CA GLY B 310 54.50 -13.93 -8.53
C GLY B 310 53.19 -13.97 -7.77
N HIS B 311 53.25 -14.36 -6.51
CA HIS B 311 52.08 -14.77 -5.71
C HIS B 311 52.55 -15.00 -4.28
N ARG B 312 51.65 -14.87 -3.31
CA ARG B 312 51.97 -15.04 -1.87
C ARG B 312 51.99 -16.53 -1.51
N VAL B 313 51.31 -17.39 -2.28
CA VAL B 313 51.39 -18.87 -2.15
C VAL B 313 52.08 -19.48 -3.39
N TYR B 314 51.65 -19.22 -4.65
CA TYR B 314 52.33 -19.79 -5.86
C TYR B 314 53.79 -19.35 -5.87
N LYS B 315 54.68 -20.35 -5.74
CA LYS B 315 56.14 -20.30 -6.03
C LYS B 315 56.42 -21.23 -7.23
N ASN B 316 55.49 -21.25 -8.18
CA ASN B 316 55.43 -22.22 -9.32
C ASN B 316 54.38 -21.67 -10.29
N PHE B 317 54.15 -22.40 -11.41
CA PHE B 317 53.07 -22.20 -12.39
C PHE B 317 51.71 -22.11 -11.69
N ASP B 318 50.98 -21.02 -11.96
CA ASP B 318 49.55 -20.88 -11.62
C ASP B 318 48.74 -21.76 -12.59
N PRO B 319 48.13 -22.86 -12.12
CA PRO B 319 47.39 -23.77 -13.00
C PRO B 319 46.16 -23.13 -13.66
N ARG B 320 45.55 -22.13 -13.01
CA ARG B 320 44.50 -21.27 -13.63
C ARG B 320 45.09 -20.54 -14.83
N ALA B 321 46.18 -19.80 -14.63
CA ALA B 321 46.93 -19.02 -15.66
C ALA B 321 47.18 -19.90 -16.89
N LYS B 322 47.65 -21.14 -16.70
CA LYS B 322 47.86 -22.12 -17.79
C LYS B 322 46.57 -22.25 -18.61
N ILE B 323 45.42 -22.44 -17.97
CA ILE B 323 44.09 -22.76 -18.61
C ILE B 323 43.49 -21.51 -19.27
N ILE B 324 43.83 -20.31 -18.76
CA ILE B 324 43.34 -19.00 -19.30
C ILE B 324 44.16 -18.67 -20.54
N LYS B 325 45.50 -18.68 -20.39
CA LYS B 325 46.53 -18.43 -21.46
C LYS B 325 46.12 -19.16 -22.74
N VAL B 326 45.74 -20.42 -22.63
CA VAL B 326 45.14 -21.21 -23.74
C VAL B 326 43.76 -20.60 -24.08
N ALA B 327 42.83 -20.50 -23.13
CA ALA B 327 41.42 -20.09 -23.36
C ALA B 327 41.32 -18.70 -24.01
N ALA B 328 42.36 -17.86 -23.89
CA ALA B 328 42.41 -16.48 -24.45
C ALA B 328 42.60 -16.57 -25.98
N ASP B 329 43.72 -17.16 -26.43
CA ASP B 329 44.03 -17.52 -27.85
C ASP B 329 42.78 -18.15 -28.47
N GLU B 330 42.28 -19.22 -27.86
CA GLU B 330 40.98 -19.88 -28.19
C GLU B 330 39.85 -18.85 -28.38
N VAL B 331 39.56 -18.02 -27.37
CA VAL B 331 38.29 -17.24 -27.34
C VAL B 331 38.37 -16.09 -28.34
N LEU B 332 39.51 -15.39 -28.40
CA LEU B 332 39.70 -14.24 -29.33
C LEU B 332 39.43 -14.67 -30.78
N GLN B 333 40.00 -15.81 -31.22
CA GLN B 333 39.91 -16.27 -32.63
C GLN B 333 38.45 -16.60 -32.97
N ALA B 334 37.76 -17.34 -32.07
CA ALA B 334 36.33 -17.70 -32.18
C ALA B 334 35.45 -16.44 -32.29
N LEU B 335 35.90 -15.28 -31.82
CA LEU B 335 35.15 -14.00 -31.87
C LEU B 335 35.62 -13.17 -33.07
N GLY B 336 36.46 -13.76 -33.94
CA GLY B 336 36.92 -13.14 -35.20
C GLY B 336 37.76 -11.90 -34.94
N MET B 337 38.62 -11.97 -33.91
CA MET B 337 39.60 -10.92 -33.57
C MET B 337 40.99 -11.52 -33.80
N GLN B 338 41.25 -11.92 -35.05
CA GLN B 338 42.49 -12.61 -35.50
C GLN B 338 43.63 -11.58 -35.50
N ASN B 339 43.87 -10.98 -34.33
CA ASN B 339 44.87 -9.92 -34.03
C ASN B 339 44.74 -9.61 -32.54
N SER B 340 45.88 -9.43 -31.86
CA SER B 340 45.95 -9.16 -30.40
C SER B 340 47.37 -8.73 -30.07
N PRO B 341 47.70 -7.43 -30.21
CA PRO B 341 49.00 -6.92 -29.78
C PRO B 341 49.18 -7.25 -28.29
N LEU B 342 48.07 -7.21 -27.54
CA LEU B 342 48.03 -7.40 -26.07
C LEU B 342 48.44 -8.84 -25.73
N LEU B 343 47.92 -9.86 -26.43
CA LEU B 343 48.28 -11.29 -26.17
C LEU B 343 49.73 -11.55 -26.59
N LYS B 344 50.15 -10.96 -27.72
CA LYS B 344 51.55 -11.04 -28.25
C LYS B 344 52.54 -10.53 -27.19
N ILE B 345 52.26 -9.37 -26.60
CA ILE B 345 53.12 -8.74 -25.54
C ILE B 345 53.10 -9.61 -24.28
N ALA B 346 51.91 -9.88 -23.73
CA ALA B 346 51.71 -10.77 -22.55
C ALA B 346 52.52 -12.07 -22.75
N THR B 347 52.44 -12.68 -23.96
CA THR B 347 53.10 -13.98 -24.28
C THR B 347 54.63 -13.85 -24.22
N GLU B 348 55.22 -12.82 -24.83
CA GLU B 348 56.70 -12.65 -24.81
C GLU B 348 57.18 -12.43 -23.37
N LEU B 349 56.43 -11.69 -22.55
CA LEU B 349 56.83 -11.26 -21.18
C LEU B 349 56.98 -12.47 -20.25
N GLU B 350 56.08 -13.46 -20.38
CA GLU B 350 56.18 -14.75 -19.65
C GLU B 350 57.34 -15.57 -20.22
N GLN B 351 57.63 -15.48 -21.53
CA GLN B 351 58.77 -16.19 -22.19
C GLN B 351 60.10 -15.72 -21.59
N ALA B 352 60.32 -14.40 -21.55
CA ALA B 352 61.54 -13.75 -21.00
C ALA B 352 61.71 -14.14 -19.53
N ALA B 353 60.70 -13.88 -18.68
CA ALA B 353 60.70 -14.11 -17.22
C ALA B 353 61.26 -15.50 -16.87
N LEU B 354 60.83 -16.53 -17.60
CA LEU B 354 61.20 -17.96 -17.36
C LEU B 354 62.58 -18.27 -17.96
N THR B 355 63.17 -17.35 -18.76
CA THR B 355 64.55 -17.41 -19.31
C THR B 355 65.50 -16.45 -18.57
N ASP B 356 64.96 -15.59 -17.68
CA ASP B 356 65.74 -14.60 -16.87
C ASP B 356 65.85 -15.14 -15.42
N GLN B 357 67.09 -15.40 -14.96
CA GLN B 357 67.44 -16.01 -13.64
C GLN B 357 66.99 -15.08 -12.49
N TYR B 358 66.89 -13.77 -12.72
CA TYR B 358 66.41 -12.78 -11.70
C TYR B 358 65.03 -13.19 -11.19
N PHE B 359 64.14 -13.55 -12.13
CA PHE B 359 62.73 -13.95 -11.91
C PHE B 359 62.69 -15.39 -11.40
N ILE B 360 63.52 -16.29 -11.93
CA ILE B 360 63.53 -17.75 -11.59
C ILE B 360 63.87 -17.92 -10.10
N ASP B 361 64.92 -17.24 -9.62
CA ASP B 361 65.44 -17.27 -8.22
C ASP B 361 64.39 -16.73 -7.25
N ARG B 362 63.58 -15.74 -7.68
CA ARG B 362 62.53 -15.08 -6.85
C ARG B 362 61.15 -15.71 -7.13
N LYS B 363 61.09 -16.73 -8.01
CA LYS B 363 59.91 -17.63 -8.25
C LYS B 363 58.69 -16.82 -8.72
N LEU B 364 58.92 -15.80 -9.58
CA LEU B 364 57.89 -14.97 -10.28
C LEU B 364 57.38 -15.73 -11.53
N TYR B 365 56.36 -16.58 -11.33
CA TYR B 365 55.52 -17.15 -12.41
C TYR B 365 54.34 -16.20 -12.64
N PRO B 366 53.74 -16.17 -13.86
CA PRO B 366 52.48 -15.45 -14.05
C PRO B 366 51.41 -16.08 -13.15
N ASN B 367 50.49 -15.25 -12.67
CA ASN B 367 49.31 -15.66 -11.85
C ASN B 367 48.03 -15.40 -12.68
N VAL B 368 46.86 -15.78 -12.13
CA VAL B 368 45.52 -15.71 -12.81
C VAL B 368 45.29 -14.34 -13.46
N ASP B 369 45.72 -13.28 -12.77
CA ASP B 369 45.51 -11.85 -13.09
C ASP B 369 46.16 -11.48 -14.46
N PHE B 370 47.07 -12.31 -15.02
CA PHE B 370 47.94 -11.88 -16.16
C PHE B 370 47.21 -11.97 -17.51
N TYR B 371 46.22 -12.86 -17.65
CA TYR B 371 45.64 -13.25 -18.96
C TYR B 371 44.11 -13.08 -18.98
N SER B 372 43.45 -12.76 -17.85
CA SER B 372 41.96 -12.66 -17.75
C SER B 372 41.46 -11.36 -18.37
N GLY B 373 42.22 -10.28 -18.20
CA GLY B 373 41.85 -8.96 -18.73
C GLY B 373 41.62 -9.00 -20.24
N ILE B 374 42.41 -9.75 -20.98
CA ILE B 374 42.28 -9.87 -22.47
C ILE B 374 40.90 -10.46 -22.80
N ILE B 375 40.54 -11.56 -22.17
CA ILE B 375 39.21 -12.22 -22.37
C ILE B 375 38.12 -11.21 -22.00
N TYR B 376 38.24 -10.48 -20.87
CA TYR B 376 37.19 -9.50 -20.46
C TYR B 376 37.10 -8.39 -21.49
N LYS B 377 38.26 -7.88 -21.93
CA LYS B 377 38.25 -6.79 -22.93
C LYS B 377 37.51 -7.29 -24.19
N ALA B 378 37.80 -8.53 -24.61
CA ALA B 378 37.22 -9.19 -25.81
C ALA B 378 35.69 -9.29 -25.69
N LEU B 379 35.11 -9.52 -24.50
CA LEU B 379 33.62 -9.68 -24.34
C LEU B 379 32.95 -8.31 -24.16
N GLY B 380 33.71 -7.21 -24.27
CA GLY B 380 33.21 -5.82 -24.20
C GLY B 380 33.11 -5.30 -22.77
N ILE B 381 33.56 -6.07 -21.77
CA ILE B 381 33.58 -5.59 -20.35
C ILE B 381 34.65 -4.52 -20.19
N PRO B 382 34.32 -3.29 -19.77
CA PRO B 382 35.33 -2.24 -19.59
C PRO B 382 36.20 -2.49 -18.35
N THR B 383 37.39 -1.89 -18.32
CA THR B 383 38.42 -2.15 -17.30
C THR B 383 37.88 -1.79 -15.93
N GLU B 384 37.05 -0.76 -15.80
CA GLU B 384 36.49 -0.41 -14.48
C GLU B 384 35.42 -1.44 -14.01
N MET B 385 35.10 -2.48 -14.78
CA MET B 385 34.18 -3.58 -14.31
C MET B 385 34.99 -4.84 -13.94
N PHE B 386 36.33 -4.83 -14.09
CA PHE B 386 37.13 -6.06 -13.93
C PHE B 386 36.98 -6.63 -12.52
N THR B 387 37.03 -5.79 -11.48
CA THR B 387 36.99 -6.28 -10.08
C THR B 387 35.55 -6.70 -9.72
N VAL B 388 34.53 -6.11 -10.34
CA VAL B 388 33.11 -6.59 -10.20
C VAL B 388 33.03 -8.02 -10.75
N MET B 389 33.66 -8.26 -11.88
CA MET B 389 33.68 -9.62 -12.51
C MET B 389 34.38 -10.58 -11.55
N PHE B 390 35.51 -10.14 -10.97
CA PHE B 390 36.27 -10.94 -9.99
C PHE B 390 35.35 -11.27 -8.80
N ALA B 391 34.69 -10.27 -8.22
CA ALA B 391 33.72 -10.49 -7.10
C ALA B 391 32.61 -11.47 -7.53
N LEU B 392 32.09 -11.36 -8.75
CA LEU B 392 31.01 -12.28 -9.19
C LEU B 392 31.51 -13.72 -9.24
N GLY B 393 32.75 -13.94 -9.69
CA GLY B 393 33.41 -15.26 -9.75
C GLY B 393 33.67 -15.81 -8.38
N ARG B 394 34.25 -14.98 -7.51
CA ARG B 394 34.73 -15.39 -6.17
C ARG B 394 33.56 -15.65 -5.20
N LEU B 395 32.36 -15.10 -5.47
CA LEU B 395 31.20 -15.10 -4.54
C LEU B 395 30.94 -16.49 -4.00
N PRO B 396 30.80 -17.55 -4.83
CA PRO B 396 30.53 -18.90 -4.28
C PRO B 396 31.67 -19.38 -3.36
N GLY B 397 32.91 -18.93 -3.61
CA GLY B 397 34.03 -19.25 -2.68
C GLY B 397 33.84 -18.61 -1.30
N TRP B 398 33.63 -17.30 -1.27
CA TRP B 398 33.20 -16.56 -0.05
C TRP B 398 32.04 -17.27 0.65
N ILE B 399 30.96 -17.59 -0.08
CA ILE B 399 29.77 -18.22 0.57
C ILE B 399 30.20 -19.54 1.24
N ALA B 400 30.97 -20.37 0.54
CA ALA B 400 31.44 -21.71 0.99
C ALA B 400 32.25 -21.55 2.26
N GLN B 401 33.16 -20.57 2.23
CA GLN B 401 34.05 -20.24 3.35
C GLN B 401 33.21 -19.74 4.52
N TRP B 402 32.28 -18.82 4.23
CA TRP B 402 31.39 -18.33 5.30
C TRP B 402 30.67 -19.54 5.92
N LYS B 403 30.12 -20.43 5.12
CA LYS B 403 29.19 -21.48 5.65
C LYS B 403 30.01 -22.47 6.46
N GLU B 404 31.25 -22.76 6.05
CA GLU B 404 32.08 -23.74 6.79
C GLU B 404 32.46 -23.12 8.15
N MET B 405 32.85 -21.84 8.16
CA MET B 405 33.19 -21.13 9.43
C MET B 405 31.99 -21.20 10.39
N ARG B 406 30.79 -20.93 9.90
CA ARG B 406 29.54 -21.05 10.70
C ARG B 406 29.30 -22.46 11.18
N GLU B 407 29.43 -23.47 10.32
CA GLU B 407 29.15 -24.88 10.69
C GLU B 407 30.22 -25.37 11.68
N ASN B 408 31.44 -24.85 11.65
CA ASN B 408 32.52 -25.37 12.54
C ASN B 408 32.39 -24.71 13.92
N LYS B 409 31.47 -23.77 14.11
CA LYS B 409 31.20 -23.07 15.40
C LYS B 409 32.47 -22.39 15.93
N GLU B 410 33.44 -22.08 15.06
CA GLU B 410 34.63 -21.25 15.35
C GLU B 410 34.18 -20.02 16.13
N PRO B 411 34.95 -19.56 17.13
CA PRO B 411 34.52 -18.48 18.00
C PRO B 411 34.92 -17.19 17.28
N ILE B 412 34.42 -16.04 17.72
CA ILE B 412 34.64 -14.74 17.03
C ILE B 412 36.14 -14.54 16.93
N GLY B 413 36.65 -14.19 15.76
CA GLY B 413 38.08 -13.83 15.61
C GLY B 413 38.44 -12.68 16.56
N ARG B 414 39.50 -12.80 17.36
CA ARG B 414 39.97 -11.71 18.26
C ARG B 414 41.49 -11.75 18.35
N PRO B 415 42.20 -11.24 17.34
CA PRO B 415 43.66 -11.28 17.38
C PRO B 415 44.21 -10.50 18.58
N ARG B 416 45.48 -10.68 18.89
CA ARG B 416 46.20 -9.90 19.91
C ARG B 416 47.14 -8.95 19.18
N GLN B 417 47.92 -8.18 19.93
CA GLN B 417 48.99 -7.28 19.42
C GLN B 417 50.13 -7.33 20.41
N ILE B 418 51.23 -6.66 20.07
CA ILE B 418 52.29 -6.24 21.03
C ILE B 418 52.27 -4.72 21.04
N TYR B 419 52.03 -4.11 22.21
CA TYR B 419 52.04 -2.64 22.38
C TYR B 419 53.48 -2.15 22.28
N VAL B 420 53.73 -1.10 21.51
CA VAL B 420 55.07 -0.48 21.33
C VAL B 420 54.95 1.02 21.56
N GLY B 421 53.87 1.47 22.20
CA GLY B 421 53.57 2.90 22.35
C GLY B 421 54.15 3.45 23.64
N GLU B 422 53.65 4.61 24.04
CA GLU B 422 54.01 5.32 25.29
C GLU B 422 53.51 4.54 26.49
N THR B 423 54.33 4.57 27.56
CA THR B 423 54.00 4.05 28.90
C THR B 423 53.12 5.05 29.63
N GLU B 424 52.50 4.64 30.75
CA GLU B 424 51.53 5.48 31.49
C GLU B 424 52.06 6.92 31.57
N ARG B 425 51.23 7.88 31.19
CA ARG B 425 51.54 9.31 31.35
C ARG B 425 50.24 10.01 31.69
N ASN B 426 50.35 11.10 32.44
CA ASN B 426 49.19 11.78 33.02
C ASN B 426 48.71 12.79 31.99
N TYR B 427 47.39 13.00 31.95
CA TYR B 427 46.72 14.02 31.10
C TYR B 427 47.46 15.34 31.26
N VAL B 428 47.70 16.06 30.17
CA VAL B 428 48.27 17.44 30.16
C VAL B 428 47.10 18.38 29.88
N PRO B 429 46.75 19.29 30.81
CA PRO B 429 45.72 20.28 30.53
C PRO B 429 46.06 21.06 29.24
N MET B 430 45.01 21.48 28.54
CA MET B 430 45.05 22.14 27.22
C MET B 430 46.06 23.31 27.22
N THR B 431 45.96 24.21 28.19
CA THR B 431 46.79 25.44 28.30
C THR B 431 48.28 25.10 28.50
N GLU B 432 48.66 23.86 28.87
CA GLU B 432 50.09 23.55 29.12
C GLU B 432 50.72 22.82 27.93
N ARG B 433 49.96 22.61 26.86
CA ARG B 433 50.44 21.87 25.65
C ARG B 433 51.19 22.83 24.72
N LYS B 434 52.38 22.46 24.29
CA LYS B 434 53.18 23.30 23.37
C LYS B 434 53.67 22.43 22.21
N MET C 4 -52.51 -4.22 -6.58
CA MET C 4 -53.84 -3.81 -6.03
C MET C 4 -53.64 -3.17 -4.65
N ALA C 5 -53.68 -1.83 -4.61
CA ALA C 5 -53.07 -0.95 -3.58
C ALA C 5 -53.77 -1.11 -2.23
N GLU C 6 -52.98 -1.14 -1.16
CA GLU C 6 -53.39 -1.15 0.26
C GLU C 6 -52.94 0.15 0.94
N THR C 7 -53.31 0.30 2.22
CA THR C 7 -53.06 1.48 3.09
C THR C 7 -52.77 0.94 4.48
N ALA C 8 -51.99 1.70 5.25
CA ALA C 8 -51.76 1.48 6.69
C ALA C 8 -52.30 2.70 7.44
N GLU C 9 -52.69 2.48 8.69
CA GLU C 9 -53.25 3.54 9.56
C GLU C 9 -52.34 3.62 10.80
N LEU C 10 -51.74 4.79 11.03
CA LEU C 10 -50.89 5.03 12.22
C LEU C 10 -51.67 5.96 13.14
N ASN C 11 -51.88 5.55 14.39
CA ASN C 11 -52.62 6.31 15.42
C ASN C 11 -51.62 6.80 16.47
N LEU C 12 -51.21 8.07 16.37
CA LEU C 12 -50.20 8.72 17.25
C LEU C 12 -50.88 9.23 18.52
N PRO C 13 -50.35 8.95 19.74
CA PRO C 13 -51.06 9.29 20.97
C PRO C 13 -51.39 10.80 20.99
N GLY C 14 -52.48 11.18 21.67
CA GLY C 14 -53.07 12.54 21.65
C GLY C 14 -54.29 12.60 20.75
N GLY C 15 -54.57 11.52 20.01
CA GLY C 15 -55.74 11.35 19.13
C GLY C 15 -55.43 11.47 17.63
N GLN C 16 -54.26 11.99 17.24
CA GLN C 16 -53.93 12.22 15.81
C GLN C 16 -53.60 10.88 15.11
N SER C 17 -54.01 10.74 13.85
CA SER C 17 -53.84 9.55 12.96
C SER C 17 -53.41 9.98 11.55
N ILE C 18 -52.63 9.16 10.84
CA ILE C 18 -52.27 9.37 9.39
C ILE C 18 -52.44 8.07 8.59
N SER C 19 -52.93 8.22 7.36
CA SER C 19 -52.99 7.18 6.32
C SER C 19 -51.65 7.15 5.59
N LEU C 20 -51.03 5.96 5.51
CA LEU C 20 -49.71 5.72 4.86
C LEU C 20 -49.94 4.78 3.70
N PRO C 21 -49.68 5.22 2.44
CA PRO C 21 -49.75 4.35 1.28
C PRO C 21 -48.78 3.16 1.42
N ILE C 22 -49.23 1.96 1.06
CA ILE C 22 -48.37 0.75 1.03
C ILE C 22 -47.83 0.57 -0.39
N PHE C 23 -46.51 0.33 -0.50
CA PHE C 23 -45.82 -0.03 -1.76
C PHE C 23 -45.47 -1.52 -1.68
N GLU C 24 -45.81 -2.24 -2.74
CA GLU C 24 -45.57 -3.70 -2.89
C GLU C 24 -44.54 -3.85 -4.01
N GLY C 25 -43.37 -4.40 -3.71
CA GLY C 25 -42.35 -4.70 -4.73
C GLY C 25 -42.73 -5.92 -5.55
N THR C 26 -41.87 -6.31 -6.51
CA THR C 26 -42.19 -7.35 -7.51
C THR C 26 -41.95 -8.76 -6.94
N GLU C 27 -41.47 -8.88 -5.71
CA GLU C 27 -41.26 -10.15 -4.98
C GLU C 27 -42.05 -10.10 -3.66
N GLN C 28 -43.06 -9.23 -3.60
CA GLN C 28 -44.07 -9.16 -2.50
C GLN C 28 -43.42 -8.64 -1.21
N GLU C 29 -42.36 -7.85 -1.34
CA GLU C 29 -41.83 -7.04 -0.21
C GLU C 29 -42.75 -5.82 -0.11
N LYS C 30 -43.29 -5.59 1.06
CA LYS C 30 -44.24 -4.48 1.30
C LYS C 30 -43.53 -3.40 2.12
N ALA C 31 -43.75 -2.14 1.79
CA ALA C 31 -43.35 -0.98 2.62
C ALA C 31 -44.56 -0.06 2.79
N PHE C 32 -44.61 0.69 3.89
CA PHE C 32 -45.49 1.88 3.95
C PHE C 32 -44.65 3.13 3.71
N ASP C 33 -45.17 3.97 2.84
CA ASP C 33 -44.55 5.25 2.42
C ASP C 33 -44.76 6.26 3.56
N ILE C 34 -43.67 6.65 4.24
CA ILE C 34 -43.66 7.63 5.37
C ILE C 34 -43.25 9.02 4.84
N GLY C 35 -43.38 9.24 3.53
CA GLY C 35 -42.92 10.44 2.81
C GLY C 35 -43.55 11.73 3.31
N LYS C 36 -44.68 11.63 4.04
CA LYS C 36 -45.44 12.76 4.62
C LYS C 36 -45.41 12.70 6.15
N LEU C 37 -44.78 11.71 6.74
CA LEU C 37 -44.81 11.55 8.21
C LEU C 37 -44.43 12.83 8.97
N ARG C 38 -43.23 13.36 8.77
CA ARG C 38 -42.76 14.50 9.58
C ARG C 38 -43.60 15.76 9.36
N ASP C 39 -43.85 16.12 8.12
CA ASP C 39 -44.60 17.35 7.78
C ASP C 39 -46.03 17.31 8.32
N ALA C 40 -46.65 16.15 8.38
CA ALA C 40 -48.06 16.09 8.81
C ALA C 40 -48.22 15.82 10.31
N THR C 41 -47.20 15.29 10.97
CA THR C 41 -47.36 14.86 12.39
C THR C 41 -46.29 15.41 13.33
N GLY C 42 -45.18 15.96 12.82
CA GLY C 42 -44.01 16.35 13.66
C GLY C 42 -43.16 15.16 14.12
N TYR C 43 -43.53 13.92 13.73
CA TYR C 43 -42.83 12.69 14.17
C TYR C 43 -41.82 12.27 13.10
N VAL C 44 -40.71 11.66 13.51
CA VAL C 44 -39.90 10.78 12.60
C VAL C 44 -39.98 9.34 13.14
N THR C 45 -39.50 8.38 12.34
CA THR C 45 -39.17 7.01 12.82
C THR C 45 -37.88 7.10 13.64
N LEU C 46 -37.72 6.20 14.59
CA LEU C 46 -36.39 5.90 15.15
C LEU C 46 -36.00 4.49 14.75
N ASP C 47 -34.94 4.37 13.95
CA ASP C 47 -34.44 3.08 13.42
C ASP C 47 -32.93 2.94 13.63
N SER C 48 -32.56 2.40 14.80
CA SER C 48 -31.25 1.81 15.17
C SER C 48 -30.24 1.84 14.01
N GLY C 49 -30.16 0.79 13.18
CA GLY C 49 -29.14 0.71 12.12
C GLY C 49 -29.78 0.68 10.74
N TYR C 50 -30.81 1.50 10.52
CA TYR C 50 -31.66 1.50 9.32
C TYR C 50 -32.26 0.10 9.04
N LYS C 51 -32.31 -0.80 10.03
CA LYS C 51 -32.62 -2.23 9.77
C LYS C 51 -34.06 -2.36 9.22
N ASN C 52 -34.94 -1.40 9.51
CA ASN C 52 -36.38 -1.50 9.19
C ASN C 52 -36.79 -0.41 8.21
N THR C 53 -35.80 0.18 7.51
CA THR C 53 -36.03 1.35 6.62
C THR C 53 -35.69 0.98 5.18
N GLY C 54 -36.67 1.12 4.29
CA GLY C 54 -36.48 1.02 2.83
C GLY C 54 -35.88 2.29 2.28
N ALA C 55 -34.56 2.33 2.12
CA ALA C 55 -33.80 3.53 1.69
C ALA C 55 -34.11 3.85 0.23
N CYS C 56 -34.41 2.83 -0.57
CA CYS C 56 -34.58 2.93 -2.04
C CYS C 56 -35.42 1.75 -2.56
N LYS C 57 -35.89 1.90 -3.79
CA LYS C 57 -36.39 0.82 -4.68
C LYS C 57 -35.27 0.42 -5.63
N SER C 58 -34.95 -0.87 -5.74
CA SER C 58 -33.88 -1.32 -6.67
C SER C 58 -34.39 -2.41 -7.60
N ALA C 59 -34.05 -2.29 -8.87
CA ALA C 59 -34.23 -3.32 -9.92
C ALA C 59 -32.96 -4.19 -10.07
N ILE C 60 -31.97 -4.12 -9.16
CA ILE C 60 -30.62 -4.69 -9.46
C ILE C 60 -30.56 -6.14 -8.97
N THR C 61 -30.78 -6.38 -7.69
CA THR C 61 -30.52 -7.70 -7.09
C THR C 61 -31.62 -8.03 -6.09
N PHE C 62 -32.20 -9.20 -6.24
CA PHE C 62 -33.18 -9.74 -5.25
C PHE C 62 -32.47 -10.81 -4.46
N LEU C 63 -32.66 -10.79 -3.16
CA LEU C 63 -32.00 -11.63 -2.15
C LEU C 63 -33.09 -12.02 -1.13
N ASP C 64 -33.23 -13.31 -0.85
CA ASP C 64 -34.12 -13.84 0.22
C ASP C 64 -33.30 -14.85 1.04
N GLY C 65 -32.85 -14.44 2.23
CA GLY C 65 -31.95 -15.21 3.11
C GLY C 65 -32.61 -16.45 3.71
N GLU C 66 -33.90 -16.40 4.01
CA GLU C 66 -34.65 -17.57 4.55
C GLU C 66 -34.75 -18.65 3.47
N GLU C 67 -34.92 -18.26 2.20
CA GLU C 67 -35.13 -19.20 1.05
C GLU C 67 -33.82 -19.40 0.25
N GLY C 68 -32.66 -18.93 0.75
CA GLY C 68 -31.36 -19.05 0.05
C GLY C 68 -31.42 -18.68 -1.42
N ILE C 69 -32.17 -17.66 -1.80
CA ILE C 69 -32.25 -17.21 -3.23
C ILE C 69 -31.33 -16.00 -3.43
N LEU C 70 -30.82 -15.84 -4.64
CA LEU C 70 -30.09 -14.62 -5.06
C LEU C 70 -30.12 -14.50 -6.58
N ARG C 71 -30.62 -13.36 -7.07
CA ARG C 71 -30.70 -13.11 -8.52
C ARG C 71 -30.15 -11.73 -8.80
N TYR C 72 -29.39 -11.64 -9.87
CA TYR C 72 -29.02 -10.39 -10.56
C TYR C 72 -29.99 -10.21 -11.71
N ARG C 73 -30.80 -9.14 -11.67
CA ARG C 73 -31.72 -8.71 -12.75
C ARG C 73 -32.68 -9.85 -13.16
N GLY C 74 -33.06 -10.70 -12.21
CA GLY C 74 -34.02 -11.83 -12.41
C GLY C 74 -33.30 -13.15 -12.64
N TYR C 75 -32.05 -13.12 -13.16
CA TYR C 75 -31.30 -14.33 -13.57
C TYR C 75 -30.74 -15.00 -12.34
N PRO C 76 -31.05 -16.30 -12.12
CA PRO C 76 -30.52 -17.01 -10.95
C PRO C 76 -28.98 -16.94 -10.96
N ILE C 77 -28.37 -16.94 -9.76
CA ILE C 77 -26.91 -16.78 -9.53
C ILE C 77 -26.21 -18.04 -10.05
N GLU C 78 -26.79 -19.20 -9.77
CA GLU C 78 -26.32 -20.53 -10.25
C GLU C 78 -26.06 -20.50 -11.77
N GLN C 79 -26.99 -19.96 -12.56
CA GLN C 79 -26.88 -19.99 -14.05
C GLN C 79 -25.88 -18.93 -14.53
N LEU C 80 -25.79 -17.77 -13.87
CA LEU C 80 -24.81 -16.73 -14.31
C LEU C 80 -23.39 -17.26 -14.03
N ALA C 81 -23.15 -17.83 -12.85
CA ALA C 81 -21.84 -18.37 -12.43
C ALA C 81 -21.41 -19.46 -13.42
N GLU C 82 -22.25 -20.48 -13.63
CA GLU C 82 -21.89 -21.66 -14.45
C GLU C 82 -21.71 -21.22 -15.93
N ASN C 83 -22.42 -20.21 -16.44
CA ASN C 83 -22.46 -19.93 -17.90
C ASN C 83 -22.04 -18.51 -18.32
N SER C 84 -21.98 -17.54 -17.41
CA SER C 84 -21.65 -16.14 -17.78
C SER C 84 -20.15 -15.89 -17.60
N SER C 85 -19.73 -14.65 -17.79
CA SER C 85 -18.40 -14.11 -17.49
C SER C 85 -18.56 -12.87 -16.64
N PHE C 86 -17.55 -12.52 -15.86
CA PHE C 86 -17.57 -11.36 -14.93
C PHE C 86 -18.05 -10.12 -15.70
N LEU C 87 -17.48 -9.80 -16.87
CA LEU C 87 -17.85 -8.55 -17.58
C LEU C 87 -19.29 -8.63 -18.08
N GLU C 88 -19.77 -9.83 -18.45
CA GLU C 88 -21.18 -10.00 -18.90
C GLU C 88 -22.09 -9.68 -17.72
N VAL C 89 -21.81 -10.27 -16.56
CA VAL C 89 -22.54 -9.98 -15.30
C VAL C 89 -22.37 -8.49 -14.92
N ALA C 90 -21.23 -7.87 -15.22
CA ALA C 90 -21.01 -6.43 -14.88
C ALA C 90 -21.99 -5.63 -15.73
N TYR C 91 -22.03 -5.92 -17.03
CA TYR C 91 -22.98 -5.27 -17.96
C TYR C 91 -24.42 -5.51 -17.47
N LEU C 92 -24.77 -6.74 -17.13
CA LEU C 92 -26.16 -7.05 -16.70
C LEU C 92 -26.53 -6.14 -15.52
N LEU C 93 -25.77 -6.25 -14.43
CA LEU C 93 -26.00 -5.49 -13.17
C LEU C 93 -26.13 -3.98 -13.46
N ILE C 94 -25.25 -3.45 -14.29
CA ILE C 94 -25.09 -1.99 -14.51
C ILE C 94 -26.18 -1.50 -15.46
N TYR C 95 -26.35 -2.16 -16.60
CA TYR C 95 -27.23 -1.65 -17.69
C TYR C 95 -28.60 -2.35 -17.73
N GLY C 96 -28.86 -3.41 -16.96
CA GLY C 96 -30.24 -3.91 -16.78
C GLY C 96 -30.59 -5.15 -17.60
N HIS C 97 -29.88 -5.43 -18.70
CA HIS C 97 -30.15 -6.61 -19.57
C HIS C 97 -28.85 -7.36 -19.97
N LEU C 98 -28.99 -8.63 -20.38
CA LEU C 98 -27.91 -9.44 -21.01
C LEU C 98 -27.51 -8.77 -22.31
N PRO C 99 -26.22 -8.48 -22.51
CA PRO C 99 -25.78 -7.66 -23.64
C PRO C 99 -25.93 -8.37 -25.00
N THR C 100 -26.15 -7.60 -26.08
CA THR C 100 -25.99 -8.10 -27.47
C THR C 100 -24.50 -8.40 -27.66
N GLU C 101 -24.18 -9.22 -28.66
CA GLU C 101 -22.79 -9.61 -29.01
C GLU C 101 -21.94 -8.35 -29.17
N ALA C 102 -22.43 -7.33 -29.88
CA ALA C 102 -21.73 -6.04 -30.12
C ALA C 102 -21.56 -5.25 -28.80
N GLU C 103 -22.53 -5.35 -27.89
CA GLU C 103 -22.51 -4.64 -26.59
C GLU C 103 -21.39 -5.23 -25.72
N LEU C 104 -21.41 -6.55 -25.49
CA LEU C 104 -20.41 -7.24 -24.64
C LEU C 104 -19.01 -7.09 -25.25
N LYS C 105 -18.92 -7.03 -26.59
CA LYS C 105 -17.64 -6.81 -27.32
C LYS C 105 -17.09 -5.41 -27.01
N ASP C 106 -17.87 -4.35 -27.29
CA ASP C 106 -17.48 -2.92 -27.12
C ASP C 106 -17.15 -2.63 -25.65
N PHE C 107 -17.99 -3.08 -24.73
CA PHE C 107 -17.79 -2.97 -23.27
C PHE C 107 -16.42 -3.52 -22.87
N SER C 108 -16.12 -4.75 -23.30
CA SER C 108 -14.93 -5.52 -22.82
C SER C 108 -13.69 -4.95 -23.52
N GLY C 109 -13.87 -4.53 -24.78
CA GLY C 109 -12.88 -3.78 -25.56
C GLY C 109 -12.54 -2.42 -24.97
N HIS C 110 -13.53 -1.62 -24.55
CA HIS C 110 -13.29 -0.28 -23.97
C HIS C 110 -12.56 -0.46 -22.62
N ILE C 111 -12.98 -1.46 -21.85
CA ILE C 111 -12.33 -1.78 -20.54
C ILE C 111 -10.85 -2.15 -20.76
N THR C 112 -10.55 -3.01 -21.75
CA THR C 112 -9.15 -3.38 -22.12
C THR C 112 -8.35 -2.09 -22.35
N LYS C 113 -8.85 -1.18 -23.17
CA LYS C 113 -8.10 0.04 -23.57
C LYS C 113 -7.79 0.90 -22.34
N HIS C 114 -8.69 0.97 -21.37
CA HIS C 114 -8.59 1.89 -20.19
C HIS C 114 -7.97 1.24 -18.94
N THR C 115 -7.51 -0.04 -18.97
CA THR C 115 -6.81 -0.71 -17.83
C THR C 115 -5.44 -0.02 -17.59
N LEU C 116 -4.92 0.68 -18.57
CA LEU C 116 -3.66 1.46 -18.45
C LEU C 116 -3.91 2.66 -17.52
N VAL C 117 -3.13 2.79 -16.44
CA VAL C 117 -3.27 3.86 -15.42
C VAL C 117 -2.18 4.91 -15.69
N HIS C 118 -2.58 6.18 -15.66
CA HIS C 118 -1.73 7.40 -15.81
C HIS C 118 -0.41 7.27 -15.04
N GLU C 119 0.69 7.64 -15.68
CA GLU C 119 2.05 7.65 -15.06
C GLU C 119 2.09 8.42 -13.73
N ASP C 120 1.31 9.49 -13.58
CA ASP C 120 1.28 10.29 -12.33
C ASP C 120 0.63 9.49 -11.20
N ILE C 121 -0.37 8.65 -11.45
CA ILE C 121 -0.97 7.78 -10.39
C ILE C 121 0.06 6.72 -9.98
N ARG C 122 0.82 6.20 -10.93
CA ARG C 122 1.95 5.28 -10.66
C ARG C 122 2.95 6.02 -9.74
N LYS C 123 3.23 7.31 -10.00
CA LYS C 123 4.17 8.11 -9.15
C LYS C 123 3.55 8.32 -7.77
N ILE C 124 2.24 8.51 -7.69
CA ILE C 124 1.62 8.59 -6.34
C ILE C 124 1.86 7.27 -5.62
N PHE C 125 1.61 6.16 -6.33
CA PHE C 125 1.77 4.78 -5.82
C PHE C 125 3.21 4.53 -5.36
N ASP C 126 4.20 5.07 -6.09
CA ASP C 126 5.64 4.95 -5.72
C ASP C 126 5.86 5.34 -4.25
N GLY C 127 5.07 6.27 -3.72
CA GLY C 127 5.31 6.76 -2.36
C GLY C 127 4.84 5.81 -1.29
N PHE C 128 3.98 4.84 -1.60
CA PHE C 128 3.50 3.93 -0.52
C PHE C 128 4.62 2.96 -0.18
N PRO C 129 4.99 2.85 1.10
CA PRO C 129 5.92 1.80 1.51
C PRO C 129 5.34 0.39 1.28
N SER C 130 6.24 -0.58 1.06
CA SER C 130 5.96 -1.97 0.65
C SER C 130 5.06 -2.63 1.70
N SER C 131 5.15 -2.21 2.95
CA SER C 131 4.41 -2.78 4.11
C SER C 131 3.01 -2.18 4.24
N THR C 132 2.62 -1.26 3.37
CA THR C 132 1.30 -0.60 3.54
C THR C 132 0.19 -1.64 3.27
N HIS C 133 -0.80 -1.78 4.14
CA HIS C 133 -1.91 -2.73 3.83
C HIS C 133 -2.46 -2.40 2.44
N PRO C 134 -2.64 -3.38 1.53
CA PRO C 134 -3.22 -3.12 0.22
C PRO C 134 -4.55 -2.33 0.18
N MET C 135 -5.43 -2.41 1.17
CA MET C 135 -6.75 -1.69 1.15
C MET C 135 -6.50 -0.17 1.31
N ALA C 136 -5.46 0.25 2.00
CA ALA C 136 -5.12 1.69 2.13
C ALA C 136 -4.79 2.21 0.73
N ILE C 137 -4.00 1.45 -0.03
CA ILE C 137 -3.56 1.88 -1.39
C ILE C 137 -4.75 1.83 -2.34
N LEU C 138 -5.57 0.76 -2.28
CA LEU C 138 -6.78 0.65 -3.15
C LEU C 138 -7.66 1.89 -2.94
N SER C 139 -8.02 2.18 -1.68
CA SER C 139 -8.97 3.28 -1.37
C SER C 139 -8.31 4.62 -1.70
N SER C 140 -7.02 4.78 -1.44
CA SER C 140 -6.34 6.10 -1.62
C SER C 140 -6.18 6.36 -3.13
N LEU C 141 -5.82 5.35 -3.93
CA LEU C 141 -5.64 5.60 -5.39
C LEU C 141 -6.99 5.71 -6.11
N THR C 142 -8.02 4.98 -5.69
CA THR C 142 -9.39 5.17 -6.22
C THR C 142 -9.84 6.60 -5.97
N CYS C 143 -9.65 7.06 -4.75
CA CYS C 143 -9.91 8.45 -4.32
C CYS C 143 -9.25 9.43 -5.31
N ALA C 144 -8.00 9.19 -5.67
CA ALA C 144 -7.17 10.11 -6.48
C ALA C 144 -7.77 10.28 -7.86
N LEU C 145 -8.55 9.29 -8.33
CA LEU C 145 -9.00 9.29 -9.74
C LEU C 145 -9.85 10.54 -10.03
N THR C 146 -10.69 10.98 -9.08
CA THR C 146 -11.48 12.21 -9.28
C THR C 146 -10.57 13.40 -9.59
N GLY C 147 -9.36 13.45 -9.04
CA GLY C 147 -8.35 14.52 -9.34
C GLY C 147 -7.86 14.47 -10.76
N PHE C 148 -7.76 13.26 -11.33
CA PHE C 148 -7.24 13.06 -12.70
C PHE C 148 -8.36 13.17 -13.73
N TYR C 149 -9.60 12.96 -13.31
CA TYR C 149 -10.80 13.01 -14.17
C TYR C 149 -11.79 13.96 -13.50
N PRO C 150 -11.46 15.27 -13.47
CA PRO C 150 -12.34 16.27 -12.84
C PRO C 150 -13.74 16.30 -13.48
N GLU C 151 -13.88 15.91 -14.75
CA GLU C 151 -15.21 15.88 -15.45
C GLU C 151 -16.19 15.02 -14.63
N SER C 152 -15.69 14.07 -13.84
CA SER C 152 -16.50 13.04 -13.15
C SER C 152 -17.20 13.63 -11.93
N ILE C 153 -16.84 14.86 -11.51
CA ILE C 153 -17.61 15.54 -10.40
C ILE C 153 -18.27 16.82 -10.94
N SER C 154 -18.21 17.05 -12.26
CA SER C 154 -19.05 18.03 -13.01
C SER C 154 -20.54 17.80 -12.71
N PRO C 155 -21.36 18.87 -12.68
CA PRO C 155 -22.81 18.71 -12.69
C PRO C 155 -23.18 18.47 -14.15
N ASN C 156 -24.23 17.69 -14.41
CA ASN C 156 -24.79 17.46 -15.77
C ASN C 156 -23.72 16.82 -16.67
N GLN C 157 -23.38 15.56 -16.37
CA GLN C 157 -22.57 14.68 -17.25
C GLN C 157 -23.51 13.95 -18.23
N THR C 158 -23.20 13.99 -19.53
CA THR C 158 -23.86 13.17 -20.58
C THR C 158 -23.85 11.69 -20.15
N PRO C 159 -24.81 10.85 -20.57
CA PRO C 159 -24.71 9.40 -20.32
C PRO C 159 -23.45 8.79 -20.97
N GLU C 160 -22.97 9.41 -22.05
CA GLU C 160 -21.69 9.07 -22.75
C GLU C 160 -20.55 9.19 -21.72
N ALA C 161 -20.47 10.33 -21.03
CA ALA C 161 -19.43 10.64 -20.02
C ALA C 161 -19.54 9.62 -18.87
N ILE C 162 -20.75 9.33 -18.39
CA ILE C 162 -20.97 8.44 -17.22
C ILE C 162 -20.52 7.01 -17.59
N ASP C 163 -20.67 6.62 -18.87
CA ASP C 163 -20.31 5.26 -19.36
C ASP C 163 -18.79 5.18 -19.44
N LEU C 164 -18.13 6.27 -19.87
CA LEU C 164 -16.65 6.38 -19.87
C LEU C 164 -16.15 6.21 -18.42
N THR C 165 -16.75 6.88 -17.44
CA THR C 165 -16.34 6.77 -16.01
C THR C 165 -16.46 5.28 -15.62
N ILE C 166 -17.50 4.59 -16.08
CA ILE C 166 -17.77 3.20 -15.62
C ILE C 166 -16.73 2.25 -16.21
N VAL C 167 -16.38 2.36 -17.49
CA VAL C 167 -15.32 1.48 -18.05
C VAL C 167 -13.96 1.84 -17.42
N ARG C 168 -13.63 3.13 -17.20
CA ARG C 168 -12.32 3.55 -16.60
C ARG C 168 -12.17 2.87 -15.25
N LEU C 169 -13.21 2.89 -14.42
CA LEU C 169 -13.09 2.31 -13.06
C LEU C 169 -13.07 0.77 -13.09
N MET C 170 -13.99 0.10 -13.78
CA MET C 170 -13.93 -1.39 -13.98
C MET C 170 -12.50 -1.72 -14.47
N ALA C 171 -11.98 -0.98 -15.46
CA ALA C 171 -10.64 -1.23 -16.02
C ALA C 171 -9.56 -1.08 -14.95
N LYS C 172 -9.49 0.11 -14.31
CA LYS C 172 -8.30 0.56 -13.56
C LYS C 172 -8.35 -0.13 -12.21
N MET C 173 -9.53 -0.56 -11.76
CA MET C 173 -9.56 -1.24 -10.44
C MET C 173 -8.68 -2.51 -10.51
N SER C 174 -8.70 -3.24 -11.62
CA SER C 174 -7.93 -4.52 -11.73
C SER C 174 -6.44 -4.18 -11.74
N THR C 175 -6.00 -3.23 -12.57
CA THR C 175 -4.59 -2.75 -12.58
C THR C 175 -4.12 -2.38 -11.16
N ILE C 176 -4.89 -1.52 -10.50
CA ILE C 176 -4.44 -0.95 -9.20
C ILE C 176 -4.47 -2.07 -8.17
N ALA C 177 -5.40 -3.01 -8.27
CA ALA C 177 -5.43 -4.14 -7.30
C ALA C 177 -4.15 -4.94 -7.51
N ALA C 178 -3.71 -5.10 -8.75
CA ALA C 178 -2.50 -5.91 -9.01
C ALA C 178 -1.28 -5.15 -8.46
N TRP C 179 -1.28 -3.81 -8.55
CA TRP C 179 -0.19 -2.95 -7.98
C TRP C 179 -0.07 -3.19 -6.48
N THR C 180 -1.21 -3.32 -5.79
CA THR C 180 -1.19 -3.42 -4.32
C THR C 180 -0.45 -4.72 -3.95
N TYR C 181 -0.62 -5.79 -4.73
CA TYR C 181 0.12 -7.05 -4.52
C TYR C 181 1.63 -6.90 -4.86
N LYS C 182 1.95 -6.41 -6.05
CA LYS C 182 3.37 -6.17 -6.43
C LYS C 182 4.09 -5.35 -5.36
N ASN C 183 3.49 -4.27 -4.87
CA ASN C 183 4.11 -3.40 -3.83
C ASN C 183 4.59 -4.25 -2.65
N SER C 184 3.74 -5.17 -2.18
CA SER C 184 3.99 -5.99 -0.97
C SER C 184 5.14 -6.98 -1.17
N VAL C 185 5.44 -7.42 -2.40
CA VAL C 185 6.57 -8.37 -2.64
C VAL C 185 7.72 -7.68 -3.36
N GLY C 186 7.65 -6.39 -3.65
CA GLY C 186 8.84 -5.71 -4.17
C GLY C 186 9.06 -5.96 -5.64
N HIS C 187 8.07 -6.47 -6.36
CA HIS C 187 8.17 -6.84 -7.79
C HIS C 187 7.83 -5.63 -8.64
N PRO C 188 8.40 -5.53 -9.85
CA PRO C 188 8.05 -4.46 -10.79
C PRO C 188 6.61 -4.63 -11.26
N LEU C 189 5.99 -3.50 -11.61
CA LEU C 189 4.58 -3.46 -12.06
C LEU C 189 4.55 -4.03 -13.47
N ASN C 190 3.53 -4.80 -13.82
CA ASN C 190 3.28 -5.18 -15.23
C ASN C 190 2.36 -4.16 -15.84
N TYR C 191 2.66 -3.73 -17.06
CA TYR C 191 1.71 -3.05 -17.98
C TYR C 191 0.60 -4.04 -18.31
N PRO C 192 -0.68 -3.65 -18.29
CA PRO C 192 -1.74 -4.54 -18.77
C PRO C 192 -1.49 -4.86 -20.26
N ARG C 193 -2.04 -6.01 -20.67
CA ARG C 193 -1.84 -6.53 -22.04
C ARG C 193 -3.09 -6.23 -22.86
N ASN C 194 -2.96 -6.08 -24.19
CA ASN C 194 -4.07 -5.78 -25.12
C ASN C 194 -4.78 -7.07 -25.60
N ASP C 195 -4.26 -8.26 -25.29
CA ASP C 195 -4.65 -9.53 -25.97
C ASP C 195 -5.10 -10.55 -24.92
N LEU C 196 -5.41 -10.12 -23.70
CA LEU C 196 -6.03 -10.99 -22.68
C LEU C 196 -7.39 -10.40 -22.32
N ASP C 197 -8.31 -11.27 -21.90
CA ASP C 197 -9.61 -10.88 -21.34
C ASP C 197 -9.41 -10.54 -19.85
N TYR C 198 -10.46 -9.94 -19.28
CA TYR C 198 -10.48 -9.17 -18.01
C TYR C 198 -9.77 -9.95 -16.92
N CYS C 199 -10.25 -11.15 -16.64
CA CYS C 199 -9.74 -11.99 -15.52
C CYS C 199 -8.34 -12.49 -15.86
N ALA C 200 -8.07 -12.86 -17.09
CA ALA C 200 -6.72 -13.36 -17.46
C ALA C 200 -5.69 -12.23 -17.32
N ASN C 201 -6.04 -11.03 -17.79
CA ASN C 201 -5.17 -9.84 -17.68
C ASN C 201 -4.88 -9.56 -16.21
N PHE C 202 -5.87 -9.78 -15.33
CA PHE C 202 -5.70 -9.52 -13.88
C PHE C 202 -4.64 -10.49 -13.36
N LEU C 203 -4.76 -11.78 -13.71
CA LEU C 203 -3.85 -12.84 -13.23
C LEU C 203 -2.43 -12.60 -13.75
N TYR C 204 -2.28 -12.29 -15.03
CA TYR C 204 -1.00 -11.85 -15.59
C TYR C 204 -0.44 -10.69 -14.74
N MET C 205 -1.22 -9.62 -14.56
CA MET C 205 -0.71 -8.35 -13.97
C MET C 205 -0.27 -8.64 -12.55
N MET C 206 -0.96 -9.58 -11.92
CA MET C 206 -0.70 -9.95 -10.54
C MET C 206 0.52 -10.89 -10.44
N PHE C 207 0.58 -11.96 -11.26
CA PHE C 207 1.46 -13.12 -10.96
C PHE C 207 2.68 -13.24 -11.90
N SER C 208 2.60 -12.74 -13.11
CA SER C 208 3.75 -12.77 -14.03
C SER C 208 4.88 -11.92 -13.47
N PHE C 209 6.12 -12.41 -13.48
CA PHE C 209 7.30 -11.64 -13.03
C PHE C 209 8.47 -12.16 -13.83
N PRO C 210 9.44 -11.27 -14.20
CA PRO C 210 10.42 -11.57 -15.25
C PRO C 210 11.18 -12.92 -15.17
N THR C 211 11.35 -13.47 -13.96
CA THR C 211 12.29 -14.59 -13.67
C THR C 211 11.56 -15.95 -13.58
N GLU C 212 10.25 -15.99 -13.76
CA GLU C 212 9.44 -17.25 -13.71
C GLU C 212 8.39 -17.18 -14.81
N LYS C 213 8.33 -18.21 -15.65
CA LYS C 213 7.29 -18.34 -16.70
C LYS C 213 5.92 -18.29 -16.01
N TYR C 214 5.03 -17.37 -16.40
CA TYR C 214 3.58 -17.36 -16.04
C TYR C 214 2.76 -17.88 -17.22
N GLU C 215 2.14 -19.06 -17.06
CA GLU C 215 1.19 -19.60 -18.08
C GLU C 215 -0.23 -19.34 -17.59
N ILE C 216 -1.10 -18.86 -18.48
CA ILE C 216 -2.51 -18.56 -18.15
C ILE C 216 -3.30 -19.87 -18.25
N ASN C 217 -3.56 -20.45 -17.08
CA ASN C 217 -4.33 -21.69 -16.92
C ASN C 217 -5.83 -21.39 -17.04
N PRO C 218 -6.49 -21.85 -18.13
CA PRO C 218 -7.93 -21.64 -18.30
C PRO C 218 -8.84 -22.10 -17.14
N VAL C 219 -8.45 -23.11 -16.37
CA VAL C 219 -9.22 -23.57 -15.18
C VAL C 219 -9.19 -22.49 -14.11
N ILE C 220 -8.06 -21.77 -13.99
CA ILE C 220 -7.87 -20.71 -12.95
C ILE C 220 -8.70 -19.52 -13.41
N VAL C 221 -8.61 -19.17 -14.70
CA VAL C 221 -9.42 -18.11 -15.36
C VAL C 221 -10.91 -18.40 -15.08
N SER C 222 -11.38 -19.61 -15.36
CA SER C 222 -12.81 -20.00 -15.19
C SER C 222 -13.15 -19.85 -13.71
N ALA C 223 -12.30 -20.31 -12.82
CA ALA C 223 -12.58 -20.22 -11.38
C ALA C 223 -12.67 -18.73 -10.96
N LEU C 224 -11.75 -17.88 -11.41
CA LEU C 224 -11.74 -16.44 -10.98
C LEU C 224 -13.04 -15.80 -11.45
N ASN C 225 -13.44 -16.04 -12.72
CA ASN C 225 -14.67 -15.48 -13.34
C ASN C 225 -15.86 -15.83 -12.43
N LYS C 226 -15.94 -17.06 -11.94
CA LYS C 226 -17.04 -17.47 -11.01
C LYS C 226 -16.89 -16.77 -9.65
N LEU C 227 -15.68 -16.64 -9.10
CA LEU C 227 -15.45 -15.96 -7.78
C LEU C 227 -16.09 -14.55 -7.82
N LEU C 228 -15.70 -13.79 -8.86
CA LEU C 228 -15.99 -12.36 -9.05
C LEU C 228 -17.48 -12.21 -9.33
N ILE C 229 -18.03 -13.00 -10.24
CA ILE C 229 -19.50 -13.13 -10.47
C ILE C 229 -20.22 -13.29 -9.13
N LEU C 230 -19.79 -14.22 -8.30
CA LEU C 230 -20.44 -14.56 -7.02
C LEU C 230 -20.32 -13.41 -6.01
N HIS C 231 -19.34 -12.50 -6.17
CA HIS C 231 -19.16 -11.34 -5.26
C HIS C 231 -19.71 -10.05 -5.90
N ALA C 232 -20.26 -10.12 -7.12
CA ALA C 232 -20.51 -8.95 -7.98
C ALA C 232 -21.50 -8.00 -7.32
N ASP C 233 -22.52 -8.51 -6.62
CA ASP C 233 -23.54 -7.66 -5.93
C ASP C 233 -24.23 -8.46 -4.85
N HIS C 234 -24.69 -7.76 -3.81
CA HIS C 234 -25.39 -8.40 -2.70
C HIS C 234 -26.41 -7.42 -2.13
N GLU C 235 -27.12 -6.71 -3.01
CA GLU C 235 -28.31 -5.95 -2.60
C GLU C 235 -27.78 -4.75 -1.78
N GLN C 236 -28.53 -4.32 -0.77
CA GLN C 236 -28.13 -3.29 0.20
C GLN C 236 -27.39 -3.98 1.35
N ASN C 237 -26.29 -3.35 1.71
CA ASN C 237 -25.38 -3.72 2.81
C ASN C 237 -24.56 -2.44 3.07
N CYS C 238 -23.72 -2.45 4.10
CA CYS C 238 -23.02 -1.24 4.60
C CYS C 238 -22.32 -0.53 3.44
N SER C 239 -21.51 -1.26 2.67
CA SER C 239 -20.61 -0.67 1.64
C SER C 239 -21.43 -0.16 0.47
N THR C 240 -22.44 -0.91 0.06
CA THR C 240 -23.28 -0.53 -1.11
C THR C 240 -24.08 0.72 -0.74
N SER C 241 -24.59 0.79 0.49
CA SER C 241 -25.36 1.93 1.07
C SER C 241 -24.44 3.14 1.16
N THR C 242 -23.19 2.95 1.59
CA THR C 242 -22.14 4.00 1.57
C THR C 242 -22.04 4.56 0.15
N VAL C 243 -21.88 3.70 -0.85
CA VAL C 243 -21.67 4.15 -2.26
C VAL C 243 -22.88 4.98 -2.71
N ARG C 244 -24.09 4.57 -2.32
CA ARG C 244 -25.35 5.26 -2.72
C ARG C 244 -25.43 6.61 -1.98
N LEU C 245 -25.17 6.63 -0.68
CA LEU C 245 -25.19 7.82 0.20
C LEU C 245 -24.16 8.84 -0.30
N VAL C 246 -22.91 8.47 -0.50
CA VAL C 246 -21.91 9.46 -1.00
C VAL C 246 -22.35 9.92 -2.39
N GLY C 247 -22.85 8.98 -3.20
CA GLY C 247 -23.32 9.30 -4.57
C GLY C 247 -24.46 10.31 -4.56
N SER C 248 -25.39 10.18 -3.62
CA SER C 248 -26.58 11.06 -3.52
C SER C 248 -26.18 12.54 -3.31
N ALA C 249 -24.94 12.81 -2.90
CA ALA C 249 -24.43 14.19 -2.72
C ALA C 249 -23.83 14.69 -4.03
N ASN C 250 -23.88 13.89 -5.09
CA ASN C 250 -23.23 14.16 -6.41
C ASN C 250 -21.70 14.10 -6.34
N ALA C 251 -21.16 13.31 -5.43
CA ALA C 251 -19.74 12.87 -5.47
C ALA C 251 -19.53 12.12 -6.77
N SER C 252 -18.30 12.14 -7.27
CA SER C 252 -17.83 11.25 -8.36
C SER C 252 -18.15 9.79 -8.01
N LEU C 253 -18.29 8.96 -9.03
CA LEU C 253 -18.28 7.49 -8.88
C LEU C 253 -17.01 7.05 -8.13
N TYR C 254 -15.83 7.61 -8.48
CA TYR C 254 -14.54 7.25 -7.84
C TYR C 254 -14.58 7.53 -6.35
N GLY C 255 -15.07 8.71 -5.98
CA GLY C 255 -15.19 9.12 -4.56
C GLY C 255 -16.16 8.21 -3.82
N SER C 256 -17.27 7.83 -4.45
CA SER C 256 -18.33 7.00 -3.83
C SER C 256 -17.81 5.58 -3.63
N VAL C 257 -17.10 5.04 -4.64
CA VAL C 257 -16.41 3.70 -4.52
C VAL C 257 -15.29 3.75 -3.46
N SER C 258 -14.49 4.83 -3.41
CA SER C 258 -13.43 4.96 -2.37
C SER C 258 -14.07 4.77 -0.98
N ALA C 259 -15.19 5.45 -0.75
CA ALA C 259 -15.93 5.39 0.52
C ALA C 259 -16.45 3.96 0.74
N GLY C 260 -16.95 3.32 -0.30
CA GLY C 260 -17.41 1.92 -0.20
C GLY C 260 -16.28 0.99 0.17
N ILE C 261 -15.10 1.22 -0.40
CA ILE C 261 -13.90 0.40 -0.06
C ILE C 261 -13.58 0.53 1.43
N ASN C 262 -13.58 1.75 1.99
CA ASN C 262 -13.30 1.97 3.43
C ASN C 262 -14.37 1.29 4.29
N ALA C 263 -15.62 1.30 3.88
CA ALA C 263 -16.71 0.54 4.55
C ALA C 263 -16.42 -0.96 4.49
N LEU C 264 -16.08 -1.48 3.30
CA LEU C 264 -15.71 -2.90 3.09
C LEU C 264 -14.54 -3.26 4.00
N TRP C 265 -13.57 -2.37 4.17
CA TRP C 265 -12.40 -2.66 5.05
C TRP C 265 -12.83 -2.89 6.49
N GLY C 266 -13.96 -2.34 6.94
CA GLY C 266 -14.39 -2.52 8.34
C GLY C 266 -14.57 -4.01 8.67
N PRO C 267 -13.97 -4.53 9.76
CA PRO C 267 -14.10 -5.93 10.15
C PRO C 267 -15.49 -6.44 10.53
N LEU C 268 -16.50 -5.56 10.68
CA LEU C 268 -17.92 -5.92 11.00
C LEU C 268 -18.73 -6.09 9.70
N HIS C 269 -18.19 -5.70 8.55
CA HIS C 269 -18.97 -5.66 7.29
C HIS C 269 -19.63 -7.02 7.00
N GLY C 270 -18.89 -8.13 7.20
CA GLY C 270 -19.29 -9.50 6.80
C GLY C 270 -18.76 -9.75 5.41
N GLY C 271 -18.44 -11.00 5.07
CA GLY C 271 -17.79 -11.33 3.79
C GLY C 271 -16.32 -10.98 3.85
N ALA C 272 -15.94 -9.71 3.66
CA ALA C 272 -14.56 -9.19 3.85
C ALA C 272 -14.04 -9.60 5.23
N ASN C 273 -13.34 -10.75 5.29
CA ASN C 273 -12.78 -11.38 6.52
C ASN C 273 -11.47 -12.12 6.16
N GLN C 274 -10.37 -11.37 5.97
CA GLN C 274 -9.00 -11.89 5.64
C GLN C 274 -8.54 -12.90 6.72
N GLU C 275 -9.34 -13.10 7.77
CA GLU C 275 -9.13 -14.18 8.77
C GLU C 275 -9.27 -15.57 8.11
N VAL C 276 -9.89 -15.72 6.93
CA VAL C 276 -10.04 -17.06 6.26
C VAL C 276 -8.67 -17.57 5.82
N ILE C 277 -7.89 -16.75 5.14
CA ILE C 277 -6.52 -17.15 4.70
C ILE C 277 -5.63 -17.23 5.95
N GLU C 278 -5.81 -16.34 6.93
CA GLU C 278 -5.04 -16.35 8.21
C GLU C 278 -5.20 -17.69 8.93
N MET C 279 -6.44 -18.20 9.00
CA MET C 279 -6.85 -19.53 9.53
C MET C 279 -5.98 -20.64 8.93
N LEU C 280 -6.05 -20.81 7.61
CA LEU C 280 -5.32 -21.85 6.82
C LEU C 280 -3.80 -21.78 7.07
N GLU C 281 -3.23 -20.58 7.21
CA GLU C 281 -1.79 -20.36 7.42
C GLU C 281 -1.40 -20.72 8.86
N ALA C 282 -2.14 -20.20 9.84
CA ALA C 282 -1.90 -20.47 11.28
C ALA C 282 -1.92 -21.99 11.54
N ILE C 283 -2.77 -22.74 10.82
CA ILE C 283 -2.90 -24.22 10.94
C ILE C 283 -1.67 -24.88 10.29
N GLU C 284 -1.34 -24.55 9.03
CA GLU C 284 -0.13 -25.10 8.33
C GLU C 284 1.11 -24.96 9.22
N LYS C 285 1.36 -23.77 9.79
CA LYS C 285 2.55 -23.47 10.64
C LYS C 285 2.54 -24.34 11.91
N ASP C 286 1.36 -24.62 12.50
CA ASP C 286 1.18 -25.47 13.71
C ASP C 286 1.07 -26.95 13.30
N GLY C 287 1.88 -27.38 12.33
CA GLY C 287 2.02 -28.80 11.92
C GLY C 287 0.78 -29.32 11.20
N GLY C 288 -0.15 -28.44 10.83
CA GLY C 288 -1.27 -28.77 9.94
C GLY C 288 -2.42 -29.49 10.64
N ASP C 289 -2.48 -29.45 11.98
CA ASP C 289 -3.55 -30.11 12.76
C ASP C 289 -4.70 -29.11 13.00
N THR C 290 -5.77 -29.26 12.21
CA THR C 290 -7.06 -28.51 12.31
C THR C 290 -7.65 -28.63 13.71
N SER C 291 -7.88 -29.88 14.15
CA SER C 291 -8.56 -30.28 15.41
C SER C 291 -7.66 -29.93 16.60
N LYS C 292 -7.43 -28.63 16.77
CA LYS C 292 -6.69 -27.98 17.87
C LYS C 292 -6.98 -26.48 17.77
N PHE C 293 -6.75 -25.92 16.57
CA PHE C 293 -7.19 -24.55 16.17
C PHE C 293 -8.72 -24.49 16.28
N ILE C 294 -9.44 -25.47 15.70
CA ILE C 294 -10.93 -25.60 15.81
C ILE C 294 -11.30 -25.68 17.29
N ALA C 295 -10.73 -26.66 17.99
CA ALA C 295 -10.97 -26.96 19.42
C ALA C 295 -10.77 -25.68 20.24
N GLN C 296 -9.69 -24.95 19.97
CA GLN C 296 -9.22 -23.76 20.74
C GLN C 296 -9.92 -22.49 20.26
N ALA C 297 -10.47 -22.49 19.04
CA ALA C 297 -11.24 -21.35 18.47
C ALA C 297 -12.71 -21.46 18.87
N LYS C 298 -12.99 -22.10 20.01
CA LYS C 298 -14.33 -22.19 20.67
C LYS C 298 -14.16 -21.63 22.09
N ASP C 299 -13.26 -22.28 22.84
CA ASP C 299 -12.71 -21.86 24.17
C ASP C 299 -11.66 -20.77 23.95
N GLY C 303 -14.35 -15.92 17.42
CA GLY C 303 -14.51 -15.59 15.99
C GLY C 303 -15.49 -16.53 15.30
N PHE C 304 -15.18 -16.91 14.06
CA PHE C 304 -15.84 -17.96 13.22
C PHE C 304 -16.54 -17.30 12.02
N ARG C 305 -17.34 -16.25 12.25
CA ARG C 305 -17.97 -15.41 11.19
C ARG C 305 -16.83 -14.74 10.40
N LEU C 306 -15.72 -14.42 11.07
CA LEU C 306 -14.51 -13.81 10.46
C LEU C 306 -13.72 -14.83 9.63
N MET C 307 -13.98 -16.14 9.77
CA MET C 307 -13.12 -17.22 9.19
C MET C 307 -13.87 -18.06 8.14
N GLY C 308 -15.00 -17.58 7.59
CA GLY C 308 -15.73 -18.21 6.47
C GLY C 308 -16.89 -19.10 6.91
N PHE C 309 -17.26 -19.05 8.19
CA PHE C 309 -18.33 -19.89 8.80
C PHE C 309 -19.54 -19.02 9.11
N GLY C 310 -20.72 -19.47 8.65
CA GLY C 310 -22.02 -18.82 8.91
C GLY C 310 -22.23 -17.63 8.01
N HIS C 311 -23.40 -16.99 8.12
CA HIS C 311 -23.72 -15.74 7.39
C HIS C 311 -24.87 -15.00 8.09
N ARG C 312 -24.88 -13.67 7.94
CA ARG C 312 -25.84 -12.77 8.61
C ARG C 312 -27.23 -12.91 7.96
N VAL C 313 -27.30 -12.92 6.62
CA VAL C 313 -28.57 -12.88 5.84
C VAL C 313 -29.07 -14.30 5.63
N TYR C 314 -28.23 -15.14 4.99
CA TYR C 314 -28.62 -16.50 4.55
C TYR C 314 -28.79 -17.39 5.77
N LYS C 315 -29.97 -18.01 5.91
CA LYS C 315 -30.19 -19.07 6.93
C LYS C 315 -29.97 -20.43 6.25
N ASN C 316 -29.43 -21.39 6.98
CA ASN C 316 -29.26 -22.80 6.49
C ASN C 316 -28.02 -22.94 5.61
N PHE C 317 -27.95 -22.23 4.46
CA PHE C 317 -26.85 -22.35 3.46
C PHE C 317 -26.70 -21.08 2.62
N ASP C 318 -25.47 -20.77 2.23
CA ASP C 318 -25.13 -19.68 1.28
C ASP C 318 -25.24 -20.21 -0.14
N PRO C 319 -26.19 -19.74 -0.97
CA PRO C 319 -26.37 -20.30 -2.31
C PRO C 319 -25.21 -20.11 -3.28
N ARG C 320 -24.24 -19.28 -2.89
CA ARG C 320 -23.03 -19.00 -3.71
C ARG C 320 -21.98 -20.06 -3.37
N ALA C 321 -22.10 -20.68 -2.19
CA ALA C 321 -21.07 -21.50 -1.52
C ALA C 321 -20.84 -22.79 -2.30
N LYS C 322 -21.92 -23.40 -2.76
CA LYS C 322 -21.87 -24.80 -3.27
C LYS C 322 -21.33 -24.72 -4.71
N ILE C 323 -21.42 -23.57 -5.36
CA ILE C 323 -20.87 -23.35 -6.74
C ILE C 323 -19.35 -23.14 -6.68
N ILE C 324 -18.90 -22.30 -5.75
CA ILE C 324 -17.45 -22.00 -5.58
C ILE C 324 -16.76 -23.24 -4.95
N LYS C 325 -17.51 -24.11 -4.27
CA LYS C 325 -16.97 -25.40 -3.74
C LYS C 325 -16.40 -26.20 -4.92
N VAL C 326 -17.19 -26.35 -5.99
CA VAL C 326 -16.81 -27.02 -7.25
C VAL C 326 -15.48 -26.42 -7.74
N ALA C 327 -15.49 -25.13 -8.11
CA ALA C 327 -14.32 -24.39 -8.63
C ALA C 327 -13.09 -24.59 -7.72
N ALA C 328 -13.30 -24.65 -6.40
CA ALA C 328 -12.22 -24.79 -5.39
C ALA C 328 -11.53 -26.15 -5.54
N ASP C 329 -12.32 -27.17 -5.88
CA ASP C 329 -11.83 -28.53 -6.17
C ASP C 329 -11.07 -28.54 -7.48
N GLU C 330 -11.64 -27.97 -8.53
CA GLU C 330 -10.98 -27.93 -9.84
C GLU C 330 -9.68 -27.13 -9.73
N VAL C 331 -9.67 -26.08 -8.91
CA VAL C 331 -8.43 -25.28 -8.80
C VAL C 331 -7.35 -26.11 -8.12
N LEU C 332 -7.68 -26.81 -7.03
CA LEU C 332 -6.68 -27.63 -6.32
C LEU C 332 -6.12 -28.72 -7.25
N GLN C 333 -7.00 -29.33 -8.05
CA GLN C 333 -6.54 -30.39 -8.96
C GLN C 333 -5.84 -29.80 -10.18
N ALA C 334 -6.09 -28.54 -10.54
CA ALA C 334 -5.41 -27.99 -11.74
C ALA C 334 -3.97 -27.60 -11.39
N LEU C 335 -3.70 -27.39 -10.10
CA LEU C 335 -2.33 -27.22 -9.58
C LEU C 335 -1.88 -28.59 -9.04
N GLY C 336 -0.77 -28.71 -8.32
CA GLY C 336 -0.42 -30.08 -7.87
C GLY C 336 -0.82 -30.31 -6.43
N MET C 337 -2.03 -29.88 -6.07
CA MET C 337 -2.37 -29.85 -4.62
C MET C 337 -3.41 -30.88 -4.20
N GLN C 338 -3.65 -31.92 -4.99
CA GLN C 338 -4.64 -32.97 -4.59
C GLN C 338 -4.30 -33.50 -3.20
N ASN C 339 -3.03 -33.83 -2.93
CA ASN C 339 -2.69 -34.29 -1.57
C ASN C 339 -1.78 -33.25 -0.91
N SER C 340 -2.23 -32.00 -0.83
CA SER C 340 -1.44 -30.92 -0.18
C SER C 340 -2.01 -30.65 1.21
N PRO C 341 -1.29 -29.95 2.10
CA PRO C 341 -1.81 -29.60 3.41
C PRO C 341 -3.07 -28.73 3.31
N LEU C 342 -3.10 -27.83 2.33
CA LEU C 342 -4.26 -26.93 2.12
C LEU C 342 -5.53 -27.76 2.01
N LEU C 343 -5.61 -28.65 1.02
CA LEU C 343 -6.82 -29.48 0.80
C LEU C 343 -7.12 -30.30 2.06
N LYS C 344 -6.10 -30.85 2.68
CA LYS C 344 -6.27 -31.65 3.92
C LYS C 344 -6.91 -30.75 4.99
N ILE C 345 -6.25 -29.64 5.32
CA ILE C 345 -6.70 -28.66 6.35
C ILE C 345 -8.11 -28.20 5.97
N ALA C 346 -8.34 -27.87 4.71
CA ALA C 346 -9.64 -27.42 4.16
C ALA C 346 -10.73 -28.45 4.47
N THR C 347 -10.50 -29.73 4.18
CA THR C 347 -11.57 -30.78 4.29
C THR C 347 -11.91 -31.02 5.77
N GLU C 348 -10.93 -31.02 6.67
CA GLU C 348 -11.13 -31.16 8.14
C GLU C 348 -12.04 -30.03 8.65
N LEU C 349 -11.67 -28.76 8.40
CA LEU C 349 -12.46 -27.56 8.79
C LEU C 349 -13.90 -27.69 8.29
N GLU C 350 -14.07 -27.99 7.00
CA GLU C 350 -15.35 -28.02 6.27
C GLU C 350 -16.29 -29.09 6.82
N GLN C 351 -15.72 -30.18 7.35
CA GLN C 351 -16.48 -31.38 7.75
C GLN C 351 -16.61 -31.36 9.29
N ALA C 352 -15.93 -30.42 9.96
CA ALA C 352 -16.33 -29.91 11.28
C ALA C 352 -17.60 -29.06 11.09
N ALA C 353 -17.51 -28.02 10.26
CA ALA C 353 -18.68 -27.20 9.84
C ALA C 353 -19.87 -28.10 9.50
N LEU C 354 -19.75 -28.99 8.50
CA LEU C 354 -20.92 -29.66 7.85
C LEU C 354 -21.41 -30.88 8.64
N THR C 355 -20.78 -31.23 9.77
CA THR C 355 -21.14 -32.48 10.54
C THR C 355 -21.00 -32.30 12.05
N ASP C 356 -20.02 -31.54 12.56
CA ASP C 356 -19.94 -31.24 14.02
C ASP C 356 -21.20 -30.42 14.35
N GLN C 357 -21.97 -30.86 15.36
CA GLN C 357 -23.31 -30.31 15.71
C GLN C 357 -23.14 -28.85 16.16
N TYR C 358 -22.16 -28.58 17.04
CA TYR C 358 -21.76 -27.22 17.51
C TYR C 358 -21.84 -26.24 16.34
N PHE C 359 -21.38 -26.67 15.16
CA PHE C 359 -21.41 -25.91 13.89
C PHE C 359 -22.82 -25.96 13.28
N ILE C 360 -23.50 -27.11 13.31
CA ILE C 360 -24.88 -27.26 12.76
C ILE C 360 -25.85 -26.45 13.65
N ASP C 361 -25.58 -26.39 14.96
CA ASP C 361 -26.36 -25.64 15.99
C ASP C 361 -26.39 -24.16 15.60
N ARG C 362 -25.22 -23.49 15.62
CA ARG C 362 -25.08 -22.02 15.46
C ARG C 362 -25.07 -21.61 13.98
N LYS C 363 -25.55 -22.48 13.08
CA LYS C 363 -25.65 -22.26 11.62
C LYS C 363 -24.31 -21.76 11.03
N LEU C 364 -23.17 -22.21 11.54
CA LEU C 364 -21.81 -21.89 11.01
C LEU C 364 -21.45 -22.85 9.85
N TYR C 365 -22.26 -22.86 8.79
CA TYR C 365 -21.99 -23.52 7.49
C TYR C 365 -20.91 -22.72 6.74
N PRO C 366 -20.10 -23.37 5.87
CA PRO C 366 -19.06 -22.65 5.12
C PRO C 366 -19.77 -21.69 4.15
N ASN C 367 -19.37 -20.41 4.16
CA ASN C 367 -19.98 -19.42 3.22
C ASN C 367 -19.11 -19.39 1.97
N VAL C 368 -19.49 -18.58 0.99
CA VAL C 368 -18.78 -18.42 -0.31
C VAL C 368 -17.32 -18.02 -0.05
N ASP C 369 -17.00 -17.38 1.08
CA ASP C 369 -15.64 -16.83 1.33
C ASP C 369 -14.71 -17.90 1.92
N PHE C 370 -15.26 -18.89 2.62
CA PHE C 370 -14.48 -20.04 3.12
C PHE C 370 -13.78 -20.68 1.91
N TYR C 371 -14.55 -20.94 0.88
CA TYR C 371 -14.09 -21.53 -0.41
C TYR C 371 -13.27 -20.51 -1.20
N SER C 372 -13.67 -19.24 -1.21
CA SER C 372 -12.94 -18.15 -1.93
C SER C 372 -11.52 -18.04 -1.36
N GLY C 373 -11.42 -18.09 -0.03
CA GLY C 373 -10.16 -17.98 0.73
C GLY C 373 -9.24 -19.14 0.43
N ILE C 374 -9.83 -20.31 0.14
CA ILE C 374 -9.08 -21.54 -0.26
C ILE C 374 -8.51 -21.34 -1.66
N ILE C 375 -9.34 -20.95 -2.64
CA ILE C 375 -8.86 -20.66 -4.02
C ILE C 375 -7.74 -19.61 -3.95
N TYR C 376 -7.94 -18.54 -3.17
CA TYR C 376 -6.99 -17.42 -3.04
C TYR C 376 -5.68 -17.94 -2.44
N LYS C 377 -5.75 -18.70 -1.34
CA LYS C 377 -4.55 -19.31 -0.72
C LYS C 377 -3.89 -20.27 -1.73
N ALA C 378 -4.70 -21.01 -2.49
CA ALA C 378 -4.17 -21.93 -3.53
C ALA C 378 -3.33 -21.11 -4.53
N LEU C 379 -3.76 -19.91 -4.90
CA LEU C 379 -3.13 -19.11 -5.98
C LEU C 379 -1.93 -18.33 -5.45
N GLY C 380 -1.68 -18.38 -4.15
CA GLY C 380 -0.63 -17.58 -3.48
C GLY C 380 -1.04 -16.13 -3.32
N ILE C 381 -2.35 -15.84 -3.34
CA ILE C 381 -2.87 -14.52 -2.89
C ILE C 381 -2.72 -14.45 -1.38
N PRO C 382 -1.99 -13.45 -0.86
CA PRO C 382 -1.76 -13.38 0.57
C PRO C 382 -3.01 -12.85 1.31
N THR C 383 -3.04 -13.04 2.63
CA THR C 383 -4.17 -12.68 3.54
C THR C 383 -4.55 -11.18 3.34
N GLU C 384 -3.56 -10.29 3.23
CA GLU C 384 -3.79 -8.81 3.23
C GLU C 384 -4.41 -8.42 1.88
N MET C 385 -4.51 -9.34 0.89
CA MET C 385 -5.17 -9.08 -0.42
C MET C 385 -6.63 -9.57 -0.44
N PHE C 386 -7.10 -10.27 0.58
CA PHE C 386 -8.41 -10.97 0.52
C PHE C 386 -9.50 -9.91 0.32
N THR C 387 -9.49 -8.85 1.12
CA THR C 387 -10.53 -7.79 1.03
C THR C 387 -10.38 -7.03 -0.30
N VAL C 388 -9.17 -6.89 -0.85
CA VAL C 388 -9.00 -6.30 -2.22
C VAL C 388 -9.70 -7.18 -3.28
N MET C 389 -9.55 -8.51 -3.20
CA MET C 389 -10.20 -9.42 -4.19
C MET C 389 -11.72 -9.29 -4.03
N PHE C 390 -12.21 -9.14 -2.80
CA PHE C 390 -13.65 -8.86 -2.51
C PHE C 390 -14.06 -7.58 -3.24
N ALA C 391 -13.32 -6.47 -3.05
CA ALA C 391 -13.66 -5.15 -3.64
C ALA C 391 -13.73 -5.27 -5.14
N LEU C 392 -12.79 -6.00 -5.74
CA LEU C 392 -12.70 -6.10 -7.22
C LEU C 392 -13.94 -6.82 -7.76
N GLY C 393 -14.49 -7.80 -7.02
CA GLY C 393 -15.68 -8.54 -7.46
C GLY C 393 -16.93 -7.68 -7.31
N ARG C 394 -17.05 -7.01 -6.16
CA ARG C 394 -18.24 -6.20 -5.78
C ARG C 394 -18.29 -4.91 -6.62
N LEU C 395 -17.18 -4.50 -7.24
CA LEU C 395 -17.11 -3.18 -7.89
C LEU C 395 -18.31 -3.00 -8.82
N PRO C 396 -18.63 -3.90 -9.79
CA PRO C 396 -19.72 -3.65 -10.74
C PRO C 396 -21.08 -3.47 -10.04
N GLY C 397 -21.31 -4.17 -8.93
CA GLY C 397 -22.50 -3.94 -8.09
C GLY C 397 -22.53 -2.53 -7.54
N TRP C 398 -21.41 -2.08 -6.96
CA TRP C 398 -21.30 -0.69 -6.44
C TRP C 398 -21.69 0.25 -7.56
N ILE C 399 -21.14 0.05 -8.74
CA ILE C 399 -21.32 0.95 -9.89
C ILE C 399 -22.80 0.91 -10.31
N ALA C 400 -23.42 -0.27 -10.29
CA ALA C 400 -24.80 -0.42 -10.77
C ALA C 400 -25.71 0.30 -9.78
N GLN C 401 -25.48 0.11 -8.48
CA GLN C 401 -26.23 0.74 -7.37
C GLN C 401 -26.05 2.27 -7.43
N TRP C 402 -24.81 2.75 -7.61
CA TRP C 402 -24.57 4.20 -7.83
C TRP C 402 -25.38 4.67 -9.03
N LYS C 403 -25.26 3.99 -10.19
CA LYS C 403 -25.92 4.46 -11.43
C LYS C 403 -27.44 4.47 -11.24
N GLU C 404 -28.03 3.48 -10.58
CA GLU C 404 -29.50 3.42 -10.42
C GLU C 404 -29.94 4.64 -9.60
N MET C 405 -29.33 4.80 -8.42
CA MET C 405 -29.45 5.97 -7.51
C MET C 405 -29.43 7.26 -8.34
N ARG C 406 -28.50 7.44 -9.28
CA ARG C 406 -28.47 8.68 -10.11
C ARG C 406 -29.68 8.74 -11.05
N GLU C 407 -29.99 7.64 -11.74
CA GLU C 407 -31.01 7.64 -12.81
C GLU C 407 -32.41 7.82 -12.19
N ASN C 408 -32.64 7.27 -10.98
CA ASN C 408 -33.92 7.46 -10.23
C ASN C 408 -33.92 8.85 -9.56
N LYS C 409 -32.93 9.70 -9.87
CA LYS C 409 -32.74 11.04 -9.27
C LYS C 409 -33.13 11.00 -7.79
N GLU C 410 -32.65 10.01 -7.03
CA GLU C 410 -32.85 9.94 -5.56
C GLU C 410 -32.34 11.25 -4.95
N PRO C 411 -32.97 11.78 -3.89
CA PRO C 411 -32.47 13.01 -3.28
C PRO C 411 -31.30 12.67 -2.35
N ILE C 412 -30.51 13.67 -1.95
CA ILE C 412 -29.37 13.48 -0.99
C ILE C 412 -29.90 12.76 0.22
N GLY C 413 -29.17 11.75 0.67
CA GLY C 413 -29.39 11.09 1.97
C GLY C 413 -29.06 12.05 3.08
N ARG C 414 -30.10 12.57 3.76
CA ARG C 414 -29.95 13.52 4.89
C ARG C 414 -30.94 13.17 5.98
N PRO C 415 -30.63 12.19 6.85
CA PRO C 415 -31.61 11.75 7.83
C PRO C 415 -31.74 12.76 8.97
N ARG C 416 -32.59 12.39 9.92
CA ARG C 416 -32.87 13.21 11.12
C ARG C 416 -32.33 12.45 12.32
N GLN C 417 -32.37 13.10 13.48
CA GLN C 417 -32.06 12.52 14.81
C GLN C 417 -33.16 12.85 15.83
N ILE C 418 -33.06 12.26 16.99
CA ILE C 418 -33.66 12.80 18.23
C ILE C 418 -32.51 13.26 19.12
N TYR C 419 -32.46 14.55 19.47
CA TYR C 419 -31.44 15.12 20.36
C TYR C 419 -31.74 14.63 21.77
N VAL C 420 -30.76 14.12 22.50
CA VAL C 420 -30.94 13.65 23.90
C VAL C 420 -29.85 14.33 24.74
N GLY C 421 -29.27 15.43 24.27
CA GLY C 421 -28.20 16.16 24.98
C GLY C 421 -28.73 17.20 25.93
N GLU C 422 -27.82 18.06 26.43
CA GLU C 422 -28.05 19.25 27.27
C GLU C 422 -28.97 20.27 26.56
N THR C 423 -29.95 20.76 27.31
CA THR C 423 -30.78 21.93 26.95
C THR C 423 -29.94 23.20 27.08
N GLU C 424 -30.52 24.32 26.66
CA GLU C 424 -29.82 25.61 26.46
C GLU C 424 -29.09 26.01 27.74
N ARG C 425 -27.83 26.38 27.61
CA ARG C 425 -27.01 26.89 28.72
C ARG C 425 -26.03 27.88 28.11
N ASN C 426 -25.64 28.88 28.88
CA ASN C 426 -24.80 30.00 28.39
C ASN C 426 -23.35 29.58 28.37
N TYR C 427 -22.62 30.04 27.37
CA TYR C 427 -21.15 29.92 27.35
C TYR C 427 -20.56 30.42 28.68
N VAL C 428 -19.66 29.66 29.29
CA VAL C 428 -18.89 30.07 30.49
C VAL C 428 -17.50 30.44 29.99
N PRO C 429 -17.09 31.72 29.99
CA PRO C 429 -15.70 32.06 29.62
C PRO C 429 -14.70 31.34 30.55
N MET C 430 -13.50 31.08 30.04
CA MET C 430 -12.51 30.15 30.65
C MET C 430 -12.20 30.56 32.10
N THR C 431 -11.88 31.84 32.36
CA THR C 431 -11.66 32.38 33.73
C THR C 431 -12.70 31.80 34.71
N GLU C 432 -13.99 31.99 34.43
CA GLU C 432 -15.07 31.72 35.41
C GLU C 432 -15.38 30.22 35.53
N ARG C 433 -14.53 29.30 35.07
CA ARG C 433 -14.86 27.84 35.06
C ARG C 433 -14.21 27.17 36.27
N LYS C 434 -12.96 26.68 36.09
CA LYS C 434 -12.12 25.96 37.08
C LYS C 434 -10.79 25.62 36.40
#